data_9IBZ
#
_entry.id   9IBZ
#
_cell.length_a   1.00
_cell.length_b   1.00
_cell.length_c   1.00
_cell.angle_alpha   90.00
_cell.angle_beta   90.00
_cell.angle_gamma   90.00
#
_symmetry.space_group_name_H-M   'P 1'
#
loop_
_entity.id
_entity.type
_entity.pdbx_description
1 polymer 'DNA polymerase subunit gamma-1'
2 polymer 'DNA polymerase subunit gamma-2'
3 polymer 'DNA (primer strand)'
4 polymer 'DNA (template strand)'
5 non-polymer 'CALCIUM ION'
6 non-polymer "2'-DEOXYCYTIDINE-5'-TRIPHOSPHATE"
#
loop_
_entity_poly.entity_id
_entity_poly.type
_entity_poly.pdbx_seq_one_letter_code
_entity_poly.pdbx_strand_id
1 'polypeptide(L)'
;MHHHHHHVSSSVLDPVPSDGRPPSQMPSSENGQLRLNPLLIQMLSRGLHEQIFGCGGEMPDEAAVQRSVEHLQKHGLWGQ
PATPLPDVELRLPRLFGGNLDQHFRLLAQKQSLPYLEAAASLLEAQLPPEPKSWAWAEGWTRYGPEGEAEPVAIPEERAL
VFDVEVCLAEGTCPTLAVAISPSAWYSWCSRRLVEERYSWTSQLSPADLIPLGGSTSASSSTKQDGQEQLVVGHNVSFDR
AHIREQYLIQDSRMRFLDTMSMHMAISGLSSFQRSLWMGAKQGKHKTQQSTKRGQKSPRKANGPAISSWDWMDISSANNL
ADVHNLYVGGPPLEKEPRELFVKGSMRDIRENFQDLMQYCARDVWATFEVFQQQLPLFLERCPHPVTLAGMLEMGVSYLP
VNQNWERYLTEAQNTYEELQREMKKSLMDLANDACQLLSGERYKEDPWLWDLEWDLQEFKQKKAKKVKKPASASKLPIEG
AGPFGDPMDQEDPGPPSEEEELQRSVTAHNRLQQLRSTTDLLPKRPQHLPGHPGWYRKLCPRLDDPAWAPGPSLLSLQMR
VTPKLMALTWDGFPLHYSDSHGWGYLVPGRRDNLTEPPVSPTVESAAVTCPYRAIESLYRKHCLEQGKQQLEPQEVDLAE
EFLLTDSSAMWQTVEELGCLDVEAEAKMENSGLSQPLVLPAACAPKSSQPTYHHGNGPYNDVNIPGCWFFKLPHKDGNNY
NVGSPFAKDFLPKMEDGTLQAGPGGASGPRALEINKMISFWRNAHKRISSQMVVWLPRSALPRVVTRHPSFDEEGHYGAI
LPQVVTAGTITRRAVEPTWLTASNARPDRVGSELKAMVQAPPGYVLVGADVDSQELWIAAVLGDAHFAGMHGCTAFGWMT
LQGRKSRGTDLHSKTAATVGISREHAKIFNYGRIYGAGQSFAERLLMQFNHRLTRQEAAEKAQQMYAVTKGLRRYRLSAD
GEWLVKQLNLPVDRTEDGWVSLQDLRMIRREASRKSRWKKWEVASERAWTGGTESEMFNKLESIAMSDTPRTPVLGCCIS
RALEPSVVQGEFITSRVNWVVQSSAVDYLHLMLVAMKWLFEEFAIDGRFCISIHDEVRYLVREEDRYRAALALQITNLLT
RCMFAYKLGLNDLPQSVAFFSAVDIDQCLRKEVTMDCKTPSNPTGMERRYGIPQGEALDIYQIIELTKGSLEKRSQPGP
;
A
2 'polypeptide(L)'
;MDAGQPELLTERSSPKGGHVKSHAELEGNGEHPEAPGSGEGSEALLEICQRRHFLSGSKQQLSRDSLLSGCHPGFGPLGV
ELRKNLAAEWWTSVVVFREQVFPVDALHHKPGPLLPGDSAFRLVSAETLREILQDKELSKEQLVTFLENVLKTSGKLREN
LLHGALEHYVNCLDLVNKRLPYGLAQIGVCFHPVFDTKQIRNGVKSIGEKTEASLVWFTPPRTSNQWLDFWLRHRLQWWR
KFAMSPSNFSSSDCQDEEGRKGNKLYYNFPWGKELIETLWNLGDHELLHMYPGNVSKLHGRDGRKNVVPCVLSVNGDLDR
GMLAYLYDSFQLTENSFTRKKNLHRKVLKLHPCLAPIKVALDVGRGPTLELRQVCQGLFNELLENGISVWPGYLETMQSS
LEQLYSKYDEMSILFTVLVTETTLENGLIHLRSRDTTMKEMMHISKLKDFLIKYISSAKNVHHHHHH
;
B,C
3 'polydeoxyribonucleotide'
;(DG)(DC)(DA)(DT)(DG)(DC)(DG)(DG)(DT)(DC)(DG)(DA)(DG)(DT)(DC)(DT)(DA)(DG)(DA)(DG)
(DG)(DA)(DG)(DC)(DT)
;
P
4 'polydeoxyribonucleotide'
;(DT)(DT)(DT)(DT)(DT)(DT)(DT)(DT)(DT)(DT)(DA)(DT)(DC)(DC)(DG)(DG)(DG)(DC)(DT)(DC)
(DC)(DT)(DC)(DT)(DA)(DG)(DA)(DC)(DT)(DC)(DG)(DA)(DC)(DC)(DG)(DC)(DA)(DT)(DG)(DC)
;
T
#
loop_
_chem_comp.id
_chem_comp.type
_chem_comp.name
_chem_comp.formula
CA non-polymer 'CALCIUM ION' 'Ca 2'
DA DNA linking 2'-DEOXYADENOSINE-5'-MONOPHOSPHATE 'C10 H14 N5 O6 P'
DC DNA linking 2'-DEOXYCYTIDINE-5'-MONOPHOSPHATE 'C9 H14 N3 O7 P'
DCP non-polymer 2'-DEOXYCYTIDINE-5'-TRIPHOSPHATE 'C9 H16 N3 O13 P3'
DG DNA linking 2'-DEOXYGUANOSINE-5'-MONOPHOSPHATE 'C10 H14 N5 O7 P'
DT DNA linking THYMIDINE-5'-MONOPHOSPHATE 'C10 H15 N2 O8 P'
#
# COMPACT_ATOMS: atom_id res chain seq x y z
N GLY A 32 29.76 51.78 -11.34
CA GLY A 32 28.73 51.87 -12.35
C GLY A 32 28.35 50.52 -12.94
N GLN A 33 28.13 49.54 -12.07
CA GLN A 33 27.79 48.19 -12.50
C GLN A 33 26.42 48.12 -13.16
N LEU A 34 25.60 49.15 -13.05
CA LEU A 34 24.24 49.14 -13.61
C LEU A 34 24.31 49.43 -15.09
N ARG A 35 24.45 48.38 -15.89
CA ARG A 35 24.32 48.50 -17.33
C ARG A 35 22.87 48.32 -17.75
N LEU A 36 22.58 48.71 -18.98
CA LEU A 36 21.21 48.66 -19.49
C LEU A 36 21.25 48.33 -20.98
N ASN A 37 20.06 48.35 -21.59
CA ASN A 37 19.84 48.10 -23.00
C ASN A 37 18.99 49.23 -23.55
N PRO A 38 19.14 49.55 -24.84
CA PRO A 38 18.29 50.59 -25.45
C PRO A 38 16.80 50.34 -25.30
N LEU A 39 16.43 49.15 -24.82
CA LEU A 39 15.05 48.82 -24.49
C LEU A 39 14.83 48.75 -22.98
N LEU A 40 15.73 49.34 -22.19
CA LEU A 40 15.61 49.42 -20.74
C LEU A 40 15.58 48.05 -20.08
N ILE A 41 16.32 47.09 -20.64
CA ILE A 41 16.49 45.77 -20.05
C ILE A 41 17.83 45.73 -19.34
N GLN A 42 17.82 45.36 -18.06
CA GLN A 42 19.06 45.30 -17.30
C GLN A 42 19.95 44.19 -17.85
N MET A 43 21.09 44.56 -18.41
CA MET A 43 22.02 43.60 -18.99
C MET A 43 23.05 43.18 -17.94
N LEU A 44 24.10 42.51 -18.37
CA LEU A 44 25.13 42.03 -17.44
C LEU A 44 25.85 43.20 -16.78
N SER A 45 26.37 42.95 -15.58
CA SER A 45 27.21 43.92 -14.91
C SER A 45 28.52 44.12 -15.67
N ARG A 46 29.14 45.27 -15.45
CA ARG A 46 30.38 45.59 -16.16
C ARG A 46 31.48 44.59 -15.82
N GLY A 47 31.55 44.14 -14.57
CA GLY A 47 32.61 43.24 -14.16
C GLY A 47 32.63 41.94 -14.95
N LEU A 48 31.45 41.41 -15.27
CA LEU A 48 31.37 40.19 -16.07
C LEU A 48 31.30 40.47 -17.56
N HIS A 49 30.66 41.56 -17.96
CA HIS A 49 30.55 41.89 -19.38
C HIS A 49 31.89 42.28 -19.98
N GLU A 50 32.82 42.79 -19.17
CA GLU A 50 34.17 43.08 -19.65
C GLU A 50 35.12 41.91 -19.49
N GLN A 51 34.70 40.83 -18.82
CA GLN A 51 35.49 39.63 -18.73
C GLN A 51 35.04 38.53 -19.69
N ILE A 52 33.84 38.64 -20.24
CA ILE A 52 33.31 37.66 -21.17
C ILE A 52 33.31 38.20 -22.60
N PHE A 53 32.60 39.30 -22.83
CA PHE A 53 32.43 39.84 -24.18
C PHE A 53 33.48 40.89 -24.55
N GLY A 54 34.41 41.19 -23.66
CA GLY A 54 35.42 42.17 -23.95
C GLY A 54 34.92 43.60 -23.90
N CYS A 55 35.82 44.55 -23.67
CA CYS A 55 35.46 45.95 -23.56
C CYS A 55 35.10 46.52 -24.93
N GLY A 56 34.47 47.69 -24.92
CA GLY A 56 34.10 48.37 -26.14
C GLY A 56 32.70 48.02 -26.63
N GLY A 57 32.52 46.79 -27.09
CA GLY A 57 31.22 46.39 -27.60
C GLY A 57 30.91 47.05 -28.92
N GLU A 58 29.63 47.34 -29.13
CA GLU A 58 29.17 47.94 -30.38
C GLU A 58 28.17 49.04 -30.07
N MET A 59 28.26 50.14 -30.79
CA MET A 59 27.29 51.21 -30.66
C MET A 59 25.96 50.75 -31.25
N PRO A 60 24.86 50.77 -30.49
CA PRO A 60 23.60 50.28 -31.03
C PRO A 60 23.13 51.12 -32.21
N ASP A 61 22.56 50.43 -33.20
CA ASP A 61 22.02 51.11 -34.37
C ASP A 61 20.71 51.79 -34.01
N GLU A 62 20.60 53.08 -34.35
CA GLU A 62 19.39 53.83 -33.99
C GLU A 62 18.17 53.31 -34.73
N ALA A 63 18.34 52.82 -35.95
CA ALA A 63 17.21 52.24 -36.69
C ALA A 63 16.69 50.99 -35.99
N ALA A 64 17.59 50.12 -35.51
CA ALA A 64 17.17 48.92 -34.80
C ALA A 64 16.47 49.28 -33.50
N VAL A 65 17.00 50.26 -32.77
CA VAL A 65 16.37 50.70 -31.52
C VAL A 65 14.98 51.25 -31.80
N GLN A 66 14.84 52.06 -32.85
CA GLN A 66 13.54 52.62 -33.19
C GLN A 66 12.55 51.53 -33.57
N ARG A 67 12.98 50.55 -34.36
CA ARG A 67 12.10 49.46 -34.74
C ARG A 67 11.66 48.65 -33.53
N SER A 68 12.60 48.35 -32.62
CA SER A 68 12.24 47.59 -31.42
C SER A 68 11.29 48.37 -30.53
N VAL A 69 11.52 49.68 -30.40
CA VAL A 69 10.64 50.51 -29.58
C VAL A 69 9.24 50.57 -30.17
N GLU A 70 9.16 50.72 -31.50
CA GLU A 70 7.85 50.73 -32.16
C GLU A 70 7.13 49.40 -31.98
N HIS A 71 7.86 48.29 -32.12
CA HIS A 71 7.25 46.97 -31.93
C HIS A 71 6.75 46.79 -30.51
N LEU A 72 7.53 47.22 -29.52
CA LEU A 72 7.09 47.13 -28.13
C LEU A 72 5.87 48.01 -27.89
N GLN A 73 5.86 49.21 -28.46
CA GLN A 73 4.71 50.11 -28.33
C GLN A 73 3.46 49.51 -28.96
N LYS A 74 3.63 48.75 -30.03
CA LYS A 74 2.48 48.11 -30.68
C LYS A 74 1.79 47.14 -29.72
N HIS A 75 2.56 46.42 -28.91
CA HIS A 75 2.02 45.44 -27.99
C HIS A 75 1.87 45.98 -26.57
N GLY A 76 2.12 47.26 -26.35
CA GLY A 76 1.93 47.87 -25.05
C GLY A 76 2.84 47.33 -23.97
N LEU A 77 4.13 47.20 -24.28
CA LEU A 77 5.11 46.68 -23.33
C LEU A 77 6.29 47.63 -23.15
N TRP A 78 6.14 48.89 -23.56
CA TRP A 78 7.21 49.87 -23.49
C TRP A 78 6.99 50.80 -22.30
N GLY A 79 8.04 51.01 -21.51
CA GLY A 79 7.97 51.88 -20.36
C GLY A 79 7.47 51.24 -19.09
N GLN A 80 7.18 49.95 -19.09
CA GLN A 80 6.73 49.28 -17.88
C GLN A 80 7.86 49.24 -16.86
N PRO A 81 7.63 49.68 -15.62
CA PRO A 81 8.71 49.69 -14.63
C PRO A 81 9.13 48.29 -14.23
N ALA A 82 10.44 48.07 -14.16
CA ALA A 82 11.01 46.81 -13.75
C ALA A 82 12.02 47.06 -12.64
N THR A 83 11.91 46.31 -11.56
CA THR A 83 12.84 46.48 -10.44
C THR A 83 14.19 45.87 -10.79
N PRO A 84 15.27 46.66 -10.81
CA PRO A 84 16.59 46.09 -11.13
C PRO A 84 17.05 45.13 -10.06
N LEU A 85 17.70 44.05 -10.50
CA LEU A 85 18.31 43.11 -9.58
C LEU A 85 19.67 43.64 -9.12
N PRO A 86 20.13 43.22 -7.94
CA PRO A 86 21.47 43.63 -7.50
C PRO A 86 22.53 43.18 -8.48
N ASP A 87 23.49 44.05 -8.73
CA ASP A 87 24.56 43.76 -9.68
C ASP A 87 25.57 42.82 -9.05
N VAL A 88 25.93 41.78 -9.77
CA VAL A 88 26.83 40.74 -9.27
C VAL A 88 28.26 41.08 -9.68
N GLU A 89 29.18 40.97 -8.73
CA GLU A 89 30.61 41.11 -8.99
C GLU A 89 31.26 39.76 -8.77
N LEU A 90 31.95 39.26 -9.79
CA LEU A 90 32.56 37.94 -9.71
C LEU A 90 33.79 37.91 -10.60
N ARG A 91 34.77 37.11 -10.20
CA ARG A 91 36.03 36.95 -10.93
C ARG A 91 36.01 35.58 -11.60
N LEU A 92 35.57 35.55 -12.85
CA LEU A 92 35.55 34.29 -13.60
C LEU A 92 36.97 33.83 -13.90
N PRO A 93 37.19 32.53 -14.02
CA PRO A 93 38.53 32.02 -14.34
C PRO A 93 38.95 32.41 -15.75
N ARG A 94 40.21 32.11 -16.06
CA ARG A 94 40.79 32.52 -17.33
C ARG A 94 40.04 31.89 -18.50
N LEU A 95 39.81 32.69 -19.54
CA LEU A 95 39.16 32.23 -20.77
C LEU A 95 40.24 32.05 -21.82
N PHE A 96 40.56 30.79 -22.12
CA PHE A 96 41.61 30.50 -23.09
C PHE A 96 41.20 30.94 -24.49
N GLY A 97 42.18 31.38 -25.27
CA GLY A 97 41.93 31.73 -26.67
C GLY A 97 41.21 33.03 -26.94
N GLY A 98 40.06 33.24 -26.29
CA GLY A 98 39.28 34.44 -26.49
C GLY A 98 37.98 34.16 -27.23
N ASN A 99 37.05 35.11 -27.08
CA ASN A 99 35.72 35.10 -27.70
C ASN A 99 34.84 34.00 -27.12
N LEU A 100 35.40 33.21 -26.21
CA LEU A 100 34.71 32.16 -25.46
C LEU A 100 34.34 30.97 -26.35
N ASP A 101 34.41 31.18 -27.67
CA ASP A 101 34.13 30.11 -28.61
C ASP A 101 35.38 29.27 -28.83
N GLN A 102 36.51 29.93 -29.07
CA GLN A 102 37.78 29.21 -29.04
C GLN A 102 38.03 28.61 -27.67
N HIS A 103 37.54 29.26 -26.61
CA HIS A 103 37.67 28.69 -25.27
C HIS A 103 36.92 27.36 -25.16
N PHE A 104 35.65 27.34 -25.56
CA PHE A 104 34.89 26.10 -25.52
C PHE A 104 35.50 25.04 -26.43
N ARG A 105 35.98 25.45 -27.61
CA ARG A 105 36.62 24.52 -28.52
C ARG A 105 37.86 23.89 -27.88
N LEU A 106 38.68 24.71 -27.23
CA LEU A 106 39.89 24.17 -26.58
C LEU A 106 39.53 23.23 -25.45
N LEU A 107 38.51 23.57 -24.66
CA LEU A 107 38.07 22.68 -23.59
C LEU A 107 37.62 21.34 -24.16
N ALA A 108 36.76 21.36 -25.17
CA ALA A 108 36.25 20.13 -25.75
C ALA A 108 37.37 19.31 -26.38
N GLN A 109 38.30 19.97 -27.07
CA GLN A 109 39.42 19.24 -27.67
C GLN A 109 40.30 18.59 -26.60
N LYS A 110 40.53 19.30 -25.49
CA LYS A 110 41.32 18.71 -24.42
C LYS A 110 40.59 17.56 -23.75
N GLN A 111 39.25 17.56 -23.79
CA GLN A 111 38.50 16.48 -23.17
C GLN A 111 38.31 15.29 -24.10
N SER A 112 38.12 15.52 -25.39
CA SER A 112 37.83 14.45 -26.34
C SER A 112 39.08 13.88 -27.00
N LEU A 113 40.25 14.43 -26.75
CA LEU A 113 41.46 13.96 -27.41
C LEU A 113 41.81 12.51 -27.08
N PRO A 114 41.89 12.09 -25.81
CA PRO A 114 42.39 10.73 -25.53
C PRO A 114 41.43 9.63 -25.96
N TYR A 115 40.17 9.94 -26.26
CA TYR A 115 39.25 8.93 -26.73
C TYR A 115 39.18 8.87 -28.25
N LEU A 116 39.34 10.00 -28.93
CA LEU A 116 39.48 9.95 -30.37
C LEU A 116 40.83 9.34 -30.77
N GLU A 117 41.85 9.48 -29.93
CA GLU A 117 43.12 8.84 -30.21
C GLU A 117 43.04 7.32 -30.08
N ALA A 118 41.99 6.79 -29.47
CA ALA A 118 41.72 5.36 -29.46
C ALA A 118 40.73 4.94 -30.53
N ALA A 119 39.74 5.80 -30.83
CA ALA A 119 38.84 5.52 -31.93
C ALA A 119 39.60 5.44 -33.24
N ALA A 120 40.54 6.35 -33.47
CA ALA A 120 41.36 6.31 -34.67
C ALA A 120 42.25 5.07 -34.71
N SER A 121 42.73 4.63 -33.54
CA SER A 121 43.50 3.38 -33.49
C SER A 121 42.63 2.19 -33.89
N LEU A 122 41.37 2.20 -33.45
CA LEU A 122 40.43 1.15 -33.86
C LEU A 122 40.17 1.20 -35.36
N LEU A 123 40.05 2.41 -35.92
CA LEU A 123 39.72 2.53 -37.34
C LEU A 123 40.81 2.02 -38.27
N GLU A 124 42.03 1.81 -37.77
CA GLU A 124 43.14 1.30 -38.56
C GLU A 124 43.65 -0.01 -38.00
N ALA A 125 42.73 -0.86 -37.54
CA ALA A 125 43.09 -2.11 -36.91
C ALA A 125 43.55 -3.13 -37.95
N GLN A 126 44.22 -4.17 -37.46
CA GLN A 126 44.71 -5.29 -38.25
C GLN A 126 44.20 -6.60 -37.65
N LEU A 127 42.91 -6.64 -37.40
CA LEU A 127 42.32 -7.71 -36.60
C LEU A 127 42.44 -9.05 -37.32
N PRO A 128 42.94 -10.08 -36.65
CA PRO A 128 43.09 -11.40 -37.29
C PRO A 128 41.73 -12.03 -37.53
N PRO A 129 41.68 -13.10 -38.32
CA PRO A 129 40.39 -13.80 -38.54
C PRO A 129 39.86 -14.39 -37.24
N GLU A 130 38.57 -14.69 -37.26
CA GLU A 130 37.88 -15.15 -36.06
C GLU A 130 38.49 -16.47 -35.58
N PRO A 131 38.55 -16.70 -34.27
CA PRO A 131 39.17 -17.92 -33.75
C PRO A 131 38.44 -19.17 -34.20
N LYS A 132 39.21 -20.26 -34.35
CA LYS A 132 38.63 -21.51 -34.81
C LYS A 132 37.59 -22.05 -33.83
N SER A 133 37.96 -22.16 -32.55
CA SER A 133 37.06 -22.65 -31.52
C SER A 133 37.19 -21.77 -30.29
N TRP A 134 36.07 -21.20 -29.85
CA TRP A 134 36.08 -20.36 -28.67
C TRP A 134 36.35 -21.19 -27.42
N ALA A 135 37.22 -20.68 -26.55
CA ALA A 135 37.62 -21.40 -25.36
C ALA A 135 36.47 -21.49 -24.37
N TRP A 136 36.52 -22.52 -23.53
CA TRP A 136 35.52 -22.79 -22.51
C TRP A 136 36.20 -22.64 -21.15
N ALA A 137 36.24 -21.42 -20.64
CA ALA A 137 36.88 -21.14 -19.36
C ALA A 137 36.36 -19.80 -18.84
N GLU A 138 36.56 -19.60 -17.54
CA GLU A 138 36.13 -18.36 -16.91
C GLU A 138 37.09 -17.21 -17.24
N GLY A 139 36.60 -15.99 -17.09
CA GLY A 139 37.41 -14.83 -17.33
C GLY A 139 37.64 -14.57 -18.81
N TRP A 140 38.60 -13.69 -19.07
CA TRP A 140 38.97 -13.34 -20.43
C TRP A 140 40.06 -14.25 -20.93
N THR A 141 39.93 -14.68 -22.19
CA THR A 141 40.96 -15.47 -22.87
C THR A 141 41.35 -14.75 -24.14
N ARG A 142 42.63 -14.42 -24.28
CA ARG A 142 43.11 -13.68 -25.45
C ARG A 142 43.33 -14.65 -26.60
N TYR A 143 42.67 -14.37 -27.72
CA TYR A 143 42.79 -15.18 -28.93
C TYR A 143 43.82 -14.53 -29.84
N GLY A 144 45.05 -15.03 -29.78
CA GLY A 144 46.13 -14.50 -30.57
C GLY A 144 46.02 -14.89 -32.03
N PRO A 145 47.15 -14.93 -32.72
CA PRO A 145 47.14 -15.29 -34.14
C PRO A 145 46.69 -16.73 -34.35
N GLU A 146 46.03 -16.95 -35.49
CA GLU A 146 45.59 -18.28 -35.91
C GLU A 146 44.62 -18.91 -34.91
N GLY A 147 43.87 -18.08 -34.19
CA GLY A 147 42.84 -18.58 -33.29
C GLY A 147 43.34 -19.43 -32.14
N GLU A 148 44.39 -18.98 -31.47
CA GLU A 148 44.94 -19.70 -30.32
C GLU A 148 44.42 -19.07 -29.03
N ALA A 149 43.92 -19.92 -28.13
CA ALA A 149 43.35 -19.47 -26.87
C ALA A 149 44.44 -19.30 -25.82
N GLU A 150 44.39 -18.18 -25.10
CA GLU A 150 45.33 -17.89 -24.03
C GLU A 150 44.63 -17.10 -22.93
N PRO A 151 44.69 -17.56 -21.68
CA PRO A 151 43.97 -16.88 -20.60
C PRO A 151 44.69 -15.60 -20.17
N VAL A 152 43.92 -14.52 -20.01
CA VAL A 152 44.43 -13.25 -19.52
C VAL A 152 43.53 -12.75 -18.41
N ALA A 153 44.08 -11.91 -17.54
CA ALA A 153 43.29 -11.38 -16.43
C ALA A 153 42.25 -10.37 -16.93
N ILE A 154 42.67 -9.41 -17.75
CA ILE A 154 41.79 -8.37 -18.26
C ILE A 154 42.23 -8.01 -19.69
N PRO A 155 41.33 -7.49 -20.52
CA PRO A 155 41.77 -6.98 -21.83
C PRO A 155 42.71 -5.79 -21.67
N GLU A 156 43.94 -5.96 -22.14
CA GLU A 156 44.97 -4.94 -21.98
C GLU A 156 45.03 -4.03 -23.20
N GLU A 157 43.92 -3.32 -23.43
CA GLU A 157 43.79 -2.45 -24.59
C GLU A 157 43.03 -1.19 -24.20
N ARG A 158 43.19 -0.16 -25.02
CA ARG A 158 42.53 1.13 -24.80
C ARG A 158 41.32 1.32 -25.69
N ALA A 159 40.89 0.28 -26.41
CA ALA A 159 39.73 0.40 -27.29
C ALA A 159 39.17 -0.99 -27.53
N LEU A 160 37.86 -1.14 -27.39
CA LEU A 160 37.21 -2.43 -27.58
C LEU A 160 35.81 -2.21 -28.12
N VAL A 161 35.41 -2.98 -29.12
CA VAL A 161 34.01 -3.04 -29.51
C VAL A 161 33.34 -4.16 -28.72
N PHE A 162 32.22 -3.84 -28.08
CA PHE A 162 31.68 -4.69 -27.03
C PHE A 162 30.26 -5.11 -27.36
N ASP A 163 29.93 -6.36 -27.00
CA ASP A 163 28.58 -6.89 -27.09
C ASP A 163 28.45 -8.02 -26.09
N VAL A 164 27.52 -7.89 -25.15
CA VAL A 164 27.40 -8.81 -24.02
C VAL A 164 26.07 -9.53 -24.12
N GLU A 165 26.10 -10.83 -23.84
CA GLU A 165 24.91 -11.67 -23.85
C GLU A 165 24.62 -12.16 -22.43
N VAL A 166 23.38 -12.00 -22.00
CA VAL A 166 22.96 -12.35 -20.65
C VAL A 166 21.76 -13.28 -20.74
N CYS A 167 21.80 -14.39 -20.00
CA CYS A 167 20.68 -15.32 -19.96
C CYS A 167 19.54 -14.72 -19.14
N LEU A 168 18.35 -14.63 -19.75
CA LEU A 168 17.21 -14.08 -19.03
C LEU A 168 16.63 -15.07 -18.03
N ALA A 169 16.74 -16.37 -18.31
CA ALA A 169 16.22 -17.37 -17.38
C ALA A 169 16.96 -17.33 -16.06
N GLU A 170 18.29 -17.19 -16.09
CA GLU A 170 19.09 -17.09 -14.87
C GLU A 170 18.87 -15.77 -14.15
N GLY A 171 18.25 -14.79 -14.79
CA GLY A 171 18.05 -13.48 -14.19
C GLY A 171 18.52 -12.37 -15.10
N THR A 172 19.51 -11.60 -14.63
CA THR A 172 20.12 -10.56 -15.46
C THR A 172 21.63 -10.53 -15.34
N CYS A 173 22.24 -11.49 -14.66
CA CYS A 173 23.70 -11.56 -14.60
C CYS A 173 24.25 -11.93 -15.98
N PRO A 174 25.32 -11.27 -16.41
CA PRO A 174 25.88 -11.57 -17.74
C PRO A 174 26.39 -13.00 -17.82
N THR A 175 26.30 -13.57 -19.02
CA THR A 175 26.65 -14.96 -19.26
C THR A 175 27.91 -15.10 -20.11
N LEU A 176 27.93 -14.48 -21.30
CA LEU A 176 29.09 -14.51 -22.17
C LEU A 176 29.21 -13.17 -22.89
N ALA A 177 30.44 -12.79 -23.20
CA ALA A 177 30.71 -11.53 -23.89
C ALA A 177 31.89 -11.71 -24.83
N VAL A 178 31.80 -11.07 -25.99
CA VAL A 178 32.86 -11.10 -26.99
C VAL A 178 33.27 -9.66 -27.29
N ALA A 179 34.57 -9.39 -27.24
CA ALA A 179 35.10 -8.06 -27.48
C ALA A 179 36.31 -8.17 -28.39
N ILE A 180 36.46 -7.21 -29.30
CA ILE A 180 37.57 -7.18 -30.24
C ILE A 180 38.47 -6.00 -29.91
N SER A 181 39.76 -6.27 -29.78
CA SER A 181 40.75 -5.25 -29.53
C SER A 181 41.26 -4.69 -30.85
N PRO A 182 42.13 -3.67 -30.82
CA PRO A 182 42.76 -3.24 -32.07
C PRO A 182 43.66 -4.30 -32.70
N SER A 183 44.09 -5.32 -31.95
CA SER A 183 45.02 -6.30 -32.49
C SER A 183 44.72 -7.74 -32.09
N ALA A 184 43.58 -8.03 -31.48
CA ALA A 184 43.27 -9.40 -31.07
C ALA A 184 41.78 -9.54 -30.83
N TRP A 185 41.34 -10.78 -30.73
CA TRP A 185 39.96 -11.13 -30.37
C TRP A 185 39.92 -11.60 -28.92
N TYR A 186 38.84 -11.24 -28.22
CA TYR A 186 38.68 -11.60 -26.82
C TYR A 186 37.31 -12.21 -26.58
N SER A 187 37.22 -13.03 -25.54
CA SER A 187 35.96 -13.64 -25.14
C SER A 187 35.92 -13.78 -23.63
N TRP A 188 34.72 -13.69 -23.08
CA TRP A 188 34.51 -13.80 -21.64
C TRP A 188 33.36 -14.77 -21.37
N CYS A 189 33.55 -15.66 -20.42
CA CYS A 189 32.52 -16.61 -20.01
C CYS A 189 32.35 -16.53 -18.49
N SER A 190 31.13 -16.32 -18.05
CA SER A 190 30.86 -16.14 -16.63
C SER A 190 30.91 -17.48 -15.90
N ARG A 191 30.98 -17.41 -14.57
CA ARG A 191 30.97 -18.60 -13.74
C ARG A 191 29.63 -19.32 -13.81
N ARG A 192 28.56 -18.64 -14.21
CA ARG A 192 27.25 -19.27 -14.31
C ARG A 192 27.05 -19.96 -15.66
N LEU A 193 28.04 -19.91 -16.54
CA LEU A 193 28.02 -20.69 -17.78
C LEU A 193 29.07 -21.78 -17.81
N VAL A 194 30.14 -21.64 -17.03
CA VAL A 194 31.20 -22.64 -16.97
C VAL A 194 30.97 -23.64 -15.85
N GLU A 195 30.57 -23.16 -14.68
CA GLU A 195 30.33 -24.01 -13.52
C GLU A 195 28.84 -24.06 -13.22
N GLU A 196 28.29 -25.27 -13.10
CA GLU A 196 26.88 -25.46 -12.79
C GLU A 196 26.75 -25.74 -11.30
N ARG A 197 26.82 -24.66 -10.51
CA ARG A 197 26.70 -24.77 -9.07
C ARG A 197 25.25 -25.07 -8.69
N TYR A 198 25.07 -25.52 -7.45
CA TYR A 198 23.73 -25.85 -6.95
C TYR A 198 22.84 -24.61 -6.96
N SER A 199 23.36 -23.47 -6.49
CA SER A 199 22.61 -22.23 -6.46
C SER A 199 23.53 -21.04 -6.22
N TRP A 200 23.35 -19.98 -7.00
CA TRP A 200 24.06 -18.72 -6.80
C TRP A 200 23.16 -17.71 -6.12
N THR A 201 23.78 -16.69 -5.54
CA THR A 201 23.03 -15.65 -4.84
C THR A 201 22.21 -14.84 -5.84
N SER A 202 21.06 -14.36 -5.37
CA SER A 202 20.15 -13.57 -6.20
C SER A 202 20.45 -12.08 -6.19
N GLN A 203 21.48 -11.66 -5.45
CA GLN A 203 21.88 -10.25 -5.41
C GLN A 203 23.13 -10.06 -6.25
N LEU A 204 23.05 -9.12 -7.19
CA LEU A 204 24.20 -8.84 -8.05
C LEU A 204 25.25 -8.05 -7.28
N SER A 205 26.51 -8.33 -7.58
CA SER A 205 27.65 -7.68 -6.97
C SER A 205 28.68 -7.39 -8.05
N PRO A 206 29.60 -6.45 -7.80
CA PRO A 206 30.66 -6.20 -8.77
C PRO A 206 31.55 -7.42 -9.02
N ALA A 207 31.60 -8.37 -8.08
CA ALA A 207 32.35 -9.60 -8.28
C ALA A 207 31.63 -10.58 -9.19
N ASP A 208 30.56 -10.16 -9.86
CA ASP A 208 29.80 -10.99 -10.79
C ASP A 208 29.53 -10.23 -12.07
N LEU A 209 30.49 -9.45 -12.54
CA LEU A 209 30.33 -8.62 -13.71
C LEU A 209 31.63 -8.65 -14.53
N ILE A 210 31.59 -8.01 -15.69
CA ILE A 210 32.70 -8.04 -16.65
C ILE A 210 33.86 -7.19 -16.13
N PRO A 211 35.04 -7.76 -15.95
CA PRO A 211 36.21 -7.01 -15.46
C PRO A 211 37.00 -6.27 -16.53
N LEU A 212 36.50 -5.10 -16.93
CA LEU A 212 37.21 -4.25 -17.87
C LEU A 212 38.09 -3.24 -17.15
N GLU A 228 42.85 6.45 -20.13
CA GLU A 228 41.59 6.67 -20.84
C GLU A 228 41.26 5.49 -21.74
N GLN A 229 40.00 5.05 -21.71
CA GLN A 229 39.55 3.92 -22.50
C GLN A 229 38.29 4.29 -23.27
N LEU A 230 38.07 3.59 -24.37
CA LEU A 230 36.87 3.76 -25.19
C LEU A 230 36.28 2.40 -25.47
N VAL A 231 34.99 2.23 -25.16
CA VAL A 231 34.32 0.96 -25.36
C VAL A 231 33.16 1.15 -26.33
N VAL A 232 33.43 0.90 -27.62
CA VAL A 232 32.40 1.06 -28.62
C VAL A 232 31.41 -0.09 -28.54
N GLY A 233 30.21 0.14 -29.06
CA GLY A 233 29.20 -0.90 -29.07
C GLY A 233 27.92 -0.38 -29.66
N HIS A 234 26.94 -1.26 -29.73
CA HIS A 234 25.59 -0.93 -30.18
C HIS A 234 24.67 -0.98 -28.97
N ASN A 235 23.97 0.12 -28.71
CA ASN A 235 23.23 0.31 -27.46
C ASN A 235 24.14 0.01 -26.27
N VAL A 236 25.30 0.68 -26.25
CA VAL A 236 26.36 0.35 -25.31
C VAL A 236 25.94 0.54 -23.87
N SER A 237 24.87 1.29 -23.63
CA SER A 237 24.35 1.42 -22.27
C SER A 237 23.95 0.07 -21.69
N PHE A 238 23.36 -0.79 -22.52
CA PHE A 238 23.11 -2.17 -22.10
C PHE A 238 24.42 -2.90 -21.84
N ASP A 239 25.41 -2.69 -22.71
CA ASP A 239 26.71 -3.33 -22.51
C ASP A 239 27.51 -2.66 -21.40
N ARG A 240 27.14 -1.44 -21.02
CA ARG A 240 27.85 -0.74 -19.95
C ARG A 240 27.39 -1.20 -18.57
N ALA A 241 26.09 -1.50 -18.43
CA ALA A 241 25.52 -1.88 -17.16
C ALA A 241 26.07 -3.21 -16.66
N HIS A 242 26.71 -3.97 -17.53
CA HIS A 242 27.27 -5.27 -17.17
C HIS A 242 28.77 -5.21 -16.92
N ILE A 243 29.35 -4.02 -16.84
CA ILE A 243 30.78 -3.84 -16.61
C ILE A 243 31.01 -3.57 -15.14
N ARG A 244 32.03 -4.23 -14.57
CA ARG A 244 32.23 -4.21 -13.12
C ARG A 244 32.59 -2.81 -12.63
N GLU A 245 33.60 -2.18 -13.24
CA GLU A 245 34.14 -0.94 -12.72
C GLU A 245 33.20 0.25 -12.89
N GLN A 246 32.12 0.10 -13.65
CA GLN A 246 31.21 1.21 -13.89
C GLN A 246 30.34 1.55 -12.69
N TYR A 247 30.31 0.71 -11.66
CA TYR A 247 29.45 0.92 -10.51
C TYR A 247 30.16 1.52 -9.31
N LEU A 248 31.49 1.62 -9.33
CA LEU A 248 32.20 2.29 -8.25
C LEU A 248 31.87 3.78 -8.26
N ILE A 249 31.93 4.39 -7.07
CA ILE A 249 31.58 5.79 -6.96
C ILE A 249 32.61 6.66 -7.67
N GLN A 250 33.89 6.37 -7.48
CA GLN A 250 34.93 7.11 -8.19
C GLN A 250 34.84 6.86 -9.69
N ASP A 251 34.96 7.94 -10.46
CA ASP A 251 34.77 7.88 -11.91
C ASP A 251 36.05 7.38 -12.57
N SER A 252 36.06 6.13 -12.99
CA SER A 252 37.13 5.64 -13.85
C SER A 252 36.99 6.28 -15.22
N ARG A 253 38.10 6.78 -15.76
CA ARG A 253 38.03 7.56 -17.00
C ARG A 253 37.79 6.65 -18.20
N MET A 254 36.56 6.16 -18.32
CA MET A 254 36.13 5.34 -19.45
C MET A 254 34.88 5.96 -20.04
N ARG A 255 34.88 6.16 -21.35
CA ARG A 255 33.76 6.74 -22.05
C ARG A 255 33.28 5.79 -23.14
N PHE A 256 31.98 5.81 -23.39
CA PHE A 256 31.33 4.85 -24.27
C PHE A 256 30.79 5.55 -25.50
N LEU A 257 31.13 5.02 -26.67
CA LEU A 257 30.56 5.48 -27.93
C LEU A 257 29.51 4.50 -28.40
N ASP A 258 28.30 4.99 -28.62
CA ASP A 258 27.17 4.17 -29.00
C ASP A 258 26.86 4.41 -30.48
N THR A 259 27.01 3.35 -31.29
CA THR A 259 26.69 3.45 -32.71
C THR A 259 25.22 3.75 -32.94
N MET A 260 24.35 3.36 -32.01
CA MET A 260 22.94 3.72 -32.13
C MET A 260 22.74 5.23 -32.02
N SER A 261 23.43 5.86 -31.07
CA SER A 261 23.31 7.31 -30.92
C SER A 261 23.87 8.05 -32.13
N MET A 262 25.02 7.61 -32.64
CA MET A 262 25.57 8.23 -33.84
C MET A 262 24.66 8.00 -35.04
N HIS A 263 24.02 6.83 -35.11
CA HIS A 263 23.06 6.58 -36.19
C HIS A 263 21.87 7.54 -36.10
N MET A 264 21.36 7.74 -34.89
CA MET A 264 20.23 8.66 -34.72
C MET A 264 20.64 10.10 -35.02
N ALA A 265 21.91 10.44 -34.76
CA ALA A 265 22.37 11.79 -35.08
C ALA A 265 22.56 11.98 -36.58
N ILE A 266 23.07 10.95 -37.28
CA ILE A 266 23.39 11.09 -38.70
C ILE A 266 22.14 10.89 -39.55
N SER A 267 21.54 9.71 -39.49
CA SER A 267 20.39 9.35 -40.31
C SER A 267 19.28 8.90 -39.36
N GLY A 268 18.46 9.85 -38.91
CA GLY A 268 17.40 9.55 -37.97
C GLY A 268 16.02 9.63 -38.60
N LEU A 269 15.04 9.00 -37.97
CA LEU A 269 13.67 8.96 -38.47
C LEU A 269 12.72 9.46 -37.39
N SER A 270 11.82 10.37 -37.76
CA SER A 270 10.78 10.79 -36.84
C SER A 270 9.76 9.68 -36.67
N SER A 271 8.83 9.88 -35.73
CA SER A 271 7.85 8.84 -35.41
C SER A 271 6.98 8.51 -36.62
N PHE A 272 6.49 9.53 -37.32
CA PHE A 272 5.72 9.30 -38.53
C PHE A 272 6.58 8.67 -39.62
N GLN A 273 7.82 9.16 -39.77
CA GLN A 273 8.74 8.55 -40.73
C GLN A 273 9.05 7.11 -40.37
N ARG A 274 9.22 6.83 -39.07
CA ARG A 274 9.46 5.45 -38.64
C ARG A 274 8.26 4.57 -38.96
N SER A 275 7.04 5.08 -38.73
CA SER A 275 5.84 4.31 -39.06
C SER A 275 5.77 4.02 -40.55
N LEU A 276 6.04 5.02 -41.38
CA LEU A 276 6.03 4.80 -42.84
C LEU A 276 7.09 3.79 -43.26
N TRP A 277 8.29 3.90 -42.68
CA TRP A 277 9.37 2.98 -43.04
C TRP A 277 9.03 1.55 -42.64
N MET A 278 8.46 1.37 -41.45
CA MET A 278 8.07 0.02 -41.03
C MET A 278 6.93 -0.52 -41.88
N GLY A 279 5.96 0.33 -42.24
CA GLY A 279 4.86 -0.12 -43.07
C GLY A 279 5.30 -0.53 -44.46
N ALA A 280 6.15 0.28 -45.08
CA ALA A 280 6.64 -0.05 -46.42
C ALA A 280 7.66 -1.17 -46.39
N LYS A 281 8.54 -1.17 -45.40
CA LYS A 281 9.57 -2.20 -45.29
C LYS A 281 9.52 -2.90 -43.94
N SER A 308 8.33 10.10 -53.56
CA SER A 308 8.37 10.82 -52.30
C SER A 308 9.14 10.04 -51.25
N TRP A 309 9.66 8.88 -51.65
CA TRP A 309 10.37 7.98 -50.74
C TRP A 309 11.88 8.03 -50.94
N ASP A 310 12.41 9.21 -51.27
CA ASP A 310 13.86 9.35 -51.41
C ASP A 310 14.57 9.16 -50.08
N TRP A 311 13.95 9.59 -48.99
CA TRP A 311 14.57 9.50 -47.67
C TRP A 311 14.65 8.07 -47.15
N MET A 312 13.80 7.17 -47.66
CA MET A 312 13.86 5.78 -47.23
C MET A 312 15.16 5.12 -47.66
N ASP A 313 15.76 5.59 -48.75
CA ASP A 313 17.01 5.01 -49.23
C ASP A 313 18.22 5.48 -48.44
N ILE A 314 18.06 6.46 -47.55
CA ILE A 314 19.18 7.04 -46.82
C ILE A 314 19.10 6.79 -45.33
N SER A 315 17.97 6.35 -44.80
CA SER A 315 17.78 6.14 -43.37
C SER A 315 17.45 4.68 -43.09
N SER A 316 17.43 4.34 -41.80
CA SER A 316 17.11 2.99 -41.37
C SER A 316 16.69 3.03 -39.92
N ALA A 317 16.18 1.91 -39.43
CA ALA A 317 15.77 1.78 -38.04
C ALA A 317 16.98 1.54 -37.15
N ASN A 318 16.74 1.38 -35.85
CA ASN A 318 17.81 1.23 -34.89
C ASN A 318 18.28 -0.21 -34.74
N ASN A 319 17.69 -1.15 -35.47
CA ASN A 319 18.16 -2.53 -35.44
C ASN A 319 19.59 -2.61 -35.95
N LEU A 320 20.38 -3.48 -35.32
CA LEU A 320 21.77 -3.65 -35.75
C LEU A 320 21.84 -4.13 -37.20
N ALA A 321 20.92 -5.01 -37.60
CA ALA A 321 20.90 -5.47 -38.98
C ALA A 321 20.61 -4.33 -39.95
N ASP A 322 19.63 -3.49 -39.62
CA ASP A 322 19.28 -2.38 -40.50
C ASP A 322 20.39 -1.33 -40.54
N VAL A 323 21.02 -1.06 -39.40
CA VAL A 323 22.13 -0.12 -39.38
C VAL A 323 23.31 -0.65 -40.20
N HIS A 324 23.60 -1.94 -40.06
CA HIS A 324 24.68 -2.55 -40.85
C HIS A 324 24.34 -2.50 -42.33
N ASN A 325 23.08 -2.71 -42.68
CA ASN A 325 22.65 -2.60 -44.08
C ASN A 325 22.85 -1.18 -44.59
N LEU A 326 22.52 -0.18 -43.77
CA LEU A 326 22.60 1.20 -44.23
C LEU A 326 24.04 1.67 -44.38
N TYR A 327 24.90 1.35 -43.41
CA TYR A 327 26.26 1.88 -43.41
C TYR A 327 27.25 0.97 -44.11
N VAL A 328 27.11 -0.34 -43.96
CA VAL A 328 28.04 -1.28 -44.59
C VAL A 328 27.48 -1.82 -45.89
N GLY A 329 26.22 -2.25 -45.89
CA GLY A 329 25.61 -2.76 -47.09
C GLY A 329 26.01 -4.16 -47.49
N GLY A 330 26.58 -4.94 -46.56
CA GLY A 330 26.99 -6.28 -46.85
C GLY A 330 25.85 -7.27 -46.73
N PRO A 331 26.18 -8.55 -46.55
CA PRO A 331 25.14 -9.55 -46.38
C PRO A 331 24.36 -9.30 -45.10
N PRO A 332 23.07 -9.62 -45.09
CA PRO A 332 22.27 -9.37 -43.88
C PRO A 332 22.77 -10.20 -42.71
N LEU A 333 22.61 -9.63 -41.52
CA LEU A 333 23.05 -10.29 -40.30
C LEU A 333 22.16 -11.50 -39.99
N GLU A 334 22.78 -12.54 -39.45
CA GLU A 334 22.09 -13.76 -39.07
C GLU A 334 21.69 -13.68 -37.60
N LYS A 335 20.38 -13.69 -37.35
CA LYS A 335 19.84 -13.73 -36.00
C LYS A 335 19.35 -15.14 -35.71
N GLU A 336 19.84 -15.72 -34.63
CA GLU A 336 19.52 -17.11 -34.32
C GLU A 336 18.03 -17.25 -33.99
N PRO A 337 17.30 -18.10 -34.69
CA PRO A 337 15.88 -18.28 -34.36
C PRO A 337 15.64 -19.05 -33.08
N ARG A 338 16.65 -19.76 -32.57
CA ARG A 338 16.50 -20.48 -31.31
C ARG A 338 16.27 -19.50 -30.15
N GLU A 339 16.99 -18.39 -30.14
CA GLU A 339 16.88 -17.36 -29.10
C GLU A 339 17.10 -17.96 -27.72
N LEU A 340 18.24 -18.65 -27.56
CA LEU A 340 18.55 -19.31 -26.30
C LEU A 340 18.87 -18.32 -25.18
N PHE A 341 19.11 -17.05 -25.49
CA PHE A 341 19.32 -16.05 -24.46
C PHE A 341 18.03 -15.37 -24.04
N VAL A 342 17.03 -15.33 -24.90
CA VAL A 342 15.76 -14.68 -24.59
C VAL A 342 14.73 -15.68 -24.10
N LYS A 343 14.61 -16.82 -24.77
CA LYS A 343 13.62 -17.83 -24.45
C LYS A 343 14.21 -19.11 -23.87
N GLY A 344 15.36 -19.55 -24.38
CA GLY A 344 15.94 -20.79 -23.94
C GLY A 344 16.47 -20.71 -22.52
N SER A 345 16.72 -21.90 -21.95
CA SER A 345 17.21 -22.04 -20.60
C SER A 345 18.74 -22.05 -20.60
N MET A 346 19.31 -22.13 -19.40
CA MET A 346 20.76 -22.13 -19.28
C MET A 346 21.40 -23.35 -19.92
N ARG A 347 20.71 -24.50 -19.88
CA ARG A 347 21.26 -25.70 -20.49
C ARG A 347 21.39 -25.56 -22.00
N ASP A 348 20.44 -24.88 -22.64
CA ASP A 348 20.53 -24.65 -24.07
C ASP A 348 21.77 -23.81 -24.40
N ILE A 349 22.07 -22.81 -23.58
CA ILE A 349 23.27 -22.02 -23.78
C ILE A 349 24.52 -22.86 -23.54
N ARG A 350 24.48 -23.74 -22.54
CA ARG A 350 25.61 -24.61 -22.27
C ARG A 350 25.86 -25.58 -23.42
N GLU A 351 24.81 -25.92 -24.17
CA GLU A 351 24.95 -26.88 -25.27
C GLU A 351 25.37 -26.21 -26.57
N ASN A 352 24.85 -25.01 -26.85
CA ASN A 352 25.12 -24.31 -28.09
C ASN A 352 26.18 -23.23 -27.92
N PHE A 353 27.20 -23.50 -27.10
CA PHE A 353 28.23 -22.51 -26.81
C PHE A 353 28.96 -22.09 -28.08
N GLN A 354 29.45 -23.06 -28.85
CA GLN A 354 30.24 -22.77 -30.04
C GLN A 354 29.44 -22.08 -31.13
N ASP A 355 28.12 -22.06 -31.05
CA ASP A 355 27.29 -21.34 -32.00
C ASP A 355 26.87 -19.97 -31.49
N LEU A 356 26.49 -19.87 -30.23
CA LEU A 356 26.15 -18.58 -29.65
C LEU A 356 27.35 -17.64 -29.63
N MET A 357 28.54 -18.18 -29.34
CA MET A 357 29.75 -17.36 -29.38
C MET A 357 29.99 -16.82 -30.79
N GLN A 358 29.79 -17.66 -31.81
CA GLN A 358 29.97 -17.20 -33.19
C GLN A 358 28.94 -16.14 -33.55
N TYR A 359 27.69 -16.31 -33.11
CA TYR A 359 26.69 -15.27 -33.36
C TYR A 359 27.07 -13.96 -32.71
N CYS A 360 27.53 -14.01 -31.46
CA CYS A 360 27.95 -12.79 -30.77
C CYS A 360 29.14 -12.16 -31.48
N ALA A 361 30.08 -12.97 -31.96
CA ALA A 361 31.23 -12.44 -32.68
C ALA A 361 30.80 -11.77 -33.98
N ARG A 362 29.84 -12.35 -34.68
CA ARG A 362 29.35 -11.72 -35.89
C ARG A 362 28.69 -10.38 -35.59
N ASP A 363 27.91 -10.32 -34.49
CA ASP A 363 27.35 -9.03 -34.10
C ASP A 363 28.43 -8.02 -33.74
N VAL A 364 29.48 -8.46 -33.05
CA VAL A 364 30.58 -7.57 -32.70
C VAL A 364 31.25 -7.02 -33.95
N TRP A 365 31.50 -7.88 -34.93
CA TRP A 365 32.14 -7.43 -36.16
C TRP A 365 31.23 -6.51 -36.96
N ALA A 366 29.92 -6.75 -36.94
CA ALA A 366 28.99 -5.83 -37.57
C ALA A 366 29.05 -4.46 -36.91
N THR A 367 29.09 -4.43 -35.58
CA THR A 367 29.22 -3.16 -34.87
C THR A 367 30.54 -2.47 -35.21
N PHE A 368 31.61 -3.26 -35.35
CA PHE A 368 32.92 -2.70 -35.69
C PHE A 368 32.88 -2.05 -37.07
N GLU A 369 32.29 -2.73 -38.05
CA GLU A 369 32.20 -2.16 -39.39
C GLU A 369 31.31 -0.92 -39.42
N VAL A 370 30.20 -0.95 -38.67
CA VAL A 370 29.34 0.23 -38.57
C VAL A 370 30.12 1.39 -37.97
N PHE A 371 30.89 1.14 -36.91
CA PHE A 371 31.69 2.19 -36.30
C PHE A 371 32.71 2.75 -37.28
N GLN A 372 33.36 1.86 -38.04
CA GLN A 372 34.34 2.31 -39.03
C GLN A 372 33.70 3.21 -40.06
N GLN A 373 32.53 2.85 -40.57
CA GLN A 373 31.87 3.65 -41.58
C GLN A 373 31.08 4.82 -41.00
N GLN A 374 30.99 4.92 -39.67
CA GLN A 374 30.15 5.90 -39.02
C GLN A 374 30.91 7.02 -38.31
N LEU A 375 32.09 6.74 -37.77
CA LEU A 375 32.81 7.76 -37.01
C LEU A 375 33.16 8.99 -37.84
N PRO A 376 33.80 8.88 -39.00
CA PRO A 376 34.14 10.11 -39.75
C PRO A 376 32.92 10.89 -40.20
N LEU A 377 31.84 10.20 -40.59
CA LEU A 377 30.64 10.89 -41.07
C LEU A 377 30.01 11.73 -39.96
N PHE A 378 29.97 11.19 -38.74
CA PHE A 378 29.42 11.94 -37.61
C PHE A 378 30.24 13.19 -37.33
N LEU A 379 31.57 13.07 -37.40
CA LEU A 379 32.42 14.24 -37.20
C LEU A 379 32.24 15.26 -38.32
N GLU A 380 31.99 14.80 -39.54
CA GLU A 380 31.75 15.73 -40.64
C GLU A 380 30.38 16.39 -40.56
N ARG A 381 29.43 15.76 -39.87
CA ARG A 381 28.10 16.35 -39.70
C ARG A 381 27.93 17.08 -38.37
N CYS A 382 28.76 16.78 -37.37
CA CYS A 382 28.76 17.49 -36.09
C CYS A 382 30.19 17.92 -35.78
N PRO A 383 30.67 18.97 -36.46
CA PRO A 383 32.10 19.30 -36.38
C PRO A 383 32.53 19.83 -35.02
N HIS A 384 31.66 20.51 -34.29
CA HIS A 384 32.06 21.14 -33.04
C HIS A 384 32.38 20.06 -32.00
N PRO A 385 33.57 20.07 -31.40
CA PRO A 385 33.90 19.02 -30.43
C PRO A 385 33.06 19.07 -29.16
N VAL A 386 32.36 20.17 -28.92
CA VAL A 386 31.47 20.25 -27.76
C VAL A 386 30.40 19.17 -27.81
N THR A 387 29.84 18.93 -29.01
CA THR A 387 28.82 17.91 -29.15
C THR A 387 29.36 16.53 -28.80
N LEU A 388 30.56 16.20 -29.28
CA LEU A 388 31.14 14.90 -29.01
C LEU A 388 31.48 14.74 -27.53
N ALA A 389 32.04 15.78 -26.91
CA ALA A 389 32.37 15.69 -25.49
C ALA A 389 31.10 15.56 -24.64
N GLY A 390 30.05 16.29 -25.01
CA GLY A 390 28.79 16.16 -24.30
C GLY A 390 28.16 14.80 -24.46
N MET A 391 28.27 14.21 -25.66
CA MET A 391 27.77 12.85 -25.86
C MET A 391 28.56 11.84 -25.04
N LEU A 392 29.89 12.02 -24.97
CA LEU A 392 30.69 11.13 -24.14
C LEU A 392 30.36 11.29 -22.66
N GLU A 393 29.97 12.48 -22.23
CA GLU A 393 29.64 12.69 -20.83
C GLU A 393 28.22 12.27 -20.48
N MET A 394 27.31 12.27 -21.46
CA MET A 394 25.95 11.81 -21.20
C MET A 394 25.86 10.30 -21.06
N GLY A 395 26.80 9.57 -21.65
CA GLY A 395 26.79 8.13 -21.49
C GLY A 395 27.05 7.70 -20.05
N VAL A 396 27.90 8.44 -19.35
CA VAL A 396 28.28 8.07 -17.97
C VAL A 396 27.25 8.73 -17.06
N SER A 397 26.13 8.04 -16.88
CA SER A 397 25.13 8.40 -15.88
C SER A 397 25.26 7.47 -14.68
N TYR A 398 24.83 7.96 -13.52
CA TYR A 398 25.05 7.23 -12.28
C TYR A 398 23.96 7.64 -11.30
N LEU A 399 23.11 6.69 -10.93
CA LEU A 399 22.04 6.95 -9.96
C LEU A 399 22.31 6.17 -8.69
N PRO A 400 22.85 6.80 -7.64
CA PRO A 400 23.13 6.07 -6.40
C PRO A 400 21.84 5.80 -5.64
N VAL A 401 21.62 4.55 -5.30
CA VAL A 401 20.45 4.13 -4.53
C VAL A 401 20.94 3.32 -3.34
N ASN A 402 20.08 3.24 -2.32
CA ASN A 402 20.43 2.55 -1.10
C ASN A 402 19.36 1.50 -0.75
N GLN A 403 19.43 0.96 0.46
CA GLN A 403 18.51 -0.12 0.85
C GLN A 403 17.05 0.33 0.81
N ASN A 404 16.78 1.63 0.81
CA ASN A 404 15.42 2.11 0.74
C ASN A 404 14.76 1.82 -0.60
N TRP A 405 15.51 1.43 -1.63
CA TRP A 405 14.90 1.10 -2.91
C TRP A 405 14.10 -0.20 -2.82
N GLU A 406 14.64 -1.21 -2.13
CA GLU A 406 13.91 -2.44 -1.95
C GLU A 406 12.65 -2.21 -1.12
N ARG A 407 12.75 -1.40 -0.08
CA ARG A 407 11.57 -1.07 0.71
C ARG A 407 10.55 -0.31 -0.12
N TYR A 408 11.02 0.57 -1.01
CA TYR A 408 10.12 1.28 -1.90
C TYR A 408 9.38 0.31 -2.80
N LEU A 409 10.09 -0.66 -3.38
CA LEU A 409 9.44 -1.65 -4.23
C LEU A 409 8.40 -2.44 -3.44
N THR A 410 8.77 -2.90 -2.24
CA THR A 410 7.87 -3.73 -1.45
C THR A 410 6.63 -2.95 -1.03
N GLU A 411 6.81 -1.73 -0.54
CA GLU A 411 5.68 -0.93 -0.05
C GLU A 411 4.91 -0.25 -1.16
N ALA A 412 5.41 -0.26 -2.39
CA ALA A 412 4.59 0.12 -3.52
C ALA A 412 3.77 -1.04 -4.05
N GLN A 413 4.35 -2.24 -4.13
CA GLN A 413 3.58 -3.39 -4.56
C GLN A 413 2.50 -3.77 -3.55
N ASN A 414 2.81 -3.74 -2.26
CA ASN A 414 1.80 -4.05 -1.25
C ASN A 414 0.67 -3.03 -1.27
N THR A 415 0.99 -1.75 -1.38
CA THR A 415 -0.04 -0.72 -1.42
C THR A 415 -0.81 -0.72 -2.73
N TYR A 416 -0.23 -1.25 -3.80
CA TYR A 416 -0.98 -1.46 -5.02
C TYR A 416 -1.94 -2.64 -4.91
N GLU A 417 -1.48 -3.74 -4.33
CA GLU A 417 -2.35 -4.89 -4.13
C GLU A 417 -3.51 -4.57 -3.19
N GLU A 418 -3.23 -3.84 -2.11
CA GLU A 418 -4.29 -3.51 -1.15
C GLU A 418 -5.35 -2.61 -1.79
N LEU A 419 -4.92 -1.62 -2.57
CA LEU A 419 -5.89 -0.75 -3.23
C LEU A 419 -6.67 -1.50 -4.30
N GLN A 420 -6.02 -2.40 -5.04
CA GLN A 420 -6.74 -3.19 -6.02
C GLN A 420 -7.77 -4.10 -5.35
N ARG A 421 -7.40 -4.70 -4.23
CA ARG A 421 -8.31 -5.55 -3.48
C ARG A 421 -9.47 -4.74 -2.91
N GLU A 422 -9.20 -3.52 -2.45
CA GLU A 422 -10.28 -2.67 -1.97
C GLU A 422 -11.24 -2.30 -3.10
N MET A 423 -10.71 -2.02 -4.28
CA MET A 423 -11.58 -1.75 -5.42
C MET A 423 -12.42 -2.97 -5.77
N LYS A 424 -11.80 -4.15 -5.74
CA LYS A 424 -12.55 -5.38 -6.02
C LYS A 424 -13.64 -5.60 -4.98
N LYS A 425 -13.35 -5.34 -3.72
CA LYS A 425 -14.37 -5.46 -2.67
C LYS A 425 -15.50 -4.47 -2.90
N SER A 426 -15.19 -3.24 -3.32
CA SER A 426 -16.23 -2.27 -3.61
C SER A 426 -17.10 -2.73 -4.77
N LEU A 427 -16.48 -3.31 -5.80
CA LEU A 427 -17.25 -3.81 -6.93
C LEU A 427 -18.15 -4.97 -6.52
N MET A 428 -17.64 -5.89 -5.70
CA MET A 428 -18.46 -7.00 -5.21
C MET A 428 -19.61 -6.48 -4.37
N ASP A 429 -19.36 -5.49 -3.50
CA ASP A 429 -20.42 -4.92 -2.69
C ASP A 429 -21.47 -4.24 -3.55
N LEU A 430 -21.06 -3.55 -4.60
CA LEU A 430 -22.01 -2.93 -5.50
C LEU A 430 -22.78 -3.95 -6.32
N ALA A 431 -22.18 -5.12 -6.55
CA ALA A 431 -22.89 -6.20 -7.23
C ALA A 431 -23.93 -6.84 -6.31
N ASN A 432 -23.59 -7.02 -5.03
CA ASN A 432 -24.53 -7.63 -4.09
C ASN A 432 -25.77 -6.76 -3.91
N ASP A 433 -25.59 -5.44 -3.82
CA ASP A 433 -26.73 -4.53 -3.71
C ASP A 433 -27.56 -4.46 -4.98
N ALA A 434 -27.07 -5.00 -6.09
CA ALA A 434 -27.81 -4.96 -7.35
C ALA A 434 -28.84 -6.06 -7.46
N CYS A 435 -28.66 -7.18 -6.75
CA CYS A 435 -29.60 -8.28 -6.84
C CYS A 435 -31.00 -7.90 -6.38
N GLN A 436 -31.09 -6.98 -5.42
CA GLN A 436 -32.37 -6.65 -4.79
C GLN A 436 -33.34 -5.95 -5.73
N LEU A 437 -32.89 -5.49 -6.90
CA LEU A 437 -33.80 -4.90 -7.86
C LEU A 437 -34.69 -5.93 -8.54
N LEU A 438 -34.41 -7.23 -8.35
CA LEU A 438 -35.26 -8.26 -8.93
C LEU A 438 -36.64 -8.26 -8.29
N SER A 439 -36.71 -8.05 -6.99
CA SER A 439 -38.00 -8.01 -6.30
C SER A 439 -38.87 -6.91 -6.86
N GLY A 440 -40.12 -7.25 -7.19
CA GLY A 440 -41.03 -6.30 -7.78
C GLY A 440 -40.64 -5.83 -9.17
N GLU A 441 -39.70 -6.50 -9.82
CA GLU A 441 -39.22 -6.12 -11.15
C GLU A 441 -38.77 -4.67 -11.19
N ARG A 442 -38.07 -4.24 -10.14
CA ARG A 442 -37.55 -2.88 -10.11
C ARG A 442 -36.37 -2.69 -11.05
N TYR A 443 -35.70 -3.77 -11.47
CA TYR A 443 -34.56 -3.63 -12.36
C TYR A 443 -34.95 -3.06 -13.71
N LYS A 444 -36.22 -3.15 -14.10
CA LYS A 444 -36.66 -2.59 -15.36
C LYS A 444 -36.61 -1.08 -15.37
N GLU A 445 -36.44 -0.44 -14.21
CA GLU A 445 -36.32 1.00 -14.13
C GLU A 445 -34.89 1.48 -13.94
N ASP A 446 -33.95 0.57 -13.68
CA ASP A 446 -32.56 0.96 -13.50
C ASP A 446 -31.93 1.28 -14.85
N PRO A 447 -31.37 2.48 -15.03
CA PRO A 447 -30.80 2.84 -16.33
C PRO A 447 -29.63 1.98 -16.78
N TRP A 448 -28.98 1.25 -15.86
CA TRP A 448 -27.79 0.49 -16.19
C TRP A 448 -28.00 -1.02 -16.20
N LEU A 449 -28.85 -1.55 -15.32
CA LEU A 449 -29.03 -2.99 -15.19
C LEU A 449 -30.28 -3.50 -15.89
N TRP A 450 -30.92 -2.68 -16.73
CA TRP A 450 -32.18 -3.09 -17.35
C TRP A 450 -31.96 -4.17 -18.40
N ASP A 451 -30.84 -4.14 -19.13
CA ASP A 451 -30.62 -5.04 -20.25
C ASP A 451 -29.89 -6.31 -19.89
N LEU A 452 -29.55 -6.51 -18.61
CA LEU A 452 -28.88 -7.74 -18.20
C LEU A 452 -29.88 -8.89 -18.15
N GLU A 453 -29.39 -10.06 -17.73
CA GLU A 453 -30.22 -11.26 -17.60
C GLU A 453 -30.60 -11.45 -16.13
N TRP A 454 -31.89 -11.34 -15.84
CA TRP A 454 -32.41 -11.49 -14.48
C TRP A 454 -33.23 -12.76 -14.30
N ASP A 455 -33.09 -13.72 -15.20
CA ASP A 455 -33.90 -14.93 -15.13
C ASP A 455 -33.52 -15.77 -13.93
N LEU A 456 -34.51 -16.47 -13.37
CA LEU A 456 -34.31 -17.38 -12.26
C LEU A 456 -34.59 -18.81 -12.72
N GLN A 457 -33.63 -19.70 -12.51
CA GLN A 457 -33.82 -21.10 -12.86
C GLN A 457 -34.58 -21.82 -11.75
N GLU A 458 -35.63 -22.53 -12.14
CA GLU A 458 -36.39 -23.30 -11.17
C GLU A 458 -35.56 -24.48 -10.67
N PHE A 459 -35.64 -24.73 -9.37
CA PHE A 459 -34.88 -25.83 -8.78
C PHE A 459 -35.40 -27.17 -9.28
N LYS A 460 -34.49 -28.11 -9.47
CA LYS A 460 -34.81 -29.44 -9.98
C LYS A 460 -34.59 -30.44 -8.86
N GLN A 461 -35.67 -30.75 -8.13
CA GLN A 461 -35.56 -31.66 -6.99
C GLN A 461 -35.44 -33.11 -7.44
N LYS A 462 -36.12 -33.48 -8.53
CA LYS A 462 -36.17 -34.86 -9.00
C LYS A 462 -36.68 -35.81 -7.91
N GLN A 490 -47.15 -23.62 25.76
CA GLN A 490 -47.63 -24.22 27.00
C GLN A 490 -46.94 -23.61 28.20
N GLU A 491 -47.06 -24.28 29.34
CA GLU A 491 -46.45 -23.81 30.59
C GLU A 491 -44.96 -24.15 30.59
N ASP A 492 -44.31 -23.98 31.73
CA ASP A 492 -42.89 -24.30 31.85
C ASP A 492 -42.78 -25.77 32.22
N PRO A 493 -42.24 -26.63 31.35
CA PRO A 493 -42.08 -28.04 31.70
C PRO A 493 -41.14 -28.26 32.88
N GLY A 494 -40.13 -27.41 33.03
CA GLY A 494 -39.17 -27.55 34.10
C GLY A 494 -37.82 -28.00 33.58
N PRO A 495 -36.93 -28.38 34.49
CA PRO A 495 -35.60 -28.83 34.10
C PRO A 495 -35.62 -30.29 33.68
N PRO A 496 -34.97 -30.62 32.57
CA PRO A 496 -34.83 -32.04 32.20
C PRO A 496 -33.93 -32.77 33.19
N SER A 497 -34.22 -34.07 33.35
CA SER A 497 -33.42 -34.89 34.24
C SER A 497 -32.02 -35.12 33.63
N GLU A 498 -31.19 -35.85 34.37
CA GLU A 498 -29.82 -36.08 33.94
C GLU A 498 -29.77 -36.87 32.63
N GLU A 499 -30.63 -37.88 32.48
CA GLU A 499 -30.65 -38.70 31.29
C GLU A 499 -31.56 -38.15 30.20
N GLU A 500 -32.57 -37.35 30.56
CA GLU A 500 -33.50 -36.84 29.55
C GLU A 500 -32.81 -35.88 28.58
N GLU A 501 -31.88 -35.07 29.07
CA GLU A 501 -31.16 -34.16 28.18
C GLU A 501 -30.31 -34.93 27.18
N LEU A 502 -29.63 -35.99 27.63
CA LEU A 502 -28.87 -36.83 26.72
C LEU A 502 -29.78 -37.52 25.73
N GLN A 503 -30.95 -37.98 26.19
CA GLN A 503 -31.90 -38.60 25.28
C GLN A 503 -32.36 -37.62 24.21
N ARG A 504 -32.66 -36.38 24.60
CA ARG A 504 -33.07 -35.38 23.63
C ARG A 504 -31.96 -35.08 22.63
N SER A 505 -30.73 -34.94 23.12
CA SER A 505 -29.60 -34.67 22.23
C SER A 505 -29.40 -35.82 21.24
N VAL A 506 -29.49 -37.07 21.72
CA VAL A 506 -29.28 -38.22 20.86
C VAL A 506 -30.40 -38.34 19.83
N THR A 507 -31.64 -38.11 20.26
CA THR A 507 -32.76 -38.19 19.32
C THR A 507 -32.77 -37.05 18.32
N ALA A 508 -32.13 -35.93 18.64
CA ALA A 508 -31.96 -34.88 17.64
C ALA A 508 -30.82 -35.21 16.68
N HIS A 509 -29.71 -35.73 17.21
CA HIS A 509 -28.55 -36.03 16.37
C HIS A 509 -28.84 -37.17 15.41
N ASN A 510 -29.50 -38.23 15.88
CA ASN A 510 -29.83 -39.35 15.01
C ASN A 510 -30.83 -38.94 13.93
N ARG A 511 -31.81 -38.10 14.29
CA ARG A 511 -32.74 -37.60 13.29
C ARG A 511 -32.02 -36.73 12.26
N LEU A 512 -31.05 -35.93 12.70
CA LEU A 512 -30.27 -35.12 11.78
C LEU A 512 -29.47 -35.99 10.82
N GLN A 513 -28.81 -37.03 11.35
CA GLN A 513 -28.03 -37.91 10.50
C GLN A 513 -28.90 -38.79 9.61
N GLN A 514 -30.17 -38.99 9.97
CA GLN A 514 -31.08 -39.73 9.11
C GLN A 514 -31.38 -38.96 7.83
N LEU A 515 -31.39 -37.62 7.90
CA LEU A 515 -31.61 -36.81 6.71
C LEU A 515 -30.45 -36.91 5.72
N ARG A 516 -29.29 -37.38 6.16
CA ARG A 516 -28.16 -37.54 5.24
C ARG A 516 -28.48 -38.55 4.15
N SER A 517 -29.31 -39.55 4.45
CA SER A 517 -29.65 -40.57 3.47
C SER A 517 -30.42 -40.02 2.28
N THR A 518 -30.94 -38.80 2.38
CA THR A 518 -31.62 -38.16 1.25
C THR A 518 -30.67 -37.63 0.20
N THR A 519 -29.36 -37.68 0.46
CA THR A 519 -28.38 -37.23 -0.52
C THR A 519 -28.40 -38.06 -1.79
N ASP A 520 -28.93 -39.29 -1.71
CA ASP A 520 -29.04 -40.12 -2.91
C ASP A 520 -29.95 -39.48 -3.95
N LEU A 521 -31.06 -38.89 -3.51
CA LEU A 521 -31.96 -38.20 -4.43
C LEU A 521 -31.32 -36.95 -5.02
N LEU A 522 -30.31 -36.39 -4.36
CA LEU A 522 -29.64 -35.20 -4.88
C LEU A 522 -28.90 -35.55 -6.17
N PRO A 523 -28.97 -34.68 -7.18
CA PRO A 523 -28.26 -34.96 -8.44
C PRO A 523 -26.76 -35.05 -8.22
N LYS A 524 -26.11 -35.86 -9.06
CA LYS A 524 -24.67 -36.06 -8.93
C LYS A 524 -23.90 -34.76 -9.15
N ARG A 525 -24.32 -33.97 -10.15
CA ARG A 525 -23.70 -32.67 -10.38
C ARG A 525 -24.61 -31.58 -9.85
N PRO A 526 -24.23 -30.88 -8.79
CA PRO A 526 -25.14 -29.89 -8.19
C PRO A 526 -25.38 -28.71 -9.12
N GLN A 527 -26.58 -28.16 -9.02
CA GLN A 527 -26.93 -26.96 -9.77
C GLN A 527 -26.24 -25.74 -9.16
N HIS A 528 -26.01 -24.73 -9.99
CA HIS A 528 -25.22 -23.55 -9.62
C HIS A 528 -26.16 -22.37 -9.42
N LEU A 529 -26.42 -22.05 -8.15
CA LEU A 529 -27.20 -20.89 -7.72
C LEU A 529 -28.43 -20.65 -8.58
N PRO A 530 -29.43 -21.54 -8.53
CA PRO A 530 -30.63 -21.33 -9.35
C PRO A 530 -31.48 -20.16 -8.92
N GLY A 531 -31.29 -19.64 -7.72
CA GLY A 531 -32.14 -18.56 -7.23
C GLY A 531 -31.63 -17.17 -7.48
N HIS A 532 -30.37 -17.02 -7.86
CA HIS A 532 -29.80 -15.73 -8.17
C HIS A 532 -30.06 -15.36 -9.63
N PRO A 533 -30.03 -14.08 -9.97
CA PRO A 533 -30.31 -13.67 -11.35
C PRO A 533 -29.27 -14.19 -12.33
N GLY A 534 -29.58 -14.04 -13.61
CA GLY A 534 -28.73 -14.63 -14.64
C GLY A 534 -27.35 -14.02 -14.69
N TRP A 535 -27.27 -12.69 -14.65
CA TRP A 535 -25.98 -12.02 -14.72
C TRP A 535 -25.13 -12.27 -13.49
N TYR A 536 -25.74 -12.67 -12.38
CA TYR A 536 -24.99 -12.88 -11.14
C TYR A 536 -24.41 -14.28 -11.06
N ARG A 537 -24.99 -15.25 -11.76
CA ARG A 537 -24.44 -16.61 -11.73
C ARG A 537 -23.08 -16.68 -12.40
N LYS A 538 -22.89 -15.92 -13.48
CA LYS A 538 -21.58 -15.91 -14.16
C LYS A 538 -20.50 -15.36 -13.24
N LEU A 539 -20.79 -14.27 -12.54
CA LEU A 539 -19.79 -13.65 -11.68
C LEU A 539 -19.40 -14.57 -10.53
N CYS A 540 -20.38 -15.20 -9.90
CA CYS A 540 -20.08 -16.05 -8.75
C CYS A 540 -19.50 -17.38 -9.21
N PRO A 541 -18.37 -17.81 -8.65
CA PRO A 541 -17.77 -19.09 -9.06
C PRO A 541 -18.62 -20.26 -8.61
N ARG A 542 -18.38 -21.41 -9.25
CA ARG A 542 -19.09 -22.62 -8.87
C ARG A 542 -18.56 -23.15 -7.55
N LEU A 543 -19.45 -23.76 -6.76
CA LEU A 543 -19.09 -24.24 -5.44
C LEU A 543 -18.04 -25.35 -5.52
N ASP A 544 -18.16 -26.22 -6.52
CA ASP A 544 -17.23 -27.33 -6.65
C ASP A 544 -15.82 -26.88 -7.05
N ASP A 545 -15.67 -25.64 -7.50
CA ASP A 545 -14.36 -25.15 -7.90
C ASP A 545 -13.43 -25.08 -6.69
N PRO A 546 -12.20 -25.61 -6.79
CA PRO A 546 -11.29 -25.56 -5.64
C PRO A 546 -10.88 -24.16 -5.22
N ALA A 547 -11.00 -23.17 -6.10
CA ALA A 547 -10.62 -21.79 -5.81
C ALA A 547 -11.83 -20.90 -5.60
N TRP A 548 -12.88 -21.45 -4.99
CA TRP A 548 -14.10 -20.69 -4.78
C TRP A 548 -13.90 -19.63 -3.70
N ALA A 549 -14.47 -18.45 -3.92
CA ALA A 549 -14.46 -17.36 -2.97
C ALA A 549 -15.86 -16.78 -2.84
N PRO A 550 -16.25 -16.33 -1.65
CA PRO A 550 -17.62 -15.86 -1.46
C PRO A 550 -17.92 -14.62 -2.28
N GLY A 551 -19.17 -14.50 -2.70
CA GLY A 551 -19.62 -13.37 -3.48
C GLY A 551 -19.20 -13.47 -4.92
N PRO A 552 -19.50 -12.45 -5.72
CA PRO A 552 -19.09 -12.45 -7.13
C PRO A 552 -17.58 -12.26 -7.27
N SER A 553 -16.82 -13.31 -6.98
CA SER A 553 -15.37 -13.20 -6.90
C SER A 553 -14.71 -13.05 -8.26
N LEU A 554 -15.43 -13.25 -9.36
CA LEU A 554 -14.86 -13.15 -10.70
C LEU A 554 -15.18 -11.82 -11.37
N LEU A 555 -15.23 -10.75 -10.59
CA LEU A 555 -15.59 -9.44 -11.10
C LEU A 555 -14.34 -8.59 -11.32
N SER A 556 -14.30 -7.88 -12.44
CA SER A 556 -13.16 -7.04 -12.78
C SER A 556 -13.63 -5.87 -13.63
N LEU A 557 -12.79 -4.85 -13.72
CA LEU A 557 -13.14 -3.65 -14.48
C LEU A 557 -13.32 -3.94 -15.96
N GLN A 558 -12.67 -5.00 -16.46
CA GLN A 558 -12.70 -5.27 -17.90
C GLN A 558 -14.05 -5.76 -18.36
N MET A 559 -14.81 -6.39 -17.47
CA MET A 559 -16.10 -6.96 -17.85
C MET A 559 -17.09 -5.85 -18.23
N ARG A 560 -18.05 -6.20 -19.08
CA ARG A 560 -19.04 -5.24 -19.55
C ARG A 560 -20.12 -4.95 -18.54
N VAL A 561 -20.08 -5.59 -17.37
CA VAL A 561 -21.07 -5.31 -16.33
C VAL A 561 -20.52 -4.29 -15.32
N THR A 562 -19.20 -4.17 -15.19
CA THR A 562 -18.64 -3.22 -14.24
C THR A 562 -19.02 -1.78 -14.55
N PRO A 563 -18.97 -1.27 -15.78
CA PRO A 563 -19.49 0.07 -16.05
C PRO A 563 -21.00 0.18 -15.88
N LYS A 564 -21.69 -0.93 -15.63
CA LYS A 564 -23.11 -0.93 -15.34
C LYS A 564 -23.39 -0.95 -13.84
N LEU A 565 -22.65 -1.76 -13.08
CA LEU A 565 -22.80 -1.73 -11.63
C LEU A 565 -22.41 -0.38 -11.06
N MET A 566 -21.27 0.15 -11.49
CA MET A 566 -20.81 1.46 -11.02
C MET A 566 -21.70 2.60 -11.49
N ALA A 567 -22.60 2.35 -12.45
CA ALA A 567 -23.50 3.36 -12.99
C ALA A 567 -22.73 4.57 -13.53
N LEU A 568 -21.65 4.29 -14.27
CA LEU A 568 -20.82 5.35 -14.82
C LEU A 568 -21.65 6.30 -15.67
N THR A 569 -21.46 7.60 -15.45
CA THR A 569 -22.11 8.63 -16.24
C THR A 569 -21.05 9.46 -16.93
N TRP A 570 -21.15 9.57 -18.25
CA TRP A 570 -20.26 10.42 -19.04
C TRP A 570 -20.97 11.76 -19.24
N ASP A 571 -20.50 12.79 -18.52
CA ASP A 571 -21.12 14.10 -18.54
C ASP A 571 -22.60 14.02 -18.18
N GLY A 572 -22.92 13.18 -17.19
CA GLY A 572 -24.30 13.01 -16.78
C GLY A 572 -25.11 12.09 -17.66
N PHE A 573 -24.48 11.29 -18.52
CA PHE A 573 -25.18 10.37 -19.39
C PHE A 573 -24.77 8.94 -19.05
N PRO A 574 -25.72 8.04 -18.81
CA PRO A 574 -25.35 6.66 -18.46
C PRO A 574 -24.65 5.96 -19.61
N LEU A 575 -23.63 5.19 -19.28
CA LEU A 575 -22.93 4.41 -20.29
C LEU A 575 -23.79 3.25 -20.77
N HIS A 576 -23.49 2.78 -21.98
CA HIS A 576 -24.23 1.69 -22.59
C HIS A 576 -23.32 1.01 -23.59
N TYR A 577 -23.46 -0.31 -23.71
CA TYR A 577 -22.63 -1.09 -24.62
C TYR A 577 -23.49 -1.70 -25.71
N SER A 578 -23.05 -1.50 -26.96
CA SER A 578 -23.64 -2.17 -28.11
C SER A 578 -22.56 -2.95 -28.83
N ASP A 579 -22.89 -4.18 -29.24
CA ASP A 579 -21.90 -5.06 -29.82
C ASP A 579 -21.33 -4.51 -31.12
N SER A 580 -22.15 -3.75 -31.87
CA SER A 580 -21.72 -3.23 -33.16
C SER A 580 -21.00 -1.89 -33.08
N HIS A 581 -20.96 -1.26 -31.91
CA HIS A 581 -20.32 0.05 -31.81
C HIS A 581 -19.51 0.22 -30.52
N GLY A 582 -19.22 -0.86 -29.81
CA GLY A 582 -18.46 -0.72 -28.58
C GLY A 582 -19.26 0.02 -27.52
N TRP A 583 -18.54 0.75 -26.66
CA TRP A 583 -19.18 1.50 -25.60
C TRP A 583 -19.73 2.83 -26.11
N GLY A 584 -20.45 3.52 -25.24
CA GLY A 584 -21.04 4.79 -25.58
C GLY A 584 -22.19 5.19 -24.67
N TYR A 585 -22.25 6.46 -24.29
CA TYR A 585 -23.26 6.91 -23.36
C TYR A 585 -24.58 7.15 -24.07
N LEU A 586 -25.64 7.27 -23.27
CA LEU A 586 -27.00 7.52 -23.76
C LEU A 586 -27.45 8.89 -23.30
N VAL A 587 -27.86 9.73 -24.24
CA VAL A 587 -28.37 11.07 -23.95
C VAL A 587 -29.89 11.01 -23.98
N PRO A 588 -30.57 11.24 -22.86
CA PRO A 588 -32.03 11.09 -22.82
C PRO A 588 -32.77 12.23 -23.50
N GLY A 589 -34.10 12.21 -23.41
CA GLY A 589 -34.94 13.24 -23.98
C GLY A 589 -35.64 12.85 -25.28
N ARG A 590 -35.17 11.81 -25.95
CA ARG A 590 -35.76 11.38 -27.21
C ARG A 590 -37.07 10.63 -26.98
N VAL A 608 -36.75 -6.40 -22.57
CA VAL A 608 -36.86 -5.38 -21.53
C VAL A 608 -36.64 -3.99 -22.12
N THR A 609 -37.69 -3.18 -22.14
CA THR A 609 -37.58 -1.81 -22.62
C THR A 609 -36.74 -0.98 -21.65
N CYS A 610 -35.86 -0.15 -22.20
CA CYS A 610 -34.99 0.67 -21.38
C CYS A 610 -35.80 1.72 -20.62
N PRO A 611 -35.38 2.07 -19.41
CA PRO A 611 -36.05 3.13 -18.62
C PRO A 611 -35.60 4.54 -19.02
N TYR A 612 -36.15 5.02 -20.13
CA TYR A 612 -35.77 6.34 -20.62
C TYR A 612 -36.17 7.43 -19.65
N ARG A 613 -37.31 7.27 -18.98
CA ARG A 613 -37.74 8.26 -17.99
C ARG A 613 -36.76 8.32 -16.82
N ALA A 614 -36.25 7.16 -16.39
CA ALA A 614 -35.26 7.15 -15.31
C ALA A 614 -33.98 7.84 -15.74
N ILE A 615 -33.56 7.64 -16.99
CA ILE A 615 -32.37 8.32 -17.49
C ILE A 615 -32.60 9.83 -17.53
N GLU A 616 -33.79 10.25 -17.95
CA GLU A 616 -34.11 11.67 -17.95
C GLU A 616 -34.07 12.24 -16.54
N SER A 617 -34.62 11.52 -15.57
CA SER A 617 -34.58 11.99 -14.18
C SER A 617 -33.16 12.07 -13.66
N LEU A 618 -32.33 11.08 -13.99
CA LEU A 618 -30.93 11.11 -13.56
C LEU A 618 -30.21 12.32 -14.17
N TYR A 619 -30.43 12.59 -15.45
CA TYR A 619 -29.76 13.72 -16.08
C TYR A 619 -30.25 15.04 -15.50
N ARG A 620 -31.55 15.15 -15.20
CA ARG A 620 -32.05 16.35 -14.55
C ARG A 620 -31.42 16.55 -13.19
N LYS A 621 -31.31 15.47 -12.40
CA LYS A 621 -30.65 15.58 -11.10
C LYS A 621 -29.20 16.02 -11.25
N HIS A 622 -28.49 15.44 -12.21
CA HIS A 622 -27.09 15.81 -12.41
C HIS A 622 -26.94 17.26 -12.84
N CYS A 623 -27.81 17.73 -13.74
CA CYS A 623 -27.72 19.11 -14.19
C CYS A 623 -28.07 20.08 -13.07
N LEU A 624 -29.07 19.74 -12.25
CA LEU A 624 -29.39 20.59 -11.10
C LEU A 624 -28.24 20.64 -10.10
N GLU A 625 -27.60 19.48 -9.83
CA GLU A 625 -26.50 19.46 -8.90
C GLU A 625 -25.22 20.04 -9.48
N GLN A 626 -25.11 20.12 -10.81
CA GLN A 626 -23.92 20.68 -11.45
C GLN A 626 -24.26 21.13 -12.86
N THR A 691 -29.14 16.28 -29.54
CA THR A 691 -29.44 17.62 -30.04
C THR A 691 -28.57 18.66 -29.36
N TYR A 692 -28.89 18.98 -28.11
CA TYR A 692 -28.09 19.96 -27.36
C TYR A 692 -26.68 19.44 -27.13
N HIS A 693 -26.53 18.17 -26.82
CA HIS A 693 -25.22 17.57 -26.62
C HIS A 693 -24.70 17.00 -27.92
N HIS A 694 -23.44 17.31 -28.24
CA HIS A 694 -22.79 16.83 -29.46
C HIS A 694 -21.60 15.98 -29.06
N GLY A 695 -21.48 14.80 -29.65
CA GLY A 695 -20.41 13.88 -29.33
C GLY A 695 -19.88 13.14 -30.54
N ASN A 696 -19.77 11.81 -30.43
CA ASN A 696 -19.27 11.01 -31.53
C ASN A 696 -20.33 10.72 -32.58
N GLY A 697 -21.58 11.14 -32.35
CA GLY A 697 -22.63 10.93 -33.31
C GLY A 697 -23.86 10.32 -32.68
N PRO A 698 -25.04 10.74 -33.13
CA PRO A 698 -26.28 10.17 -32.56
C PRO A 698 -26.38 8.66 -32.74
N TYR A 699 -25.89 8.14 -33.86
CA TYR A 699 -25.89 6.70 -34.13
C TYR A 699 -27.28 6.10 -33.96
N ASN A 700 -28.20 6.54 -34.83
CA ASN A 700 -29.58 6.07 -34.75
C ASN A 700 -29.72 4.61 -35.17
N ASP A 701 -28.67 4.00 -35.71
CA ASP A 701 -28.74 2.57 -36.04
C ASP A 701 -28.94 1.74 -34.78
N VAL A 702 -28.25 2.08 -33.69
CA VAL A 702 -28.46 1.44 -32.40
C VAL A 702 -29.64 2.17 -31.75
N ASN A 703 -30.81 1.53 -31.76
CA ASN A 703 -32.05 2.15 -31.29
C ASN A 703 -32.28 1.73 -29.84
N ILE A 704 -31.97 2.62 -28.90
CA ILE A 704 -32.33 2.46 -27.50
C ILE A 704 -33.55 3.36 -27.26
N PRO A 705 -34.73 2.79 -26.90
CA PRO A 705 -35.97 3.57 -26.89
C PRO A 705 -35.87 4.93 -26.21
N GLY A 706 -36.10 5.99 -26.97
CA GLY A 706 -36.06 7.33 -26.45
C GLY A 706 -34.69 7.79 -25.97
N CYS A 707 -33.63 7.41 -26.69
CA CYS A 707 -32.28 7.81 -26.31
C CYS A 707 -31.43 7.91 -27.57
N TRP A 708 -30.33 8.66 -27.45
CA TRP A 708 -29.33 8.78 -28.51
C TRP A 708 -28.02 8.17 -28.01
N PHE A 709 -27.42 7.31 -28.83
CA PHE A 709 -26.24 6.53 -28.44
C PHE A 709 -25.00 7.18 -29.05
N PHE A 710 -24.38 8.08 -28.30
CA PHE A 710 -23.12 8.70 -28.71
C PHE A 710 -21.97 7.83 -28.24
N LYS A 711 -21.10 7.45 -29.16
CA LYS A 711 -19.96 6.61 -28.81
C LYS A 711 -18.96 7.38 -27.96
N LEU A 712 -18.12 6.63 -27.25
CA LEU A 712 -17.05 7.25 -26.48
C LEU A 712 -15.94 7.70 -27.41
N PRO A 713 -15.38 8.89 -27.21
CA PRO A 713 -14.28 9.35 -28.07
C PRO A 713 -13.04 8.50 -27.92
N HIS A 714 -12.69 7.77 -28.98
CA HIS A 714 -11.49 6.94 -28.97
C HIS A 714 -10.29 7.74 -29.47
N LYS A 715 -9.13 7.44 -28.90
CA LYS A 715 -7.92 8.19 -29.27
C LYS A 715 -7.50 7.93 -30.70
N ASP A 716 -7.83 6.76 -31.24
CA ASP A 716 -7.45 6.42 -32.61
C ASP A 716 -8.36 7.10 -33.65
N GLY A 717 -9.42 7.77 -33.22
CA GLY A 717 -10.34 8.42 -34.12
C GLY A 717 -11.76 7.90 -33.97
N ASN A 718 -12.67 8.65 -34.58
CA ASN A 718 -14.10 8.34 -34.52
C ASN A 718 -14.49 7.14 -35.37
N ASN A 719 -13.54 6.49 -36.02
CA ASN A 719 -13.81 5.29 -36.81
C ASN A 719 -13.64 4.01 -36.02
N TYR A 720 -13.27 4.11 -34.75
CA TYR A 720 -13.00 2.94 -33.91
C TYR A 720 -13.90 2.97 -32.68
N ASN A 721 -14.18 1.79 -32.15
CA ASN A 721 -15.10 1.61 -31.02
C ASN A 721 -14.32 1.27 -29.77
N VAL A 722 -14.62 1.96 -28.68
CA VAL A 722 -13.92 1.76 -27.42
C VAL A 722 -14.38 0.44 -26.80
N GLY A 723 -13.42 -0.40 -26.42
CA GLY A 723 -13.74 -1.68 -25.82
C GLY A 723 -13.88 -1.62 -24.32
N SER A 724 -13.38 -0.55 -23.70
CA SER A 724 -13.45 -0.40 -22.26
C SER A 724 -13.34 1.07 -21.86
N PRO A 725 -14.30 1.59 -21.09
CA PRO A 725 -14.20 2.98 -20.62
C PRO A 725 -13.20 3.16 -19.49
N PHE A 726 -12.51 2.10 -19.07
CA PHE A 726 -11.48 2.19 -18.05
C PHE A 726 -10.07 2.16 -18.64
N ALA A 727 -9.95 2.33 -19.96
CA ALA A 727 -8.65 2.37 -20.60
C ALA A 727 -7.85 3.57 -20.12
N LYS A 728 -6.52 3.50 -20.27
CA LYS A 728 -5.65 4.55 -19.79
C LYS A 728 -5.92 5.90 -20.47
N ASP A 729 -6.58 5.90 -21.63
CA ASP A 729 -6.86 7.15 -22.32
C ASP A 729 -7.88 7.99 -21.59
N PHE A 730 -8.69 7.40 -20.71
CA PHE A 730 -9.80 8.10 -20.08
C PHE A 730 -9.49 8.66 -18.71
N LEU A 731 -8.26 8.47 -18.22
CA LEU A 731 -7.90 9.03 -16.91
C LEU A 731 -8.06 10.53 -16.84
N PRO A 732 -7.59 11.33 -17.82
CA PRO A 732 -7.89 12.78 -17.76
C PRO A 732 -9.37 13.07 -17.74
N LYS A 733 -10.17 12.28 -18.45
CA LYS A 733 -11.62 12.51 -18.45
C LYS A 733 -12.23 12.17 -17.10
N MET A 734 -11.70 11.14 -16.42
CA MET A 734 -12.13 10.85 -15.07
C MET A 734 -11.76 11.97 -14.12
N GLU A 735 -10.55 12.53 -14.26
CA GLU A 735 -10.12 13.59 -13.36
C GLU A 735 -10.87 14.89 -13.62
N ASP A 736 -11.21 15.17 -14.87
CA ASP A 736 -11.94 16.39 -15.19
C ASP A 736 -13.36 16.39 -14.64
N GLY A 737 -13.89 15.22 -14.29
CA GLY A 737 -15.25 15.12 -13.82
C GLY A 737 -16.28 14.77 -14.87
N THR A 738 -15.84 14.38 -16.07
CA THR A 738 -16.77 13.99 -17.12
C THR A 738 -17.22 12.54 -16.95
N LEU A 739 -16.26 11.62 -16.91
CA LEU A 739 -16.55 10.20 -16.67
C LEU A 739 -16.53 9.97 -15.17
N GLN A 740 -17.71 10.02 -14.56
CA GLN A 740 -17.84 9.90 -13.11
C GLN A 740 -18.84 8.81 -12.78
N ALA A 741 -18.57 8.09 -11.69
CA ALA A 741 -19.52 7.11 -11.18
C ALA A 741 -20.79 7.79 -10.72
N GLY A 742 -21.93 7.19 -11.05
CA GLY A 742 -23.21 7.79 -10.76
C GLY A 742 -23.52 7.87 -9.28
N PRO A 743 -24.54 8.65 -8.93
CA PRO A 743 -24.88 8.82 -7.51
C PRO A 743 -25.61 7.61 -6.94
N GLY A 744 -26.04 7.72 -5.68
CA GLY A 744 -26.72 6.64 -5.01
C GLY A 744 -25.84 5.75 -4.16
N GLY A 745 -24.55 6.07 -4.04
CA GLY A 745 -23.65 5.29 -3.23
C GLY A 745 -22.31 5.97 -3.10
N ALA A 746 -21.50 5.42 -2.19
CA ALA A 746 -20.15 5.92 -1.95
C ALA A 746 -19.10 4.88 -2.30
N SER A 747 -19.47 3.84 -3.04
CA SER A 747 -18.55 2.81 -3.47
C SER A 747 -18.17 2.90 -4.95
N GLY A 748 -19.01 3.53 -5.76
CA GLY A 748 -18.69 3.77 -7.14
C GLY A 748 -17.55 4.76 -7.31
N PRO A 749 -17.77 6.00 -6.87
CA PRO A 749 -16.69 7.00 -6.95
C PRO A 749 -15.43 6.58 -6.21
N ARG A 750 -15.56 5.83 -5.11
CA ARG A 750 -14.37 5.33 -4.43
C ARG A 750 -13.59 4.37 -5.33
N ALA A 751 -14.30 3.47 -6.01
CA ALA A 751 -13.63 2.57 -6.94
C ALA A 751 -12.98 3.34 -8.08
N LEU A 752 -13.66 4.37 -8.59
CA LEU A 752 -13.08 5.17 -9.67
C LEU A 752 -11.82 5.89 -9.21
N GLU A 753 -11.83 6.42 -7.98
CA GLU A 753 -10.65 7.11 -7.47
C GLU A 753 -9.51 6.13 -7.20
N ILE A 754 -9.83 4.91 -6.76
CA ILE A 754 -8.80 3.90 -6.59
C ILE A 754 -8.20 3.53 -7.95
N ASN A 755 -9.04 3.44 -8.98
CA ASN A 755 -8.54 3.21 -10.33
C ASN A 755 -7.60 4.32 -10.77
N LYS A 756 -7.97 5.58 -10.48
CA LYS A 756 -7.10 6.69 -10.83
C LYS A 756 -5.83 6.73 -10.00
N MET A 757 -5.82 6.13 -8.82
CA MET A 757 -4.69 6.23 -7.90
C MET A 757 -3.63 5.15 -8.10
N ILE A 758 -3.86 4.18 -8.97
CA ILE A 758 -2.89 3.10 -9.15
C ILE A 758 -2.54 2.93 -10.61
N SER A 759 -2.78 3.97 -11.43
CA SER A 759 -2.49 3.87 -12.85
C SER A 759 -0.99 3.81 -13.10
N PHE A 760 -0.22 4.68 -12.44
CA PHE A 760 1.22 4.75 -12.69
C PHE A 760 1.89 3.41 -12.39
N TRP A 761 1.61 2.84 -11.22
CA TRP A 761 2.25 1.57 -10.88
C TRP A 761 1.75 0.46 -11.79
N ARG A 762 0.46 0.48 -12.13
CA ARG A 762 -0.08 -0.54 -13.03
C ARG A 762 0.63 -0.52 -14.38
N ASN A 763 1.03 0.67 -14.84
CA ASN A 763 1.70 0.79 -16.13
C ASN A 763 3.22 0.64 -16.06
N ALA A 764 3.82 0.80 -14.87
CA ALA A 764 5.29 0.84 -14.80
C ALA A 764 5.91 -0.06 -13.75
N HIS A 765 5.16 -1.00 -13.17
CA HIS A 765 5.77 -1.85 -12.14
C HIS A 765 6.77 -2.81 -12.72
N LYS A 766 6.52 -3.33 -13.92
CA LYS A 766 7.48 -4.22 -14.57
C LYS A 766 8.80 -3.51 -14.83
N ARG A 767 8.74 -2.27 -15.33
CA ARG A 767 9.95 -1.51 -15.60
C ARG A 767 10.68 -1.16 -14.30
N ILE A 768 9.96 -0.60 -13.33
CA ILE A 768 10.61 -0.09 -12.13
C ILE A 768 11.17 -1.23 -11.27
N SER A 769 10.45 -2.35 -11.19
CA SER A 769 10.89 -3.44 -10.33
C SER A 769 11.96 -4.31 -10.99
N SER A 770 12.27 -4.09 -12.27
CA SER A 770 13.28 -4.86 -12.98
C SER A 770 14.57 -4.09 -13.18
N GLN A 771 14.72 -2.93 -12.54
CA GLN A 771 15.94 -2.16 -12.67
C GLN A 771 17.12 -2.93 -12.09
N MET A 772 18.26 -2.86 -12.78
CA MET A 772 19.45 -3.61 -12.36
C MET A 772 20.17 -2.80 -11.28
N VAL A 773 20.23 -3.36 -10.08
CA VAL A 773 20.89 -2.73 -8.94
C VAL A 773 22.04 -3.62 -8.52
N VAL A 774 23.25 -3.06 -8.48
CA VAL A 774 24.44 -3.78 -8.11
C VAL A 774 24.89 -3.26 -6.75
N TRP A 775 24.79 -4.10 -5.73
CA TRP A 775 25.08 -3.69 -4.35
C TRP A 775 26.59 -3.74 -4.14
N LEU A 776 27.20 -2.57 -4.09
CA LEU A 776 28.64 -2.49 -3.86
C LEU A 776 28.98 -3.00 -2.47
N PRO A 777 29.92 -3.92 -2.33
CA PRO A 777 30.38 -4.32 -1.00
C PRO A 777 31.16 -3.19 -0.33
N ARG A 778 31.27 -3.30 1.00
CA ARG A 778 31.96 -2.26 1.76
C ARG A 778 33.41 -2.11 1.33
N SER A 779 34.04 -3.21 0.88
CA SER A 779 35.42 -3.13 0.41
C SER A 779 35.55 -2.25 -0.82
N ALA A 780 34.48 -2.06 -1.58
CA ALA A 780 34.51 -1.24 -2.78
C ALA A 780 34.08 0.21 -2.53
N LEU A 781 33.82 0.57 -1.29
CA LEU A 781 33.36 1.94 -1.07
C LEU A 781 34.52 2.84 -0.63
N PRO A 782 34.52 4.09 -1.06
CA PRO A 782 35.59 5.01 -0.65
C PRO A 782 35.51 5.34 0.83
N ARG A 783 36.65 5.75 1.38
CA ARG A 783 36.73 6.06 2.81
C ARG A 783 35.82 7.23 3.20
N VAL A 784 35.47 8.09 2.25
CA VAL A 784 34.55 9.19 2.56
C VAL A 784 33.21 8.65 3.00
N VAL A 785 32.75 7.57 2.38
CA VAL A 785 31.45 7.01 2.71
C VAL A 785 31.51 6.06 3.90
N THR A 786 32.64 5.37 4.10
CA THR A 786 32.75 4.38 5.16
C THR A 786 33.09 4.98 6.51
N ARG A 787 33.30 6.30 6.59
CA ARG A 787 33.60 6.96 7.85
C ARG A 787 32.67 8.10 8.18
N HIS A 788 31.74 8.44 7.30
CA HIS A 788 30.79 9.50 7.58
C HIS A 788 29.87 9.08 8.72
N PRO A 789 29.47 10.02 9.58
CA PRO A 789 28.58 9.65 10.70
C PRO A 789 27.24 9.07 10.26
N SER A 790 26.78 9.41 9.05
CA SER A 790 25.52 8.88 8.54
C SER A 790 25.65 7.50 7.92
N PHE A 791 26.73 6.78 8.21
CA PHE A 791 26.99 5.46 7.63
C PHE A 791 26.68 4.38 8.67
N ASP A 792 25.86 3.41 8.26
CA ASP A 792 25.49 2.28 9.10
C ASP A 792 26.00 1.00 8.49
N GLU A 793 26.46 0.08 9.35
CA GLU A 793 27.01 -1.19 8.90
C GLU A 793 25.96 -2.20 8.48
N GLU A 794 24.68 -1.80 8.45
CA GLU A 794 23.61 -2.70 8.05
C GLU A 794 22.81 -2.16 6.86
N GLY A 795 23.39 -1.23 6.11
CA GLY A 795 22.73 -0.67 4.94
C GLY A 795 23.47 -1.07 3.67
N HIS A 796 22.72 -1.18 2.58
CA HIS A 796 23.27 -1.55 1.29
C HIS A 796 23.10 -0.40 0.32
N TYR A 797 24.18 -0.03 -0.35
CA TYR A 797 24.18 1.05 -1.33
C TYR A 797 24.48 0.48 -2.71
N GLY A 798 23.71 0.90 -3.70
CA GLY A 798 23.89 0.39 -5.05
C GLY A 798 24.01 1.48 -6.09
N ALA A 799 23.75 1.13 -7.35
CA ALA A 799 23.84 2.11 -8.43
C ALA A 799 23.01 1.62 -9.60
N ILE A 800 21.97 2.36 -9.94
CA ILE A 800 21.10 2.02 -11.07
C ILE A 800 21.62 2.85 -12.25
N LEU A 801 22.58 2.28 -12.98
CA LEU A 801 23.11 2.94 -14.16
C LEU A 801 22.03 3.00 -15.23
N PRO A 802 21.49 4.17 -15.55
CA PRO A 802 20.41 4.23 -16.54
C PRO A 802 20.90 3.72 -17.90
N GLN A 803 20.03 2.97 -18.56
CA GLN A 803 20.30 2.50 -19.91
C GLN A 803 19.84 3.52 -20.95
N VAL A 804 20.41 4.72 -20.84
CA VAL A 804 19.98 5.83 -21.68
C VAL A 804 20.56 5.71 -23.07
N VAL A 805 19.82 6.22 -24.05
CA VAL A 805 20.31 6.39 -25.41
C VAL A 805 20.65 7.86 -25.58
N THR A 806 21.94 8.18 -25.66
CA THR A 806 22.37 9.57 -25.61
C THR A 806 21.86 10.38 -26.79
N ALA A 807 21.39 9.72 -27.85
CA ALA A 807 20.71 10.37 -28.97
C ALA A 807 19.53 9.46 -29.32
N GLY A 808 18.38 9.75 -28.72
CA GLY A 808 17.24 8.86 -28.84
C GLY A 808 16.22 9.28 -29.88
N THR A 809 16.34 10.49 -30.42
CA THR A 809 15.42 10.99 -31.42
C THR A 809 16.21 11.70 -32.51
N ILE A 810 15.48 12.27 -33.47
CA ILE A 810 16.10 13.12 -34.48
C ILE A 810 16.68 14.38 -33.86
N THR A 811 16.21 14.75 -32.67
CA THR A 811 16.63 15.95 -31.97
C THR A 811 17.79 15.70 -31.02
N ARG A 812 18.33 14.48 -31.00
CA ARG A 812 19.50 14.09 -30.22
C ARG A 812 19.27 14.15 -28.71
N ARG A 813 18.03 14.20 -28.27
CA ARG A 813 17.73 14.21 -26.84
C ARG A 813 17.71 12.79 -26.30
N ALA A 814 18.25 12.61 -25.10
CA ALA A 814 18.34 11.29 -24.50
C ALA A 814 16.95 10.72 -24.24
N VAL A 815 16.82 9.41 -24.40
CA VAL A 815 15.54 8.71 -24.22
C VAL A 815 15.75 7.56 -23.26
N GLU A 816 14.99 7.56 -22.17
CA GLU A 816 14.95 6.46 -21.23
C GLU A 816 13.60 6.50 -20.53
N PRO A 817 12.72 5.53 -20.78
CA PRO A 817 11.34 5.64 -20.29
C PRO A 817 11.22 5.67 -18.78
N THR A 818 12.07 4.94 -18.05
CA THR A 818 11.91 4.85 -16.61
C THR A 818 12.25 6.16 -15.92
N TRP A 819 13.41 6.74 -16.25
CA TRP A 819 13.93 7.89 -15.52
C TRP A 819 13.69 9.21 -16.24
N LEU A 820 14.14 9.33 -17.48
CA LEU A 820 14.09 10.60 -18.20
C LEU A 820 12.67 10.87 -18.68
N THR A 821 11.81 11.22 -17.73
CA THR A 821 10.42 11.56 -18.01
C THR A 821 9.94 12.57 -16.99
N ALA A 822 8.87 13.28 -17.35
CA ALA A 822 8.30 14.33 -16.49
C ALA A 822 7.46 13.67 -15.40
N SER A 823 8.16 13.19 -14.37
CA SER A 823 7.52 12.52 -13.24
C SER A 823 7.85 13.26 -11.95
N ASN A 824 6.88 13.29 -11.05
CA ASN A 824 7.05 13.92 -9.75
C ASN A 824 6.04 13.30 -8.78
N ALA A 825 6.44 13.20 -7.52
CA ALA A 825 5.58 12.60 -6.50
C ALA A 825 4.26 13.36 -6.40
N ARG A 826 3.17 12.61 -6.37
CA ARG A 826 1.84 13.18 -6.29
C ARG A 826 1.09 12.60 -5.09
N PRO A 827 0.13 13.34 -4.54
CA PRO A 827 -0.62 12.82 -3.39
C PRO A 827 -1.59 11.69 -3.73
N ASP A 828 -1.81 11.40 -5.02
CA ASP A 828 -2.79 10.41 -5.43
C ASP A 828 -2.21 9.47 -6.48
N ARG A 829 -0.97 9.03 -6.29
CA ARG A 829 -0.33 8.07 -7.19
C ARG A 829 0.53 7.12 -6.36
N VAL A 830 0.38 5.83 -6.62
CA VAL A 830 1.08 4.80 -5.86
C VAL A 830 2.47 4.60 -6.44
N GLY A 831 3.49 4.68 -5.59
CA GLY A 831 4.86 4.44 -6.02
C GLY A 831 5.37 5.42 -7.04
N SER A 832 4.98 6.69 -6.95
CA SER A 832 5.43 7.72 -7.86
C SER A 832 6.62 8.51 -7.33
N GLU A 833 7.16 8.14 -6.17
CA GLU A 833 8.30 8.83 -5.57
C GLU A 833 9.62 8.15 -5.91
N LEU A 834 9.72 7.51 -7.09
CA LEU A 834 10.93 6.79 -7.43
C LEU A 834 12.13 7.72 -7.53
N LYS A 835 11.94 8.91 -8.10
CA LYS A 835 13.05 9.85 -8.21
C LYS A 835 13.52 10.32 -6.84
N ALA A 836 12.64 10.30 -5.85
CA ALA A 836 13.05 10.60 -4.48
C ALA A 836 13.83 9.47 -3.84
N MET A 837 13.88 8.31 -4.48
CA MET A 837 14.64 7.17 -3.97
C MET A 837 16.07 7.14 -4.48
N VAL A 838 16.47 8.11 -5.30
CA VAL A 838 17.86 8.21 -5.75
C VAL A 838 18.58 9.01 -4.68
N GLN A 839 19.03 8.31 -3.65
CA GLN A 839 19.60 8.94 -2.47
C GLN A 839 21.11 8.85 -2.52
N ALA A 840 21.78 9.99 -2.40
CA ALA A 840 23.23 10.03 -2.43
C ALA A 840 23.79 9.26 -1.23
N PRO A 841 24.93 8.61 -1.40
CA PRO A 841 25.53 7.86 -0.29
C PRO A 841 25.99 8.81 0.79
N PRO A 842 26.11 8.33 2.04
CA PRO A 842 26.55 9.21 3.13
C PRO A 842 27.93 9.77 2.88
N GLY A 843 28.00 11.10 2.80
CA GLY A 843 29.23 11.79 2.43
C GLY A 843 29.16 12.48 1.09
N TYR A 844 28.13 12.21 0.30
CA TYR A 844 27.95 12.85 -0.99
C TYR A 844 26.57 13.50 -1.02
N VAL A 845 26.45 14.56 -1.83
CA VAL A 845 25.21 15.33 -1.92
C VAL A 845 24.95 15.67 -3.38
N LEU A 846 23.70 15.51 -3.81
CA LEU A 846 23.32 15.67 -5.21
C LEU A 846 23.06 17.14 -5.50
N VAL A 847 24.14 17.87 -5.77
CA VAL A 847 24.03 19.25 -6.21
C VAL A 847 23.47 19.28 -7.63
N GLY A 848 22.55 20.20 -7.87
CA GLY A 848 21.95 20.32 -9.20
C GLY A 848 20.90 21.40 -9.21
N ALA A 849 20.56 21.84 -10.42
CA ALA A 849 19.58 22.89 -10.60
C ALA A 849 18.88 22.70 -11.94
N ASP A 850 17.71 23.32 -12.06
CA ASP A 850 16.87 23.19 -13.24
C ASP A 850 16.87 24.50 -14.01
N VAL A 851 17.02 24.42 -15.33
CA VAL A 851 17.02 25.60 -16.17
C VAL A 851 15.61 26.19 -16.24
N ASP A 852 15.53 27.51 -16.20
CA ASP A 852 14.24 28.21 -16.16
C ASP A 852 13.80 28.54 -17.58
N SER A 853 12.83 27.78 -18.09
CA SER A 853 12.27 27.98 -19.42
C SER A 853 13.36 28.00 -20.50
N GLN A 854 14.08 26.88 -20.58
CA GLN A 854 15.19 26.79 -21.52
C GLN A 854 14.71 26.90 -22.96
N GLU A 855 13.74 26.07 -23.34
CA GLU A 855 13.28 26.03 -24.71
C GLU A 855 12.40 27.21 -25.09
N LEU A 856 11.92 27.97 -24.10
CA LEU A 856 11.24 29.23 -24.38
C LEU A 856 12.25 30.34 -24.60
N TRP A 857 13.28 30.43 -23.76
CA TRP A 857 14.29 31.46 -23.92
C TRP A 857 15.13 31.25 -25.17
N ILE A 858 15.33 30.00 -25.60
CA ILE A 858 16.08 29.78 -26.83
C ILE A 858 15.31 30.35 -28.03
N ALA A 859 14.01 30.10 -28.09
CA ALA A 859 13.19 30.69 -29.14
C ALA A 859 13.18 32.21 -29.04
N ALA A 860 13.08 32.74 -27.81
CA ALA A 860 13.07 34.18 -27.63
C ALA A 860 14.36 34.82 -28.12
N VAL A 861 15.50 34.21 -27.80
CA VAL A 861 16.78 34.80 -28.20
C VAL A 861 16.99 34.63 -29.70
N LEU A 862 16.50 33.55 -30.30
CA LEU A 862 16.56 33.42 -31.75
C LEU A 862 15.76 34.53 -32.42
N GLY A 863 14.55 34.79 -31.93
CA GLY A 863 13.76 35.87 -32.48
C GLY A 863 14.40 37.22 -32.28
N ASP A 864 14.97 37.46 -31.10
CA ASP A 864 15.64 38.73 -30.84
C ASP A 864 16.84 38.93 -31.76
N ALA A 865 17.64 37.89 -31.97
CA ALA A 865 18.79 37.99 -32.86
C ALA A 865 18.35 38.22 -34.29
N HIS A 866 17.22 37.61 -34.70
CA HIS A 866 16.78 37.76 -36.08
C HIS A 866 16.17 39.13 -36.32
N PHE A 867 15.48 39.70 -35.33
CA PHE A 867 14.69 40.90 -35.58
C PHE A 867 15.55 42.17 -35.57
N ALA A 868 16.17 42.48 -34.43
CA ALA A 868 16.87 43.75 -34.29
C ALA A 868 18.23 43.66 -33.60
N GLY A 869 18.69 42.47 -33.22
CA GLY A 869 20.00 42.34 -32.62
C GLY A 869 20.09 42.72 -31.16
N MET A 870 18.96 42.91 -30.48
CA MET A 870 18.96 43.25 -29.06
C MET A 870 17.86 42.47 -28.37
N HIS A 871 18.08 42.19 -27.09
CA HIS A 871 17.10 41.43 -26.31
C HIS A 871 15.85 42.26 -26.06
N GLY A 872 14.70 41.60 -26.12
CA GLY A 872 13.44 42.27 -25.93
C GLY A 872 12.93 43.08 -27.10
N CYS A 873 13.61 43.01 -28.25
CA CYS A 873 13.12 43.73 -29.43
C CYS A 873 11.76 43.20 -29.86
N THR A 874 11.61 41.88 -29.89
CA THR A 874 10.30 41.29 -30.12
C THR A 874 9.48 41.32 -28.84
N ALA A 875 8.16 41.45 -28.99
CA ALA A 875 7.28 41.45 -27.82
C ALA A 875 7.33 40.13 -27.09
N PHE A 876 7.50 39.02 -27.82
CA PHE A 876 7.59 37.72 -27.18
C PHE A 876 8.82 37.62 -26.28
N GLY A 877 9.97 38.06 -26.79
CA GLY A 877 11.18 38.05 -25.97
C GLY A 877 11.08 38.99 -24.79
N TRP A 878 10.45 40.15 -24.98
CA TRP A 878 10.27 41.07 -23.87
C TRP A 878 9.36 40.48 -22.80
N MET A 879 8.29 39.80 -23.21
CA MET A 879 7.43 39.13 -22.24
C MET A 879 8.18 38.01 -21.51
N THR A 880 9.03 37.28 -22.24
CA THR A 880 9.81 36.22 -21.60
C THR A 880 10.78 36.79 -20.58
N LEU A 881 11.40 37.92 -20.88
CA LEU A 881 12.38 38.51 -19.96
C LEU A 881 11.70 39.21 -18.79
N GLN A 882 10.90 40.24 -19.07
CA GLN A 882 10.23 41.03 -18.04
C GLN A 882 8.84 40.46 -17.77
N GLY A 883 8.81 39.21 -17.35
CA GLY A 883 7.57 38.53 -17.05
C GLY A 883 7.58 37.89 -15.67
N ARG A 884 6.51 38.08 -14.92
CA ARG A 884 6.39 37.57 -13.56
C ARG A 884 5.29 36.52 -13.51
N LYS A 885 5.64 35.32 -13.05
CA LYS A 885 4.66 34.25 -12.93
C LYS A 885 3.60 34.60 -11.88
N SER A 886 4.03 35.14 -10.74
CA SER A 886 3.08 35.50 -9.69
C SER A 886 2.15 36.63 -10.14
N ARG A 887 2.70 37.64 -10.81
CA ARG A 887 1.91 38.78 -11.26
C ARG A 887 1.02 38.46 -12.45
N GLY A 888 1.26 37.34 -13.13
CA GLY A 888 0.45 36.97 -14.29
C GLY A 888 0.85 37.61 -15.59
N THR A 889 1.99 38.30 -15.63
CA THR A 889 2.46 38.95 -16.85
C THR A 889 3.13 37.98 -17.82
N ASP A 890 3.44 36.76 -17.38
CA ASP A 890 4.16 35.82 -18.23
C ASP A 890 3.29 35.37 -19.40
N LEU A 891 3.90 34.58 -20.29
CA LEU A 891 3.22 34.13 -21.50
C LEU A 891 2.06 33.19 -21.18
N HIS A 892 2.32 32.18 -20.34
CA HIS A 892 1.30 31.18 -20.06
C HIS A 892 0.09 31.79 -19.36
N SER A 893 0.32 32.69 -18.41
CA SER A 893 -0.80 33.32 -17.70
C SER A 893 -1.65 34.15 -18.64
N LYS A 894 -1.02 34.92 -19.52
CA LYS A 894 -1.78 35.71 -20.49
C LYS A 894 -2.54 34.82 -21.46
N THR A 895 -1.92 33.73 -21.90
CA THR A 895 -2.60 32.79 -22.79
C THR A 895 -3.83 32.20 -22.12
N ALA A 896 -3.67 31.75 -20.87
CA ALA A 896 -4.80 31.16 -20.14
C ALA A 896 -5.90 32.19 -19.90
N ALA A 897 -5.52 33.43 -19.60
CA ALA A 897 -6.52 34.48 -19.40
C ALA A 897 -7.28 34.76 -20.70
N THR A 898 -6.58 34.77 -21.83
CA THR A 898 -7.22 35.05 -23.10
C THR A 898 -8.16 33.92 -23.51
N VAL A 899 -7.71 32.68 -23.39
CA VAL A 899 -8.52 31.54 -23.83
C VAL A 899 -9.41 30.98 -22.75
N GLY A 900 -9.22 31.37 -21.49
CA GLY A 900 -10.06 30.90 -20.41
C GLY A 900 -9.99 29.41 -20.16
N ILE A 901 -8.78 28.86 -20.12
CA ILE A 901 -8.57 27.44 -19.90
C ILE A 901 -7.53 27.26 -18.81
N SER A 902 -7.39 26.02 -18.35
CA SER A 902 -6.47 25.70 -17.26
C SER A 902 -5.03 26.00 -17.66
N ARG A 903 -4.20 26.23 -16.64
CA ARG A 903 -2.81 26.62 -16.89
C ARG A 903 -2.03 25.53 -17.59
N GLU A 904 -2.25 24.26 -17.22
CA GLU A 904 -1.56 23.16 -17.88
C GLU A 904 -1.98 23.06 -19.35
N HIS A 905 -3.27 23.25 -19.63
CA HIS A 905 -3.74 23.23 -21.01
C HIS A 905 -3.09 24.36 -21.82
N ALA A 906 -3.01 25.56 -21.24
CA ALA A 906 -2.37 26.67 -21.94
C ALA A 906 -0.88 26.41 -22.13
N LYS A 907 -0.24 25.74 -21.17
CA LYS A 907 1.18 25.42 -21.30
C LYS A 907 1.42 24.46 -22.44
N ILE A 908 0.61 23.39 -22.52
CA ILE A 908 0.72 22.45 -23.64
C ILE A 908 0.42 23.17 -24.95
N PHE A 909 -0.58 24.06 -24.93
CA PHE A 909 -0.92 24.86 -26.10
C PHE A 909 0.29 25.65 -26.60
N ASN A 910 0.93 26.40 -25.70
CA ASN A 910 2.04 27.25 -26.08
C ASN A 910 3.23 26.43 -26.55
N TYR A 911 3.57 25.35 -25.83
CA TYR A 911 4.70 24.54 -26.25
C TYR A 911 4.44 23.89 -27.62
N GLY A 912 3.21 23.45 -27.85
CA GLY A 912 2.89 22.87 -29.16
C GLY A 912 2.99 23.88 -30.28
N ARG A 913 2.41 25.08 -30.08
CA ARG A 913 2.43 26.08 -31.14
C ARG A 913 3.86 26.55 -31.42
N ILE A 914 4.68 26.65 -30.37
CA ILE A 914 6.08 27.02 -30.57
C ILE A 914 6.82 25.92 -31.32
N TYR A 915 6.52 24.66 -31.01
CA TYR A 915 7.17 23.55 -31.72
C TYR A 915 6.74 23.44 -33.17
N GLY A 916 5.69 24.15 -33.59
CA GLY A 916 5.29 24.16 -34.98
C GLY A 916 3.93 23.55 -35.26
N ALA A 917 3.13 23.37 -34.21
CA ALA A 917 1.79 22.81 -34.40
C ALA A 917 0.91 23.79 -35.15
N GLY A 918 0.13 23.27 -36.09
CA GLY A 918 -0.78 24.08 -36.87
C GLY A 918 -2.05 24.39 -36.11
N GLN A 919 -3.01 24.99 -36.84
CA GLN A 919 -4.28 25.34 -36.22
C GLN A 919 -5.14 24.11 -35.96
N SER A 920 -4.97 23.05 -36.75
CA SER A 920 -5.73 21.83 -36.52
C SER A 920 -5.35 21.18 -35.19
N PHE A 921 -4.06 21.22 -34.84
CA PHE A 921 -3.62 20.73 -33.54
C PHE A 921 -4.28 21.52 -32.41
N ALA A 922 -4.35 22.84 -32.56
CA ALA A 922 -5.05 23.67 -31.60
C ALA A 922 -6.53 23.33 -31.52
N GLU A 923 -7.19 23.10 -32.65
CA GLU A 923 -8.60 22.74 -32.64
C GLU A 923 -8.84 21.42 -31.92
N ARG A 924 -8.02 20.41 -32.20
CA ARG A 924 -8.21 19.13 -31.52
C ARG A 924 -7.90 19.24 -30.03
N LEU A 925 -6.90 20.03 -29.64
CA LEU A 925 -6.64 20.26 -28.23
C LEU A 925 -7.82 20.93 -27.55
N LEU A 926 -8.41 21.93 -28.19
CA LEU A 926 -9.55 22.62 -27.60
C LEU A 926 -10.76 21.70 -27.50
N MET A 927 -11.00 20.87 -28.52
CA MET A 927 -12.12 19.93 -28.45
C MET A 927 -11.90 18.89 -27.36
N GLN A 928 -10.67 18.41 -27.21
CA GLN A 928 -10.41 17.39 -26.20
C GLN A 928 -10.50 17.95 -24.80
N PHE A 929 -9.89 19.11 -24.56
CA PHE A 929 -9.86 19.67 -23.21
C PHE A 929 -11.26 20.10 -22.75
N ASN A 930 -12.04 20.70 -23.65
CA ASN A 930 -13.40 21.15 -23.33
C ASN A 930 -14.36 20.52 -24.31
N HIS A 931 -15.28 19.70 -23.79
CA HIS A 931 -16.24 19.02 -24.65
C HIS A 931 -17.35 19.94 -25.14
N ARG A 932 -17.59 21.05 -24.43
CA ARG A 932 -18.65 21.98 -24.84
C ARG A 932 -18.29 22.77 -26.08
N LEU A 933 -17.05 22.70 -26.55
CA LEU A 933 -16.62 23.42 -27.74
C LEU A 933 -16.82 22.54 -28.96
N THR A 934 -17.56 23.05 -29.94
CA THR A 934 -17.74 22.34 -31.20
C THR A 934 -16.49 22.49 -32.07
N ARG A 935 -16.49 21.86 -33.24
CA ARG A 935 -15.40 22.04 -34.17
C ARG A 935 -15.34 23.47 -34.68
N GLN A 936 -16.49 24.09 -34.91
CA GLN A 936 -16.52 25.50 -35.33
C GLN A 936 -15.95 26.40 -34.25
N GLU A 937 -16.38 26.21 -33.00
CA GLU A 937 -15.89 27.03 -31.91
C GLU A 937 -14.40 26.82 -31.69
N ALA A 938 -13.93 25.57 -31.77
CA ALA A 938 -12.51 25.29 -31.61
C ALA A 938 -11.71 25.94 -32.73
N ALA A 939 -12.21 25.89 -33.97
CA ALA A 939 -11.52 26.54 -35.07
C ALA A 939 -11.46 28.04 -34.89
N GLU A 940 -12.57 28.64 -34.45
CA GLU A 940 -12.58 30.09 -34.22
C GLU A 940 -11.59 30.49 -33.15
N LYS A 941 -11.57 29.76 -32.03
CA LYS A 941 -10.65 30.09 -30.95
C LYS A 941 -9.20 29.87 -31.37
N ALA A 942 -8.92 28.80 -32.12
CA ALA A 942 -7.57 28.56 -32.59
C ALA A 942 -7.11 29.65 -33.53
N GLN A 943 -7.99 30.07 -34.45
CA GLN A 943 -7.64 31.15 -35.37
C GLN A 943 -7.39 32.45 -34.62
N GLN A 944 -8.23 32.76 -33.63
CA GLN A 944 -8.03 33.98 -32.86
C GLN A 944 -6.76 33.93 -32.03
N MET A 945 -6.38 32.75 -31.55
CA MET A 945 -5.16 32.65 -30.75
C MET A 945 -3.91 32.71 -31.62
N TYR A 946 -3.96 32.11 -32.81
CA TYR A 946 -2.81 32.12 -33.70
C TYR A 946 -2.69 33.40 -34.51
N ALA A 947 -3.76 34.21 -34.59
CA ALA A 947 -3.73 35.44 -35.34
C ALA A 947 -3.17 36.62 -34.56
N VAL A 948 -2.97 36.47 -33.26
CA VAL A 948 -2.40 37.54 -32.43
C VAL A 948 -1.05 37.16 -31.85
N THR A 949 -0.65 35.88 -31.92
CA THR A 949 0.63 35.44 -31.38
C THR A 949 1.65 35.19 -32.49
N LYS A 950 1.31 34.35 -33.47
CA LYS A 950 2.23 34.09 -34.57
C LYS A 950 2.13 35.17 -35.64
N GLY A 951 0.92 35.65 -35.91
CA GLY A 951 0.74 36.71 -36.90
C GLY A 951 0.02 36.24 -38.14
N LEU A 952 0.30 36.90 -39.27
CA LEU A 952 -0.30 36.56 -40.55
C LEU A 952 0.79 36.52 -41.61
N ARG A 953 0.51 35.78 -42.68
CA ARG A 953 1.46 35.63 -43.78
C ARG A 953 1.18 36.63 -44.89
N ALA A 1008 8.35 35.46 -43.30
CA ALA A 1008 7.04 35.16 -43.84
C ALA A 1008 5.94 35.79 -42.99
N TRP A 1009 5.85 35.38 -41.73
CA TRP A 1009 4.84 35.91 -40.84
C TRP A 1009 5.10 37.38 -40.54
N THR A 1010 4.01 38.12 -40.31
CA THR A 1010 4.10 39.55 -40.08
C THR A 1010 3.04 39.98 -39.08
N GLY A 1011 3.36 41.00 -38.30
CA GLY A 1011 2.39 41.60 -37.38
C GLY A 1011 1.94 40.71 -36.25
N GLY A 1012 2.87 40.02 -35.58
CA GLY A 1012 2.53 39.17 -34.47
C GLY A 1012 3.56 39.26 -33.37
N THR A 1013 3.20 38.72 -32.21
CA THR A 1013 4.10 38.72 -31.06
C THR A 1013 5.34 37.88 -31.33
N GLU A 1014 5.15 36.70 -31.94
CA GLU A 1014 6.24 35.76 -32.18
C GLU A 1014 6.56 35.62 -33.67
N SER A 1015 6.26 36.65 -34.46
CA SER A 1015 6.47 36.56 -35.91
C SER A 1015 7.94 36.35 -36.24
N GLU A 1016 8.82 37.12 -35.62
CA GLU A 1016 10.24 37.04 -35.98
C GLU A 1016 10.85 35.71 -35.57
N MET A 1017 10.47 35.19 -34.40
CA MET A 1017 11.00 33.90 -33.97
C MET A 1017 10.59 32.78 -34.92
N PHE A 1018 9.32 32.76 -35.33
CA PHE A 1018 8.86 31.73 -36.25
C PHE A 1018 9.48 31.91 -37.64
N ASN A 1019 9.68 33.16 -38.07
CA ASN A 1019 10.36 33.39 -39.33
C ASN A 1019 11.78 32.84 -39.29
N LYS A 1020 12.49 33.08 -38.19
CA LYS A 1020 13.84 32.55 -38.04
C LYS A 1020 13.84 31.03 -38.03
N LEU A 1021 12.90 30.42 -37.32
CA LEU A 1021 12.84 28.97 -37.26
C LEU A 1021 12.55 28.36 -38.63
N GLU A 1022 11.60 28.95 -39.36
CA GLU A 1022 11.29 28.44 -40.70
C GLU A 1022 12.47 28.64 -41.65
N SER A 1023 13.16 29.77 -41.54
CA SER A 1023 14.33 29.99 -42.40
C SER A 1023 15.42 28.97 -42.12
N ILE A 1024 15.66 28.66 -40.83
CA ILE A 1024 16.64 27.65 -40.49
C ILE A 1024 16.21 26.28 -41.00
N ALA A 1025 14.92 25.94 -40.82
CA ALA A 1025 14.43 24.64 -41.25
C ALA A 1025 14.49 24.47 -42.76
N MET A 1026 14.14 25.53 -43.50
CA MET A 1026 14.07 25.45 -44.95
C MET A 1026 15.41 25.66 -45.63
N SER A 1027 16.48 25.90 -44.87
CA SER A 1027 17.80 26.07 -45.48
C SER A 1027 18.25 24.75 -46.11
N ASP A 1028 19.23 24.86 -47.01
CA ASP A 1028 19.67 23.69 -47.77
C ASP A 1028 20.20 22.60 -46.85
N THR A 1029 21.01 22.96 -45.86
CA THR A 1029 21.51 22.03 -44.86
C THR A 1029 21.24 22.64 -43.50
N PRO A 1030 20.07 22.37 -42.91
CA PRO A 1030 19.73 22.97 -41.61
C PRO A 1030 20.72 22.54 -40.54
N ARG A 1031 21.32 23.53 -39.89
CA ARG A 1031 22.30 23.30 -38.84
C ARG A 1031 21.93 24.13 -37.62
N THR A 1032 22.23 23.59 -36.44
CA THR A 1032 21.92 24.29 -35.20
C THR A 1032 22.77 25.55 -35.10
N PRO A 1033 22.17 26.72 -34.88
CA PRO A 1033 22.96 27.96 -34.89
C PRO A 1033 24.05 28.03 -33.85
N VAL A 1034 23.87 27.42 -32.67
CA VAL A 1034 24.80 27.61 -31.58
C VAL A 1034 25.96 26.62 -31.57
N LEU A 1035 25.84 25.49 -32.27
CA LEU A 1035 26.96 24.54 -32.36
C LEU A 1035 27.23 24.03 -33.75
N GLY A 1036 26.34 24.23 -34.72
CA GLY A 1036 26.59 23.78 -36.07
C GLY A 1036 26.26 22.34 -36.35
N CYS A 1037 25.68 21.61 -35.39
CA CYS A 1037 25.29 20.23 -35.63
C CYS A 1037 24.24 20.16 -36.72
N CYS A 1038 24.43 19.25 -37.67
CA CYS A 1038 23.59 19.15 -38.85
C CYS A 1038 22.35 18.32 -38.57
N ILE A 1039 21.29 18.60 -39.32
CA ILE A 1039 20.07 17.81 -39.23
C ILE A 1039 20.30 16.43 -39.85
N SER A 1040 19.40 15.50 -39.54
CA SER A 1040 19.52 14.15 -40.04
C SER A 1040 19.39 14.11 -41.56
N ARG A 1041 20.04 13.12 -42.17
CA ARG A 1041 20.00 12.99 -43.62
C ARG A 1041 18.59 12.71 -44.12
N ALA A 1042 17.78 12.02 -43.33
CA ALA A 1042 16.40 11.72 -43.70
C ALA A 1042 15.46 12.89 -43.50
N LEU A 1043 15.99 14.08 -43.21
CA LEU A 1043 15.14 15.25 -43.01
C LEU A 1043 15.63 16.48 -43.77
N GLU A 1044 16.76 16.41 -44.45
CA GLU A 1044 17.22 17.55 -45.24
C GLU A 1044 16.24 17.82 -46.37
N PRO A 1045 16.04 19.09 -46.73
CA PRO A 1045 15.00 19.42 -47.71
C PRO A 1045 15.22 18.80 -49.08
N SER A 1046 16.44 18.35 -49.39
CA SER A 1046 16.67 17.69 -50.66
C SER A 1046 15.87 16.39 -50.77
N VAL A 1047 15.98 15.52 -49.76
CA VAL A 1047 15.28 14.25 -49.82
C VAL A 1047 13.78 14.41 -49.52
N VAL A 1048 13.44 15.22 -48.53
CA VAL A 1048 12.05 15.49 -48.18
C VAL A 1048 11.71 16.88 -48.73
N GLN A 1049 10.95 16.91 -49.82
CA GLN A 1049 10.65 18.15 -50.52
C GLN A 1049 9.27 18.64 -50.06
N GLY A 1050 9.28 19.69 -49.22
CA GLY A 1050 8.03 20.24 -48.73
C GLY A 1050 7.31 19.40 -47.70
N GLU A 1051 7.97 18.39 -47.16
CA GLU A 1051 7.37 17.47 -46.20
C GLU A 1051 8.07 17.61 -44.85
N PHE A 1052 7.34 17.23 -43.80
CA PHE A 1052 7.85 17.21 -42.42
C PHE A 1052 8.40 18.57 -42.01
N ILE A 1053 7.68 19.63 -42.37
CA ILE A 1053 8.10 20.98 -41.98
C ILE A 1053 8.00 21.16 -40.48
N THR A 1054 6.93 20.64 -39.86
CA THR A 1054 6.76 20.77 -38.42
C THR A 1054 7.87 20.07 -37.66
N SER A 1055 8.26 18.87 -38.12
CA SER A 1055 9.30 18.13 -37.43
C SER A 1055 10.61 18.90 -37.42
N ARG A 1056 10.96 19.55 -38.53
CA ARG A 1056 12.22 20.28 -38.61
C ARG A 1056 12.21 21.56 -37.77
N VAL A 1057 11.10 22.30 -37.77
CA VAL A 1057 11.05 23.50 -36.94
C VAL A 1057 11.06 23.13 -35.47
N ASN A 1058 10.46 22.00 -35.09
CA ASN A 1058 10.62 21.51 -33.72
C ASN A 1058 12.07 21.11 -33.45
N TRP A 1059 12.70 20.45 -34.44
CA TRP A 1059 14.08 19.97 -34.26
C TRP A 1059 15.03 21.13 -34.02
N VAL A 1060 14.78 22.27 -34.66
CA VAL A 1060 15.67 23.42 -34.46
C VAL A 1060 15.81 23.73 -32.98
N VAL A 1061 14.67 24.02 -32.33
CA VAL A 1061 14.68 24.40 -30.92
C VAL A 1061 15.18 23.24 -30.06
N GLN A 1062 14.73 22.02 -30.35
CA GLN A 1062 15.08 20.91 -29.45
C GLN A 1062 16.56 20.57 -29.52
N SER A 1063 17.14 20.58 -30.72
CA SER A 1063 18.57 20.33 -30.86
C SER A 1063 19.38 21.52 -30.34
N SER A 1064 18.82 22.74 -30.39
CA SER A 1064 19.47 23.86 -29.71
C SER A 1064 19.54 23.61 -28.21
N ALA A 1065 18.45 23.10 -27.63
CA ALA A 1065 18.46 22.75 -26.21
C ALA A 1065 19.48 21.65 -25.93
N VAL A 1066 19.61 20.69 -26.84
CA VAL A 1066 20.59 19.62 -26.66
C VAL A 1066 22.01 20.20 -26.70
N ASP A 1067 22.26 21.16 -27.58
CA ASP A 1067 23.55 21.84 -27.61
C ASP A 1067 23.80 22.60 -26.31
N TYR A 1068 22.76 23.23 -25.78
CA TYR A 1068 22.85 23.88 -24.47
C TYR A 1068 23.31 22.88 -23.41
N LEU A 1069 22.69 21.71 -23.40
CA LEU A 1069 23.05 20.67 -22.43
C LEU A 1069 24.50 20.23 -22.62
N HIS A 1070 24.93 20.06 -23.87
CA HIS A 1070 26.31 19.64 -24.13
C HIS A 1070 27.31 20.68 -23.65
N LEU A 1071 27.01 21.97 -23.91
CA LEU A 1071 27.87 23.05 -23.42
C LEU A 1071 27.93 23.03 -21.91
N MET A 1072 26.77 22.85 -21.25
CA MET A 1072 26.75 22.76 -19.80
C MET A 1072 27.66 21.65 -19.31
N LEU A 1073 27.55 20.46 -19.90
CA LEU A 1073 28.36 19.33 -19.43
C LEU A 1073 29.84 19.57 -19.64
N VAL A 1074 30.22 20.10 -20.81
CA VAL A 1074 31.64 20.35 -21.08
C VAL A 1074 32.20 21.36 -20.08
N ALA A 1075 31.47 22.47 -19.87
CA ALA A 1075 31.96 23.49 -18.96
C ALA A 1075 32.03 22.97 -17.53
N MET A 1076 31.04 22.19 -17.11
CA MET A 1076 31.05 21.64 -15.76
C MET A 1076 32.20 20.68 -15.56
N LYS A 1077 32.49 19.82 -16.55
CA LYS A 1077 33.63 18.93 -16.43
C LYS A 1077 34.94 19.71 -16.39
N TRP A 1078 35.04 20.77 -17.18
CA TRP A 1078 36.25 21.60 -17.13
C TRP A 1078 36.44 22.22 -15.75
N LEU A 1079 35.36 22.74 -15.16
CA LEU A 1079 35.47 23.34 -13.84
C LEU A 1079 35.79 22.30 -12.78
N PHE A 1080 35.20 21.11 -12.89
CA PHE A 1080 35.46 20.06 -11.91
C PHE A 1080 36.87 19.50 -12.04
N GLU A 1081 37.49 19.64 -13.23
CA GLU A 1081 38.82 19.09 -13.43
C GLU A 1081 39.91 20.11 -13.10
N GLU A 1082 39.72 21.37 -13.48
CA GLU A 1082 40.76 22.37 -13.27
C GLU A 1082 40.89 22.74 -11.80
N PHE A 1083 39.77 22.95 -11.11
CA PHE A 1083 39.78 23.36 -9.71
C PHE A 1083 39.69 22.18 -8.75
N ALA A 1084 39.69 20.95 -9.25
CA ALA A 1084 39.71 19.75 -8.44
C ALA A 1084 38.52 19.69 -7.49
N ILE A 1085 37.33 19.77 -8.08
CA ILE A 1085 36.08 19.60 -7.34
C ILE A 1085 35.64 18.16 -7.48
N ASP A 1086 35.61 17.43 -6.38
CA ASP A 1086 35.31 16.00 -6.40
C ASP A 1086 33.82 15.80 -6.64
N GLY A 1087 33.46 15.50 -7.88
CA GLY A 1087 32.06 15.26 -8.23
C GLY A 1087 31.98 14.68 -9.62
N ARG A 1088 30.86 14.00 -9.87
CA ARG A 1088 30.63 13.34 -11.15
C ARG A 1088 29.19 13.54 -11.59
N PHE A 1089 28.98 13.39 -12.88
CA PHE A 1089 27.64 13.51 -13.45
C PHE A 1089 26.72 12.43 -12.91
N CYS A 1090 25.47 12.80 -12.63
CA CYS A 1090 24.50 11.87 -12.07
C CYS A 1090 23.35 11.58 -13.02
N ILE A 1091 22.62 12.60 -13.48
CA ILE A 1091 21.53 12.41 -14.43
C ILE A 1091 21.13 13.76 -14.98
N SER A 1092 20.53 13.77 -16.16
CA SER A 1092 20.11 14.99 -16.84
C SER A 1092 18.65 14.91 -17.24
N ILE A 1093 17.79 14.58 -16.29
CA ILE A 1093 16.35 14.47 -16.53
C ILE A 1093 15.83 15.76 -17.12
N HIS A 1094 15.33 15.70 -18.36
CA HIS A 1094 14.88 16.88 -19.08
C HIS A 1094 15.94 17.97 -19.07
N ASP A 1095 15.59 19.14 -18.54
CA ASP A 1095 16.52 20.26 -18.44
C ASP A 1095 17.28 20.30 -17.11
N GLU A 1096 16.95 19.43 -16.17
CA GLU A 1096 17.68 19.37 -14.92
C GLU A 1096 19.10 18.84 -15.16
N VAL A 1097 20.04 19.30 -14.33
CA VAL A 1097 21.42 18.85 -14.41
C VAL A 1097 21.92 18.57 -13.00
N ARG A 1098 21.97 17.30 -12.63
CA ARG A 1098 22.36 16.88 -11.29
C ARG A 1098 23.81 16.40 -11.28
N TYR A 1099 24.45 16.51 -10.13
CA TYR A 1099 25.83 16.08 -9.96
C TYR A 1099 26.02 15.48 -8.58
N LEU A 1100 26.67 14.32 -8.52
CA LEU A 1100 26.94 13.64 -7.25
C LEU A 1100 28.25 14.19 -6.66
N VAL A 1101 28.16 15.43 -6.21
CA VAL A 1101 29.32 16.14 -5.67
C VAL A 1101 29.59 15.68 -4.24
N ARG A 1102 30.85 15.75 -3.83
CA ARG A 1102 31.22 15.45 -2.47
C ARG A 1102 30.59 16.46 -1.51
N GLU A 1103 30.44 16.06 -0.25
CA GLU A 1103 29.75 16.90 0.72
C GLU A 1103 30.47 18.22 0.95
N GLU A 1104 31.79 18.16 1.12
CA GLU A 1104 32.56 19.37 1.42
C GLU A 1104 32.60 20.35 0.25
N ASP A 1105 32.42 19.87 -0.98
CA ASP A 1105 32.52 20.71 -2.16
C ASP A 1105 31.16 21.07 -2.76
N ARG A 1106 30.13 21.14 -1.92
CA ARG A 1106 28.79 21.42 -2.44
C ARG A 1106 28.66 22.88 -2.87
N TYR A 1107 29.19 23.81 -2.10
CA TYR A 1107 29.07 25.22 -2.44
C TYR A 1107 29.93 25.58 -3.64
N ARG A 1108 31.13 25.00 -3.72
CA ARG A 1108 31.96 25.19 -4.91
C ARG A 1108 31.26 24.65 -6.15
N ALA A 1109 30.61 23.49 -6.02
CA ALA A 1109 29.86 22.94 -7.14
C ALA A 1109 28.69 23.84 -7.53
N ALA A 1110 28.03 24.44 -6.55
CA ALA A 1110 26.93 25.36 -6.85
C ALA A 1110 27.44 26.58 -7.60
N LEU A 1111 28.56 27.15 -7.15
CA LEU A 1111 29.16 28.28 -7.85
C LEU A 1111 29.58 27.88 -9.26
N ALA A 1112 30.11 26.67 -9.42
CA ALA A 1112 30.47 26.18 -10.75
C ALA A 1112 29.24 26.05 -11.65
N LEU A 1113 28.12 25.59 -11.08
CA LEU A 1113 26.88 25.51 -11.85
C LEU A 1113 26.44 26.90 -12.30
N GLN A 1114 26.51 27.88 -11.41
CA GLN A 1114 26.14 29.24 -11.78
C GLN A 1114 27.04 29.78 -12.88
N ILE A 1115 28.35 29.56 -12.76
CA ILE A 1115 29.30 30.03 -13.76
C ILE A 1115 29.05 29.35 -15.10
N THR A 1116 28.77 28.05 -15.08
CA THR A 1116 28.51 27.33 -16.33
C THR A 1116 27.23 27.81 -16.99
N ASN A 1117 26.19 28.09 -16.20
CA ASN A 1117 24.97 28.64 -16.77
C ASN A 1117 25.23 30.01 -17.39
N LEU A 1118 26.00 30.85 -16.70
CA LEU A 1118 26.34 32.16 -17.24
C LEU A 1118 27.08 32.02 -18.57
N LEU A 1119 28.09 31.15 -18.60
CA LEU A 1119 28.90 30.99 -19.80
C LEU A 1119 28.08 30.38 -20.94
N THR A 1120 27.17 29.45 -20.63
CA THR A 1120 26.33 28.85 -21.65
C THR A 1120 25.40 29.89 -22.27
N ARG A 1121 24.76 30.71 -21.43
CA ARG A 1121 23.89 31.75 -21.97
C ARG A 1121 24.68 32.78 -22.77
N CYS A 1122 25.88 33.12 -22.30
CA CYS A 1122 26.72 34.06 -23.04
C CYS A 1122 27.12 33.49 -24.39
N MET A 1123 27.47 32.20 -24.44
CA MET A 1123 27.80 31.57 -25.71
C MET A 1123 26.60 31.53 -26.65
N PHE A 1124 25.41 31.25 -26.10
CA PHE A 1124 24.20 31.25 -26.91
C PHE A 1124 23.96 32.62 -27.52
N ALA A 1125 24.15 33.69 -26.74
CA ALA A 1125 23.97 35.03 -27.28
C ALA A 1125 25.07 35.38 -28.27
N TYR A 1126 26.31 34.96 -28.00
CA TYR A 1126 27.45 35.31 -28.84
C TYR A 1126 27.36 34.66 -30.21
N LYS A 1127 26.94 33.39 -30.27
CA LYS A 1127 26.82 32.72 -31.55
C LYS A 1127 25.70 33.29 -32.40
N LEU A 1128 24.75 34.01 -31.81
CA LEU A 1128 23.66 34.64 -32.55
C LEU A 1128 23.92 36.10 -32.84
N GLY A 1129 25.14 36.59 -32.60
CA GLY A 1129 25.49 37.96 -32.90
C GLY A 1129 25.15 38.96 -31.83
N LEU A 1130 24.74 38.53 -30.64
CA LEU A 1130 24.41 39.42 -29.54
C LEU A 1130 25.52 39.32 -28.49
N ASN A 1131 26.34 40.36 -28.40
CA ASN A 1131 27.45 40.38 -27.46
C ASN A 1131 27.04 41.02 -26.13
N ASP A 1132 26.08 40.37 -25.48
CA ASP A 1132 25.54 40.84 -24.20
C ASP A 1132 24.64 39.74 -23.66
N LEU A 1133 24.13 39.95 -22.45
CA LEU A 1133 23.24 38.99 -21.81
C LEU A 1133 22.46 39.66 -20.68
N PRO A 1134 21.13 39.55 -20.67
CA PRO A 1134 20.37 40.11 -19.55
C PRO A 1134 20.75 39.44 -18.23
N GLN A 1135 20.78 40.23 -17.16
CA GLN A 1135 21.09 39.71 -15.85
C GLN A 1135 20.00 38.77 -15.33
N SER A 1136 18.74 39.04 -15.70
CA SER A 1136 17.63 38.24 -15.19
C SER A 1136 17.70 36.79 -15.65
N VAL A 1137 18.46 36.49 -16.69
CA VAL A 1137 18.62 35.14 -17.19
C VAL A 1137 20.10 34.72 -17.21
N ALA A 1138 20.93 35.39 -16.42
CA ALA A 1138 22.36 35.10 -16.40
C ALA A 1138 22.78 34.21 -15.24
N PHE A 1139 21.83 33.74 -14.42
CA PHE A 1139 22.16 32.90 -13.28
C PHE A 1139 20.99 32.02 -12.94
N PHE A 1140 21.27 30.95 -12.20
CA PHE A 1140 20.22 30.05 -11.75
C PHE A 1140 19.36 30.73 -10.68
N SER A 1141 18.05 30.46 -10.72
CA SER A 1141 17.18 30.94 -9.65
C SER A 1141 17.56 30.32 -8.31
N ALA A 1142 17.87 29.02 -8.31
CA ALA A 1142 18.25 28.33 -7.09
C ALA A 1142 18.96 27.03 -7.45
N VAL A 1143 20.10 26.79 -6.83
CA VAL A 1143 20.87 25.56 -7.03
C VAL A 1143 20.50 24.62 -5.89
N ASP A 1144 19.68 23.64 -6.19
CA ASP A 1144 19.18 22.72 -5.17
C ASP A 1144 20.31 21.85 -4.63
N ILE A 1145 20.39 21.75 -3.31
CA ILE A 1145 21.39 20.93 -2.64
C ILE A 1145 20.69 20.00 -1.65
N ASP A 1146 20.35 18.80 -2.11
CA ASP A 1146 19.62 17.85 -1.28
C ASP A 1146 20.22 16.46 -1.44
N GLN A 1147 19.58 15.47 -0.81
CA GLN A 1147 20.03 14.08 -0.86
C GLN A 1147 19.11 13.20 -1.70
N CYS A 1148 18.28 13.79 -2.55
CA CYS A 1148 17.43 13.02 -3.45
C CYS A 1148 17.08 13.89 -4.65
N LEU A 1149 16.48 13.25 -5.66
CA LEU A 1149 16.18 13.92 -6.92
C LEU A 1149 14.74 14.43 -6.98
N ARG A 1150 14.19 14.85 -5.86
CA ARG A 1150 12.87 15.48 -5.87
C ARG A 1150 12.93 16.81 -6.60
N LYS A 1151 11.80 17.19 -7.21
CA LYS A 1151 11.77 18.38 -8.05
C LYS A 1151 12.13 19.64 -7.26
N GLU A 1152 11.60 19.76 -6.04
CA GLU A 1152 11.90 20.89 -5.18
C GLU A 1152 12.36 20.37 -3.82
N VAL A 1153 13.24 21.14 -3.19
CA VAL A 1153 13.88 20.72 -1.94
C VAL A 1153 12.92 20.88 -0.76
N THR A 1154 11.72 21.39 -1.04
CA THR A 1154 10.71 21.58 0.00
C THR A 1154 9.62 20.52 -0.01
N MET A 1155 9.53 19.72 -1.07
CA MET A 1155 8.52 18.68 -1.13
C MET A 1155 8.79 17.59 -0.11
N ASP A 1156 7.72 16.95 0.37
CA ASP A 1156 7.82 15.82 1.27
C ASP A 1156 7.46 14.50 0.60
N CYS A 1157 6.96 14.53 -0.63
CA CYS A 1157 6.66 13.34 -1.41
C CYS A 1157 5.71 12.41 -0.66
N LYS A 1158 4.52 12.92 -0.38
CA LYS A 1158 3.46 12.14 0.26
C LYS A 1158 2.61 11.49 -0.83
N THR A 1159 2.57 10.17 -0.83
CA THR A 1159 1.86 9.37 -1.82
C THR A 1159 1.05 8.31 -1.09
N PRO A 1160 0.07 7.70 -1.76
CA PRO A 1160 -0.60 6.54 -1.15
C PRO A 1160 0.36 5.44 -0.76
N SER A 1161 1.46 5.26 -1.49
CA SER A 1161 2.49 4.31 -1.10
C SER A 1161 3.35 4.82 0.03
N ASN A 1162 3.59 6.14 0.10
CA ASN A 1162 4.46 6.75 1.10
C ASN A 1162 3.70 7.89 1.76
N PRO A 1163 2.76 7.58 2.65
CA PRO A 1163 1.94 8.63 3.25
C PRO A 1163 2.66 9.41 4.34
N THR A 1164 3.58 8.74 5.03
CA THR A 1164 4.28 9.40 6.14
C THR A 1164 5.14 10.55 5.67
N GLY A 1165 5.81 10.39 4.53
CA GLY A 1165 6.71 11.38 4.00
C GLY A 1165 8.15 10.91 3.99
N MET A 1166 8.97 11.66 3.25
CA MET A 1166 10.38 11.31 3.12
C MET A 1166 11.11 11.43 4.46
N GLU A 1167 10.77 12.45 5.25
CA GLU A 1167 11.52 12.75 6.46
C GLU A 1167 11.28 11.75 7.58
N ARG A 1168 10.30 10.87 7.46
CA ARG A 1168 9.96 9.93 8.51
C ARG A 1168 10.22 8.48 8.14
N ARG A 1169 9.73 8.03 6.99
CA ARG A 1169 9.92 6.64 6.60
C ARG A 1169 11.39 6.31 6.41
N TYR A 1170 12.15 7.22 5.82
CA TYR A 1170 13.56 6.99 5.49
C TYR A 1170 14.53 7.84 6.31
N GLY A 1171 14.20 9.10 6.55
CA GLY A 1171 15.08 9.95 7.34
C GLY A 1171 15.83 10.95 6.50
N ILE A 1172 15.17 11.50 5.48
CA ILE A 1172 15.79 12.46 4.56
C ILE A 1172 15.31 13.85 4.95
N PRO A 1173 16.18 14.72 5.45
CA PRO A 1173 15.76 16.10 5.74
C PRO A 1173 15.61 16.91 4.46
N GLN A 1174 15.30 18.20 4.58
CA GLN A 1174 15.15 19.05 3.42
C GLN A 1174 16.51 19.47 2.88
N GLY A 1175 16.49 20.34 1.87
CA GLY A 1175 17.72 20.74 1.22
C GLY A 1175 17.73 22.22 0.91
N GLU A 1176 18.94 22.75 0.73
CA GLU A 1176 19.12 24.16 0.46
C GLU A 1176 18.75 24.50 -0.98
N ALA A 1177 18.37 25.75 -1.20
CA ALA A 1177 17.97 26.28 -2.49
C ALA A 1177 18.67 27.62 -2.75
N LEU A 1178 19.98 27.62 -2.53
CA LEU A 1178 20.75 28.86 -2.56
C LEU A 1178 20.61 29.60 -3.88
N ASP A 1179 20.48 30.93 -3.80
CA ASP A 1179 20.53 31.78 -4.97
C ASP A 1179 21.99 32.10 -5.28
N ILE A 1180 22.23 32.96 -6.26
CA ILE A 1180 23.60 33.32 -6.61
C ILE A 1180 24.25 34.15 -5.52
N TYR A 1181 23.50 35.12 -4.96
CA TYR A 1181 24.07 35.99 -3.93
C TYR A 1181 24.46 35.20 -2.69
N GLN A 1182 23.62 34.24 -2.29
CA GLN A 1182 23.95 33.41 -1.13
C GLN A 1182 25.13 32.48 -1.44
N ILE A 1183 25.26 32.04 -2.69
CA ILE A 1183 26.39 31.19 -3.06
C ILE A 1183 27.69 31.96 -2.98
N ILE A 1184 27.69 33.21 -3.46
CA ILE A 1184 28.93 34.00 -3.49
C ILE A 1184 29.47 34.20 -2.08
N GLU A 1185 28.60 34.53 -1.13
CA GLU A 1185 29.03 34.76 0.24
C GLU A 1185 29.61 33.49 0.86
N LEU A 1186 28.97 32.35 0.62
CA LEU A 1186 29.46 31.09 1.18
C LEU A 1186 30.78 30.66 0.54
N THR A 1187 30.93 30.87 -0.76
CA THR A 1187 32.12 30.43 -1.48
C THR A 1187 33.23 31.47 -1.53
N LYS A 1188 32.99 32.68 -1.02
CA LYS A 1188 33.88 33.83 -1.09
C LYS A 1188 34.11 34.31 -2.52
N GLY A 1189 33.44 33.72 -3.51
CA GLY A 1189 33.59 34.11 -4.89
C GLY A 1189 34.70 33.41 -5.65
N SER A 1190 35.47 32.54 -5.00
CA SER A 1190 36.59 31.85 -5.63
C SER A 1190 36.34 30.34 -5.61
N LEU A 1191 36.41 29.72 -6.78
CA LEU A 1191 36.27 28.27 -6.88
C LEU A 1191 37.43 27.53 -6.24
N GLU A 1192 38.60 28.17 -6.15
CA GLU A 1192 39.77 27.49 -5.60
C GLU A 1192 39.57 27.14 -4.14
N LYS A 1193 40.03 25.95 -3.76
CA LYS A 1193 39.85 25.45 -2.41
C LYS A 1193 40.61 26.29 -1.38
N SER B 42 -28.40 9.73 11.06
CA SER B 42 -27.75 9.19 12.26
C SER B 42 -28.76 8.97 13.38
N GLU B 43 -29.85 9.74 13.37
CA GLU B 43 -30.87 9.58 14.40
C GLU B 43 -31.54 8.23 14.30
N ALA B 44 -31.80 7.75 13.08
CA ALA B 44 -32.43 6.45 12.90
C ALA B 44 -31.48 5.31 13.29
N LEU B 45 -30.17 5.50 13.11
CA LEU B 45 -29.23 4.43 13.43
C LEU B 45 -29.25 4.11 14.92
N LEU B 46 -29.31 5.12 15.77
CA LEU B 46 -29.36 4.86 17.20
C LEU B 46 -30.68 4.23 17.61
N GLU B 47 -31.78 4.61 16.95
CA GLU B 47 -33.05 3.94 17.20
C GLU B 47 -32.97 2.47 16.83
N ILE B 48 -32.33 2.15 15.72
CA ILE B 48 -32.15 0.75 15.32
C ILE B 48 -31.29 0.02 16.34
N CYS B 49 -30.21 0.66 16.80
CA CYS B 49 -29.32 0.03 17.76
C CYS B 49 -30.03 -0.26 19.08
N GLN B 50 -30.90 0.67 19.52
CA GLN B 50 -31.69 0.42 20.73
C GLN B 50 -32.70 -0.70 20.49
N ARG B 51 -33.45 -0.61 19.40
CA ARG B 51 -34.55 -1.55 19.15
C ARG B 51 -34.02 -2.97 18.97
N ARG B 52 -32.94 -3.13 18.19
CA ARG B 52 -32.32 -4.42 17.99
C ARG B 52 -31.31 -4.76 19.07
N HIS B 53 -31.35 -4.03 20.19
CA HIS B 53 -30.59 -4.39 21.38
C HIS B 53 -29.08 -4.38 21.13
N PHE B 54 -28.62 -3.41 20.34
CA PHE B 54 -27.19 -3.09 20.33
C PHE B 54 -26.83 -2.14 21.44
N LEU B 55 -27.73 -1.21 21.78
CA LEU B 55 -27.53 -0.24 22.85
C LEU B 55 -28.67 -0.37 23.84
N SER B 56 -28.34 -0.36 25.14
CA SER B 56 -29.32 -0.51 26.19
C SER B 56 -29.84 0.86 26.61
N GLY B 57 -30.67 0.89 27.66
CA GLY B 57 -31.18 2.13 28.20
C GLY B 57 -32.39 2.64 27.43
N SER B 58 -33.00 3.69 28.00
CA SER B 58 -34.16 4.31 27.39
C SER B 58 -33.75 5.19 26.20
N LYS B 59 -34.74 5.52 25.37
CA LYS B 59 -34.47 6.28 24.16
C LYS B 59 -33.94 7.68 24.49
N GLN B 60 -34.54 8.34 25.48
CA GLN B 60 -34.07 9.67 25.87
C GLN B 60 -32.73 9.64 26.58
N GLN B 61 -32.27 8.48 27.02
CA GLN B 61 -31.02 8.36 27.77
C GLN B 61 -29.81 8.11 26.89
N LEU B 62 -29.96 8.10 25.57
CA LEU B 62 -28.86 7.84 24.66
C LEU B 62 -28.69 9.02 23.71
N SER B 63 -27.51 9.63 23.76
CA SER B 63 -27.10 10.66 22.80
C SER B 63 -25.65 10.40 22.43
N ARG B 64 -25.27 10.91 21.26
CA ARG B 64 -23.91 10.66 20.78
C ARG B 64 -22.86 11.19 21.76
N ASP B 65 -23.17 12.25 22.49
CA ASP B 65 -22.25 12.75 23.51
C ASP B 65 -22.04 11.71 24.60
N SER B 66 -23.12 11.07 25.05
CA SER B 66 -22.99 10.03 26.07
C SER B 66 -22.20 8.84 25.54
N LEU B 67 -22.45 8.44 24.28
CA LEU B 67 -21.74 7.32 23.70
C LEU B 67 -20.24 7.59 23.58
N LEU B 68 -19.88 8.80 23.14
CA LEU B 68 -18.46 9.13 22.98
C LEU B 68 -17.78 9.36 24.32
N SER B 69 -18.48 9.94 25.29
CA SER B 69 -17.88 10.22 26.59
C SER B 69 -17.61 8.95 27.38
N GLY B 70 -18.46 7.94 27.23
CA GLY B 70 -18.34 6.71 27.99
C GLY B 70 -19.29 6.57 29.15
N CYS B 71 -20.31 7.43 29.23
CA CYS B 71 -21.28 7.40 30.32
C CYS B 71 -22.60 6.76 29.92
N HIS B 72 -22.62 6.01 28.80
CA HIS B 72 -23.83 5.34 28.37
C HIS B 72 -24.24 4.27 29.38
N PRO B 73 -25.54 4.01 29.51
CA PRO B 73 -25.97 2.96 30.45
C PRO B 73 -25.38 1.60 30.16
N GLY B 74 -25.16 1.27 28.90
CA GLY B 74 -24.54 0.01 28.56
C GLY B 74 -24.83 -0.38 27.13
N PHE B 75 -24.08 -1.38 26.67
CA PHE B 75 -24.25 -1.93 25.33
C PHE B 75 -25.21 -3.11 25.38
N GLY B 76 -26.08 -3.20 24.38
CA GLY B 76 -26.98 -4.32 24.26
C GLY B 76 -26.23 -5.62 24.03
N PRO B 77 -26.91 -6.76 24.20
CA PRO B 77 -26.22 -8.05 24.04
C PRO B 77 -25.55 -8.22 22.69
N LEU B 78 -26.20 -7.76 21.62
CA LEU B 78 -25.56 -7.82 20.31
C LEU B 78 -24.34 -6.90 20.25
N GLY B 79 -24.44 -5.74 20.91
CA GLY B 79 -23.27 -4.88 21.01
C GLY B 79 -22.14 -5.53 21.79
N VAL B 80 -22.48 -6.25 22.86
CA VAL B 80 -21.45 -6.97 23.62
C VAL B 80 -20.80 -8.03 22.75
N GLU B 81 -21.59 -8.76 21.97
CA GLU B 81 -21.02 -9.77 21.08
C GLU B 81 -20.13 -9.13 20.01
N LEU B 82 -20.55 -8.00 19.46
CA LEU B 82 -19.72 -7.30 18.49
C LEU B 82 -18.41 -6.83 19.10
N ARG B 83 -18.46 -6.32 20.33
CA ARG B 83 -17.24 -5.89 21.00
C ARG B 83 -16.33 -7.07 21.29
N LYS B 84 -16.89 -8.22 21.67
CA LYS B 84 -16.08 -9.41 21.88
C LYS B 84 -15.43 -9.85 20.58
N ASN B 85 -16.17 -9.82 19.47
CA ASN B 85 -15.59 -10.16 18.17
C ASN B 85 -14.45 -9.20 17.82
N LEU B 86 -14.66 -7.91 18.05
CA LEU B 86 -13.62 -6.92 17.73
C LEU B 86 -12.37 -7.15 18.58
N ALA B 87 -12.55 -7.42 19.87
CA ALA B 87 -11.41 -7.69 20.74
C ALA B 87 -10.69 -8.97 20.33
N ALA B 88 -11.45 -10.00 19.95
CA ALA B 88 -10.83 -11.24 19.49
C ALA B 88 -10.04 -11.02 18.22
N GLU B 89 -10.56 -10.23 17.29
CA GLU B 89 -9.82 -9.92 16.07
C GLU B 89 -8.56 -9.12 16.36
N TRP B 90 -8.66 -8.15 17.28
CA TRP B 90 -7.47 -7.40 17.68
C TRP B 90 -6.42 -8.33 18.27
N TRP B 91 -6.84 -9.23 19.16
CA TRP B 91 -5.91 -10.17 19.78
C TRP B 91 -5.27 -11.07 18.73
N THR B 92 -6.07 -11.58 17.79
CA THR B 92 -5.54 -12.41 16.73
C THR B 92 -4.50 -11.67 15.89
N SER B 93 -4.81 -10.41 15.55
CA SER B 93 -3.88 -9.63 14.74
C SER B 93 -2.57 -9.35 15.48
N VAL B 94 -2.66 -9.01 16.77
CA VAL B 94 -1.47 -8.51 17.47
C VAL B 94 -0.77 -9.60 18.27
N VAL B 95 -1.46 -10.18 19.26
CA VAL B 95 -0.77 -11.01 20.25
C VAL B 95 -0.52 -12.41 19.71
N VAL B 96 -1.48 -12.96 18.96
CA VAL B 96 -1.41 -14.37 18.59
C VAL B 96 -0.22 -14.64 17.67
N PHE B 97 -0.09 -13.85 16.61
CA PHE B 97 0.89 -14.17 15.58
C PHE B 97 2.30 -13.73 15.95
N ARG B 98 2.46 -12.62 16.65
CA ARG B 98 3.79 -12.18 17.05
C ARG B 98 4.39 -13.16 18.06
N GLU B 99 5.70 -13.36 17.95
CA GLU B 99 6.41 -14.28 18.84
C GLU B 99 6.92 -13.61 20.11
N GLN B 100 6.68 -12.32 20.28
CA GLN B 100 7.15 -11.58 21.44
C GLN B 100 6.06 -10.91 22.24
N VAL B 101 4.94 -10.53 21.62
CA VAL B 101 3.87 -9.85 22.33
C VAL B 101 3.28 -10.79 23.38
N PHE B 102 3.10 -10.28 24.59
CA PHE B 102 2.60 -11.08 25.71
C PHE B 102 1.41 -10.38 26.35
N PRO B 103 0.53 -11.14 27.00
CA PRO B 103 -0.55 -10.52 27.75
C PRO B 103 -0.10 -10.06 29.12
N VAL B 104 -0.73 -8.99 29.60
CA VAL B 104 -0.41 -8.41 30.90
C VAL B 104 -1.71 -8.09 31.64
N ASP B 105 -1.62 -8.01 32.96
CA ASP B 105 -2.76 -7.76 33.83
C ASP B 105 -2.50 -6.48 34.62
N ALA B 106 -3.25 -5.43 34.31
CA ALA B 106 -3.16 -4.17 35.02
C ALA B 106 -4.44 -3.96 35.82
N LEU B 107 -4.30 -3.79 37.13
CA LEU B 107 -5.45 -3.66 38.01
C LEU B 107 -6.22 -2.39 37.70
N HIS B 108 -7.54 -2.46 37.90
CA HIS B 108 -8.39 -1.30 37.64
C HIS B 108 -8.07 -0.16 38.61
N HIS B 109 -7.84 -0.47 39.88
CA HIS B 109 -7.54 0.53 40.88
C HIS B 109 -6.06 0.88 40.84
N LYS B 110 -5.76 2.16 41.09
CA LYS B 110 -4.38 2.63 41.16
C LYS B 110 -4.08 3.03 42.59
N PRO B 111 -3.47 2.17 43.40
CA PRO B 111 -3.26 2.48 44.81
C PRO B 111 -2.24 3.58 45.02
N GLY B 112 -2.38 4.29 46.14
CA GLY B 112 -1.44 5.32 46.50
C GLY B 112 -1.59 6.57 45.66
N PRO B 113 -0.66 7.53 45.83
CA PRO B 113 -0.66 8.79 45.11
C PRO B 113 -0.64 8.61 43.59
N THR B 153 -3.38 10.68 49.26
CA THR B 153 -3.13 9.64 50.25
C THR B 153 -4.23 8.58 50.22
N SER B 154 -4.73 8.28 49.02
CA SER B 154 -5.78 7.30 48.84
C SER B 154 -5.60 6.65 47.48
N GLY B 155 -6.63 5.93 47.02
CA GLY B 155 -6.61 5.30 45.73
C GLY B 155 -7.27 6.14 44.64
N LYS B 156 -7.21 5.63 43.42
CA LYS B 156 -7.80 6.30 42.28
C LYS B 156 -8.06 5.29 41.19
N LEU B 157 -9.14 5.48 40.44
CA LEU B 157 -9.43 4.61 39.31
C LEU B 157 -8.51 4.95 38.15
N ARG B 158 -8.03 3.92 37.46
CA ARG B 158 -7.05 4.11 36.41
C ARG B 158 -7.64 4.86 35.23
N GLU B 159 -6.82 5.71 34.60
CA GLU B 159 -7.22 6.47 33.43
C GLU B 159 -6.65 5.87 32.14
N ASN B 160 -5.44 5.34 32.19
CA ASN B 160 -4.83 4.66 31.07
C ASN B 160 -4.09 3.44 31.59
N LEU B 161 -4.04 2.39 30.76
CA LEU B 161 -3.41 1.13 31.14
C LEU B 161 -1.94 1.08 30.75
N LEU B 162 -1.38 2.17 30.23
CA LEU B 162 0.03 2.19 29.89
C LEU B 162 0.90 2.07 31.13
N HIS B 163 0.59 2.84 32.17
CA HIS B 163 1.40 2.81 33.39
C HIS B 163 1.35 1.45 34.06
N GLY B 164 0.25 0.71 33.89
CA GLY B 164 0.20 -0.65 34.40
C GLY B 164 1.15 -1.56 33.64
N ALA B 165 1.27 -1.35 32.32
CA ALA B 165 2.16 -2.18 31.51
C ALA B 165 3.63 -1.86 31.77
N LEU B 166 3.95 -0.58 31.96
CA LEU B 166 5.33 -0.19 32.19
C LEU B 166 5.91 -0.78 33.47
N GLU B 167 5.05 -1.14 34.43
CA GLU B 167 5.54 -1.73 35.68
C GLU B 167 5.97 -3.18 35.50
N HIS B 168 5.52 -3.84 34.45
CA HIS B 168 5.89 -5.23 34.20
C HIS B 168 7.09 -5.36 33.26
N TYR B 169 7.71 -4.25 32.87
CA TYR B 169 8.82 -4.30 31.92
C TYR B 169 9.95 -5.18 32.45
N VAL B 170 10.41 -4.91 33.67
CA VAL B 170 11.46 -5.74 34.24
C VAL B 170 10.96 -7.15 34.49
N ASN B 171 9.68 -7.28 34.87
CA ASN B 171 9.11 -8.60 35.11
C ASN B 171 9.08 -9.42 33.82
N CYS B 172 8.68 -8.80 32.71
CA CYS B 172 8.51 -9.52 31.45
C CYS B 172 9.77 -9.52 30.58
N LEU B 173 10.85 -8.88 31.03
CA LEU B 173 12.13 -9.05 30.33
C LEU B 173 12.67 -10.46 30.47
N ASP B 174 12.27 -11.18 31.52
CA ASP B 174 12.74 -12.54 31.71
C ASP B 174 12.14 -13.50 30.68
N LEU B 175 10.90 -13.23 30.24
CA LEU B 175 10.25 -14.11 29.29
C LEU B 175 10.98 -14.15 27.96
N VAL B 176 11.43 -13.00 27.47
CA VAL B 176 12.14 -12.93 26.20
C VAL B 176 13.63 -13.01 26.44
N ASN B 177 14.03 -13.27 27.68
CA ASN B 177 15.44 -13.38 28.07
C ASN B 177 16.21 -12.11 27.69
N LYS B 178 15.62 -10.97 28.03
CA LYS B 178 16.22 -9.65 27.79
C LYS B 178 16.51 -9.41 26.31
N ARG B 179 15.67 -9.94 25.44
CA ARG B 179 15.81 -9.72 24.00
C ARG B 179 14.85 -8.62 23.55
N LEU B 180 15.28 -7.85 22.58
CA LEU B 180 14.46 -6.77 22.06
C LEU B 180 14.28 -6.93 20.55
N PRO B 181 13.16 -6.43 20.00
CA PRO B 181 12.03 -5.80 20.68
C PRO B 181 11.05 -6.80 21.27
N TYR B 182 10.40 -6.46 22.38
CA TYR B 182 9.33 -7.26 22.94
C TYR B 182 8.26 -6.32 23.47
N GLY B 183 7.01 -6.80 23.47
CA GLY B 183 5.89 -5.97 23.81
C GLY B 183 4.97 -6.63 24.83
N LEU B 184 4.08 -5.80 25.38
CA LEU B 184 3.03 -6.25 26.29
C LEU B 184 1.70 -5.70 25.81
N ALA B 185 0.67 -6.54 25.84
CA ALA B 185 -0.65 -6.16 25.37
C ALA B 185 -1.69 -6.48 26.43
N GLN B 186 -2.82 -5.76 26.35
CA GLN B 186 -3.88 -5.90 27.33
C GLN B 186 -5.14 -5.24 26.78
N ILE B 187 -6.29 -5.83 27.09
CA ILE B 187 -7.59 -5.23 26.82
C ILE B 187 -8.32 -5.10 28.14
N GLY B 188 -8.75 -3.89 28.45
CA GLY B 188 -9.40 -3.64 29.73
C GLY B 188 -10.15 -2.34 29.71
N VAL B 189 -10.63 -1.95 30.89
CA VAL B 189 -11.46 -0.77 31.05
C VAL B 189 -10.59 0.40 31.48
N CYS B 190 -11.01 1.60 31.10
CA CYS B 190 -10.34 2.82 31.48
C CYS B 190 -11.39 3.83 31.95
N PHE B 191 -11.12 4.46 33.09
CA PHE B 191 -12.06 5.42 33.69
C PHE B 191 -11.58 6.83 33.39
N HIS B 192 -12.43 7.61 32.75
CA HIS B 192 -12.08 8.98 32.35
C HIS B 192 -13.08 9.95 32.94
N PRO B 193 -12.65 10.92 33.75
CA PRO B 193 -13.58 11.92 34.26
C PRO B 193 -14.20 12.73 33.12
N VAL B 194 -15.46 13.09 33.28
CA VAL B 194 -16.18 13.88 32.29
C VAL B 194 -16.78 15.13 32.93
N LYS B 205 -18.91 15.93 35.87
CA LYS B 205 -18.99 15.42 37.23
C LYS B 205 -19.34 13.94 37.25
N SER B 206 -19.42 13.34 36.07
CA SER B 206 -19.76 11.94 35.92
C SER B 206 -18.56 11.17 35.38
N ILE B 207 -18.32 9.98 35.94
CA ILE B 207 -17.19 9.15 35.55
C ILE B 207 -17.60 8.26 34.39
N GLY B 208 -16.91 8.39 33.26
CA GLY B 208 -17.14 7.53 32.12
C GLY B 208 -16.18 6.36 32.09
N GLU B 209 -16.51 5.38 31.24
CA GLU B 209 -15.70 4.18 31.10
C GLU B 209 -15.47 3.90 29.62
N LYS B 210 -14.30 3.37 29.32
CA LYS B 210 -13.93 2.99 27.96
C LYS B 210 -13.14 1.68 28.01
N THR B 211 -13.35 0.86 26.99
CA THR B 211 -12.62 -0.39 26.82
C THR B 211 -11.52 -0.15 25.79
N GLU B 212 -10.28 -0.12 26.24
CA GLU B 212 -9.15 0.25 25.40
C GLU B 212 -8.13 -0.87 25.36
N ALA B 213 -7.67 -1.21 24.16
CA ALA B 213 -6.66 -2.23 23.95
C ALA B 213 -5.33 -1.55 23.69
N SER B 214 -4.34 -1.81 24.54
CA SER B 214 -3.05 -1.15 24.46
C SER B 214 -1.97 -2.14 24.03
N LEU B 215 -0.81 -1.58 23.67
CA LEU B 215 0.35 -2.36 23.30
C LEU B 215 1.59 -1.52 23.58
N VAL B 216 2.27 -1.81 24.68
CA VAL B 216 3.53 -1.15 25.01
C VAL B 216 4.65 -1.93 24.36
N TRP B 217 5.38 -1.29 23.45
CA TRP B 217 6.29 -1.95 22.53
C TRP B 217 7.70 -1.40 22.77
N PHE B 218 8.46 -2.11 23.60
CA PHE B 218 9.81 -1.68 23.96
C PHE B 218 10.76 -1.92 22.79
N THR B 219 11.06 -0.87 22.03
CA THR B 219 12.01 -1.00 20.93
C THR B 219 13.37 -0.42 21.31
N PRO B 220 14.44 -0.91 20.70
CA PRO B 220 15.72 -0.23 20.84
C PRO B 220 15.65 1.16 20.23
N PRO B 221 16.38 2.13 20.79
CA PRO B 221 16.31 3.50 20.26
C PRO B 221 16.79 3.62 18.83
N ARG B 222 17.56 2.65 18.32
CA ARG B 222 18.06 2.72 16.96
C ARG B 222 16.93 2.64 15.95
N THR B 223 15.91 1.82 16.22
CA THR B 223 14.84 1.56 15.27
C THR B 223 13.48 2.06 15.75
N SER B 224 13.45 3.19 16.47
CA SER B 224 12.18 3.72 16.96
C SER B 224 11.32 4.22 15.81
N ASN B 225 11.90 5.05 14.93
CA ASN B 225 11.15 5.59 13.81
C ASN B 225 10.80 4.55 12.76
N GLN B 226 11.39 3.36 12.84
CA GLN B 226 11.03 2.26 11.96
C GLN B 226 9.87 1.45 12.52
N TRP B 227 9.97 1.06 13.80
CA TRP B 227 8.90 0.30 14.43
C TRP B 227 7.62 1.13 14.54
N LEU B 228 7.77 2.43 14.80
CA LEU B 228 6.58 3.29 14.88
C LEU B 228 5.82 3.30 13.57
N ASP B 229 6.54 3.46 12.45
CA ASP B 229 5.88 3.49 11.16
C ASP B 229 5.33 2.11 10.78
N PHE B 230 6.06 1.05 11.11
CA PHE B 230 5.57 -0.30 10.85
C PHE B 230 4.26 -0.55 11.58
N TRP B 231 4.18 -0.17 12.85
CA TRP B 231 2.96 -0.35 13.61
C TRP B 231 1.85 0.58 13.12
N LEU B 232 2.19 1.77 12.65
CA LEU B 232 1.17 2.64 12.07
C LEU B 232 0.54 1.99 10.85
N ARG B 233 1.37 1.47 9.94
CA ARG B 233 0.84 0.78 8.77
C ARG B 233 0.00 -0.42 9.18
N HIS B 234 0.49 -1.21 10.13
CA HIS B 234 -0.22 -2.42 10.53
C HIS B 234 -1.57 -2.09 11.15
N ARG B 235 -1.61 -1.10 12.04
CA ARG B 235 -2.86 -0.72 12.70
C ARG B 235 -3.84 -0.12 11.72
N LEU B 236 -3.36 0.74 10.81
CA LEU B 236 -4.27 1.31 9.83
C LEU B 236 -4.84 0.24 8.91
N GLN B 237 -4.00 -0.72 8.51
CA GLN B 237 -4.50 -1.85 7.72
C GLN B 237 -5.53 -2.65 8.48
N TRP B 238 -5.28 -2.91 9.76
CA TRP B 238 -6.22 -3.71 10.55
C TRP B 238 -7.56 -3.00 10.70
N TRP B 239 -7.54 -1.70 10.98
CA TRP B 239 -8.78 -0.95 11.09
C TRP B 239 -9.48 -0.80 9.75
N ARG B 240 -8.74 -0.86 8.63
CA ARG B 240 -9.34 -0.68 7.32
C ARG B 240 -9.89 -1.96 6.72
N LYS B 241 -9.35 -3.12 7.09
CA LYS B 241 -9.73 -4.35 6.40
C LYS B 241 -11.13 -4.81 6.79
N PHE B 242 -11.59 -4.48 7.98
CA PHE B 242 -12.91 -4.88 8.44
C PHE B 242 -14.01 -3.92 8.01
N ALA B 243 -13.67 -2.82 7.34
CA ALA B 243 -14.63 -1.77 7.07
C ALA B 243 -15.14 -1.85 5.64
N MET B 244 -16.37 -1.37 5.45
CA MET B 244 -16.95 -1.22 4.13
C MET B 244 -16.41 0.00 3.39
N SER B 245 -15.71 0.89 4.09
CA SER B 245 -15.13 2.08 3.48
C SER B 245 -13.84 2.40 4.21
N PRO B 246 -12.73 1.79 3.81
CA PRO B 246 -11.46 2.05 4.50
C PRO B 246 -11.00 3.50 4.40
N SER B 247 -11.48 4.26 3.43
CA SER B 247 -11.05 5.65 3.31
C SER B 247 -11.50 6.49 4.49
N ASN B 248 -12.58 6.09 5.16
CA ASN B 248 -13.04 6.82 6.34
C ASN B 248 -12.02 6.73 7.47
N PHE B 249 -11.41 5.56 7.64
CA PHE B 249 -10.39 5.40 8.67
C PHE B 249 -9.11 6.10 8.25
N SER B 250 -9.07 7.42 8.41
CA SER B 250 -7.94 8.22 7.98
C SER B 250 -6.85 8.17 9.05
N SER B 251 -5.84 9.02 8.91
CA SER B 251 -4.74 9.07 9.87
C SER B 251 -4.13 10.45 9.85
N SER B 252 -3.36 10.76 10.88
CA SER B 252 -2.71 12.05 11.00
C SER B 252 -1.40 11.87 11.76
N ASP B 253 -0.52 12.84 11.60
CA ASP B 253 0.83 12.79 12.18
C ASP B 253 1.04 14.08 12.96
N CYS B 254 0.68 14.06 14.24
CA CYS B 254 0.89 15.20 15.13
C CYS B 254 2.11 14.97 16.00
N GLN B 255 2.85 16.05 16.27
CA GLN B 255 4.07 16.01 17.06
C GLN B 255 3.80 16.50 18.46
N ASP B 256 4.41 15.84 19.44
CA ASP B 256 4.22 16.21 20.84
C ASP B 256 4.90 17.55 21.13
N GLU B 257 4.49 18.15 22.25
CA GLU B 257 5.06 19.44 22.65
C GLU B 257 6.55 19.32 22.95
N GLU B 258 6.95 18.23 23.60
CA GLU B 258 8.36 18.05 23.96
C GLU B 258 9.23 17.71 22.77
N GLY B 259 8.65 17.45 21.60
CA GLY B 259 9.39 17.11 20.41
C GLY B 259 9.24 15.67 19.96
N ARG B 260 8.58 14.83 20.76
CA ARG B 260 8.36 13.44 20.37
C ARG B 260 7.36 13.36 19.22
N LYS B 261 7.55 12.38 18.37
CA LYS B 261 6.70 12.16 17.20
C LYS B 261 5.67 11.09 17.49
N GLY B 262 4.51 11.21 16.84
CA GLY B 262 3.44 10.26 17.06
C GLY B 262 2.39 10.35 15.99
N ASN B 263 1.46 9.41 16.03
CA ASN B 263 0.39 9.33 15.05
C ASN B 263 -0.95 9.13 15.76
N LYS B 264 -1.99 9.72 15.18
CA LYS B 264 -3.35 9.60 15.68
C LYS B 264 -4.25 9.06 14.58
N LEU B 265 -4.84 7.90 14.81
CA LEU B 265 -5.84 7.39 13.90
C LEU B 265 -7.17 8.12 14.12
N TYR B 266 -8.10 7.92 13.21
CA TYR B 266 -9.36 8.65 13.24
C TYR B 266 -10.45 7.77 12.64
N TYR B 267 -11.65 8.34 12.55
CA TYR B 267 -12.75 7.78 11.79
C TYR B 267 -13.68 8.92 11.41
N ASN B 268 -14.12 8.95 10.17
CA ASN B 268 -14.94 10.05 9.67
C ASN B 268 -16.41 9.76 9.98
N PHE B 269 -16.80 10.04 11.21
CA PHE B 269 -18.19 9.96 11.61
C PHE B 269 -19.00 11.00 10.84
N PRO B 270 -20.32 10.85 10.79
CA PRO B 270 -21.14 11.85 10.08
C PRO B 270 -20.96 13.27 10.59
N TRP B 271 -20.67 13.45 11.87
CA TRP B 271 -20.46 14.79 12.40
C TRP B 271 -19.02 15.26 12.21
N GLY B 272 -18.05 14.38 12.37
CA GLY B 272 -16.67 14.77 12.22
C GLY B 272 -15.74 13.60 12.43
N LYS B 273 -14.47 13.91 12.69
CA LYS B 273 -13.47 12.89 12.94
C LYS B 273 -13.26 12.73 14.43
N GLU B 274 -13.20 11.49 14.90
CA GLU B 274 -13.02 11.17 16.30
C GLU B 274 -11.82 10.27 16.47
N LEU B 275 -11.00 10.55 17.48
CA LEU B 275 -9.81 9.75 17.74
C LEU B 275 -10.21 8.37 18.23
N ILE B 276 -9.61 7.34 17.63
CA ILE B 276 -9.85 5.96 18.06
C ILE B 276 -8.58 5.20 18.41
N GLU B 277 -7.40 5.68 18.02
CA GLU B 277 -6.15 5.00 18.36
C GLU B 277 -5.01 5.99 18.22
N THR B 278 -4.00 5.86 19.08
CA THR B 278 -2.88 6.78 19.11
C THR B 278 -1.59 6.01 19.36
N LEU B 279 -0.56 6.30 18.57
CA LEU B 279 0.75 5.70 18.73
C LEU B 279 1.75 6.80 19.05
N TRP B 280 2.17 6.88 20.31
CA TRP B 280 3.14 7.87 20.74
C TRP B 280 4.52 7.24 20.87
N ASN B 281 5.50 7.81 20.19
CA ASN B 281 6.87 7.30 20.24
C ASN B 281 7.60 7.93 21.43
N LEU B 282 7.16 7.52 22.62
CA LEU B 282 7.75 8.01 23.86
C LEU B 282 9.20 7.56 23.99
N GLY B 283 9.98 8.37 24.69
CA GLY B 283 11.36 8.02 24.98
C GLY B 283 11.43 7.08 26.16
N ASP B 284 12.64 6.97 26.73
CA ASP B 284 12.86 6.20 27.93
C ASP B 284 12.62 7.01 29.20
N HIS B 285 12.01 8.19 29.06
CA HIS B 285 11.76 9.04 30.23
C HIS B 285 10.81 8.37 31.22
N GLU B 286 9.74 7.74 30.73
CA GLU B 286 8.76 7.13 31.62
C GLU B 286 9.39 5.98 32.41
N LEU B 287 10.18 5.14 31.75
CA LEU B 287 10.81 4.03 32.44
C LEU B 287 11.85 4.51 33.45
N LEU B 288 12.64 5.51 33.09
CA LEU B 288 13.64 6.05 34.01
C LEU B 288 12.98 6.67 35.22
N HIS B 289 11.88 7.41 35.02
CA HIS B 289 11.16 7.99 36.15
C HIS B 289 10.54 6.91 37.02
N MET B 290 9.98 5.87 36.40
CA MET B 290 9.32 4.81 37.15
C MET B 290 10.31 3.85 37.81
N TYR B 291 11.56 3.83 37.36
CA TYR B 291 12.58 2.94 37.91
C TYR B 291 13.84 3.76 38.22
N PRO B 292 13.78 4.61 39.25
CA PRO B 292 14.95 5.40 39.61
C PRO B 292 16.03 4.53 40.24
N GLY B 293 17.27 5.00 40.12
CA GLY B 293 18.42 4.33 40.70
C GLY B 293 19.35 3.78 39.64
N ASN B 294 19.79 2.54 39.83
CA ASN B 294 20.69 1.89 38.89
C ASN B 294 19.90 1.48 37.65
N VAL B 295 20.39 1.89 36.48
CA VAL B 295 19.64 1.72 35.24
C VAL B 295 20.13 0.48 34.48
N SER B 296 20.88 -0.40 35.17
CA SER B 296 21.29 -1.63 34.53
C SER B 296 20.14 -2.62 34.37
N LYS B 297 19.07 -2.47 35.14
CA LYS B 297 17.90 -3.31 34.96
C LYS B 297 17.25 -3.08 33.60
N LEU B 298 17.19 -1.82 33.18
CA LEU B 298 16.51 -1.43 31.95
C LEU B 298 17.48 -1.55 30.77
N HIS B 299 17.86 -2.80 30.48
CA HIS B 299 18.81 -3.09 29.41
C HIS B 299 18.31 -4.29 28.61
N GLY B 300 17.98 -4.05 27.34
CA GLY B 300 17.57 -5.11 26.44
C GLY B 300 18.68 -5.37 25.41
N ARG B 301 18.97 -6.65 25.22
CA ARG B 301 20.08 -7.05 24.34
C ARG B 301 19.68 -6.89 22.88
N ASP B 302 19.69 -5.64 22.43
CA ASP B 302 19.48 -5.34 21.02
C ASP B 302 20.69 -5.82 20.22
N GLY B 303 20.51 -6.90 19.46
CA GLY B 303 21.64 -7.50 18.77
C GLY B 303 22.66 -8.05 19.74
N ARG B 304 23.79 -7.37 19.87
CA ARG B 304 24.80 -7.71 20.85
C ARG B 304 25.04 -6.64 21.90
N LYS B 305 24.51 -5.44 21.71
CA LYS B 305 24.76 -4.33 22.61
C LYS B 305 23.52 -4.04 23.46
N ASN B 306 23.71 -3.93 24.77
CA ASN B 306 22.63 -3.56 25.66
C ASN B 306 22.27 -2.09 25.49
N VAL B 307 20.99 -1.78 25.69
CA VAL B 307 20.51 -0.41 25.54
C VAL B 307 19.19 -0.29 26.27
N VAL B 308 18.87 0.92 26.72
CA VAL B 308 17.58 1.21 27.35
C VAL B 308 16.53 1.31 26.25
N PRO B 309 15.46 0.53 26.31
CA PRO B 309 14.52 0.48 25.20
C PRO B 309 13.70 1.76 25.06
N CYS B 310 13.24 2.00 23.84
CA CYS B 310 12.32 3.09 23.54
C CYS B 310 10.89 2.57 23.64
N VAL B 311 10.05 3.29 24.38
CA VAL B 311 8.71 2.82 24.71
C VAL B 311 7.74 3.38 23.67
N LEU B 312 6.99 2.49 23.03
CA LEU B 312 5.96 2.86 22.07
C LEU B 312 4.62 2.36 22.58
N SER B 313 3.65 3.26 22.68
CA SER B 313 2.33 2.94 23.22
C SER B 313 1.29 3.05 22.11
N VAL B 314 0.54 1.98 21.90
CA VAL B 314 -0.51 1.93 20.88
C VAL B 314 -1.81 1.63 21.62
N ASN B 315 -2.62 2.66 21.86
CA ASN B 315 -3.82 2.54 22.70
C ASN B 315 -5.04 2.88 21.85
N GLY B 316 -5.83 1.87 21.51
CA GLY B 316 -7.03 2.04 20.71
C GLY B 316 -8.28 1.93 21.55
N ASP B 317 -9.33 2.61 21.12
CA ASP B 317 -10.61 2.65 21.84
C ASP B 317 -11.56 1.67 21.18
N LEU B 318 -11.83 0.55 21.85
CA LEU B 318 -12.67 -0.49 21.28
C LEU B 318 -14.15 -0.12 21.32
N ASP B 319 -14.60 0.64 22.32
CA ASP B 319 -15.99 1.07 22.34
C ASP B 319 -16.28 2.01 21.18
N ARG B 320 -15.46 3.05 21.02
CA ARG B 320 -15.65 3.93 19.87
C ARG B 320 -15.30 3.21 18.58
N GLY B 321 -14.46 2.18 18.64
CA GLY B 321 -14.19 1.39 17.44
C GLY B 321 -15.42 0.65 16.96
N MET B 322 -16.13 -0.01 17.89
CA MET B 322 -17.34 -0.72 17.49
C MET B 322 -18.47 0.25 17.13
N LEU B 323 -18.51 1.42 17.77
CA LEU B 323 -19.47 2.43 17.36
C LEU B 323 -19.18 2.92 15.94
N ALA B 324 -17.90 3.07 15.61
CA ALA B 324 -17.52 3.46 14.25
C ALA B 324 -17.88 2.37 13.26
N TYR B 325 -17.68 1.10 13.63
CA TYR B 325 -18.05 0.01 12.74
C TYR B 325 -19.56 -0.03 12.53
N LEU B 326 -20.34 0.22 13.59
CA LEU B 326 -21.79 0.27 13.44
C LEU B 326 -22.21 1.43 12.54
N TYR B 327 -21.56 2.58 12.67
CA TYR B 327 -21.87 3.71 11.79
C TYR B 327 -21.44 3.43 10.35
N ASP B 328 -20.37 2.68 10.17
CA ASP B 328 -19.87 2.40 8.82
C ASP B 328 -20.73 1.37 8.11
N SER B 329 -21.15 0.33 8.82
CA SER B 329 -21.92 -0.72 8.19
C SER B 329 -23.30 -0.23 7.73
N PHE B 330 -23.85 0.77 8.42
CA PHE B 330 -25.18 1.26 8.06
C PHE B 330 -25.17 2.01 6.72
N GLN B 331 -24.02 2.49 6.27
CA GLN B 331 -23.88 3.15 4.97
C GLN B 331 -24.81 4.34 4.85
N LEU B 332 -24.56 5.35 5.70
CA LEU B 332 -25.40 6.54 5.72
C LEU B 332 -25.25 7.37 4.47
N THR B 333 -24.05 7.40 3.87
CA THR B 333 -23.85 8.14 2.64
C THR B 333 -24.69 7.59 1.50
N GLU B 334 -24.82 6.26 1.43
CA GLU B 334 -25.63 5.64 0.39
C GLU B 334 -27.09 6.05 0.52
N ASN B 335 -27.60 6.12 1.75
CA ASN B 335 -28.99 6.50 1.99
C ASN B 335 -29.25 7.95 1.59
N THR B 338 -29.56 7.42 -6.88
CA THR B 338 -30.46 7.31 -8.03
C THR B 338 -30.92 5.87 -8.22
N ARG B 339 -30.17 4.93 -7.63
CA ARG B 339 -30.52 3.52 -7.67
C ARG B 339 -31.24 3.05 -6.43
N LYS B 340 -30.85 3.55 -5.26
CA LYS B 340 -31.51 3.22 -3.99
C LYS B 340 -32.63 4.19 -3.66
N LYS B 341 -33.21 4.84 -4.68
CA LYS B 341 -34.32 5.75 -4.45
C LYS B 341 -35.52 5.01 -3.85
N ASN B 342 -35.84 3.84 -4.39
CA ASN B 342 -36.86 2.98 -3.82
C ASN B 342 -36.28 1.81 -3.02
N LEU B 343 -35.10 1.32 -3.41
CA LEU B 343 -34.43 0.27 -2.66
C LEU B 343 -33.95 0.84 -1.33
N HIS B 344 -34.60 0.43 -0.25
CA HIS B 344 -34.29 0.97 1.08
C HIS B 344 -34.52 -0.14 2.10
N ARG B 345 -33.46 -0.85 2.46
CA ARG B 345 -33.51 -1.85 3.52
C ARG B 345 -32.48 -1.47 4.58
N LYS B 346 -32.93 -1.39 5.83
CA LYS B 346 -32.06 -1.00 6.93
C LYS B 346 -31.23 -2.22 7.34
N VAL B 347 -29.95 -2.21 6.97
CA VAL B 347 -29.08 -3.36 7.16
C VAL B 347 -27.77 -2.89 7.77
N LEU B 348 -27.28 -3.62 8.77
CA LEU B 348 -25.95 -3.41 9.32
C LEU B 348 -25.02 -4.43 8.69
N LYS B 349 -24.24 -3.99 7.71
CA LYS B 349 -23.35 -4.89 6.96
C LYS B 349 -22.01 -5.06 7.68
N LEU B 350 -22.10 -5.60 8.89
CA LEU B 350 -20.88 -5.88 9.64
C LEU B 350 -20.08 -6.98 8.95
N HIS B 351 -18.76 -6.89 9.07
CA HIS B 351 -17.88 -7.87 8.46
C HIS B 351 -18.17 -9.25 9.05
N PRO B 352 -18.09 -10.31 8.24
CA PRO B 352 -18.45 -11.65 8.76
C PRO B 352 -17.63 -12.09 9.96
N CYS B 353 -16.41 -11.58 10.12
CA CYS B 353 -15.63 -11.88 11.31
C CYS B 353 -15.99 -11.00 12.50
N LEU B 354 -16.91 -10.05 12.31
CA LEU B 354 -17.34 -9.15 13.38
C LEU B 354 -18.80 -9.30 13.76
N ALA B 355 -19.64 -9.81 12.87
CA ALA B 355 -21.08 -9.84 13.12
C ALA B 355 -21.37 -10.61 14.40
N PRO B 356 -22.29 -10.12 15.24
CA PRO B 356 -22.55 -10.78 16.52
C PRO B 356 -23.16 -12.17 16.38
N ILE B 357 -24.25 -12.28 15.62
CA ILE B 357 -24.94 -13.54 15.40
C ILE B 357 -24.86 -13.87 13.91
N LYS B 358 -24.37 -15.07 13.60
CA LYS B 358 -24.10 -15.43 12.21
C LYS B 358 -25.37 -15.77 11.45
N VAL B 359 -26.09 -16.81 11.89
CA VAL B 359 -27.24 -17.29 11.15
C VAL B 359 -28.47 -17.26 12.04
N ALA B 360 -29.64 -17.21 11.41
CA ALA B 360 -30.93 -17.27 12.08
C ALA B 360 -31.65 -18.53 11.64
N LEU B 361 -32.09 -19.33 12.60
CA LEU B 361 -32.72 -20.61 12.33
C LEU B 361 -34.19 -20.52 12.70
N ASP B 362 -35.06 -20.82 11.74
CA ASP B 362 -36.51 -20.73 11.92
C ASP B 362 -37.15 -22.08 11.66
N VAL B 363 -38.49 -22.10 11.65
CA VAL B 363 -39.24 -23.32 11.40
C VAL B 363 -40.61 -22.90 10.87
N GLY B 364 -41.28 -23.81 10.19
CA GLY B 364 -42.56 -23.48 9.59
C GLY B 364 -43.66 -24.50 9.81
N ARG B 365 -44.72 -24.08 10.49
CA ARG B 365 -45.96 -24.86 10.67
C ARG B 365 -45.62 -26.18 11.35
N GLY B 366 -46.08 -27.32 10.84
CA GLY B 366 -45.89 -28.59 11.50
C GLY B 366 -45.28 -29.64 10.59
N PRO B 367 -45.04 -30.85 11.12
CA PRO B 367 -45.31 -31.30 12.50
C PRO B 367 -44.37 -30.67 13.52
N THR B 368 -44.87 -30.41 14.73
CA THR B 368 -44.08 -29.63 15.70
C THR B 368 -42.92 -30.44 16.25
N LEU B 369 -43.16 -31.70 16.63
CA LEU B 369 -42.15 -32.48 17.33
C LEU B 369 -40.95 -32.77 16.45
N GLU B 370 -41.20 -33.29 15.24
CA GLU B 370 -40.08 -33.68 14.38
C GLU B 370 -39.30 -32.46 13.89
N LEU B 371 -40.01 -31.39 13.54
CA LEU B 371 -39.32 -30.17 13.13
C LEU B 371 -38.51 -29.58 14.27
N ARG B 372 -39.04 -29.63 15.50
CA ARG B 372 -38.28 -29.16 16.65
C ARG B 372 -37.02 -29.99 16.84
N GLN B 373 -37.13 -31.32 16.70
CA GLN B 373 -35.95 -32.16 16.84
C GLN B 373 -34.91 -31.85 15.76
N VAL B 374 -35.35 -31.65 14.52
CA VAL B 374 -34.43 -31.32 13.44
C VAL B 374 -33.75 -29.98 13.71
N CYS B 375 -34.54 -28.98 14.14
CA CYS B 375 -33.98 -27.66 14.42
C CYS B 375 -32.97 -27.72 15.56
N GLN B 376 -33.28 -28.49 16.61
CA GLN B 376 -32.34 -28.60 17.72
C GLN B 376 -31.07 -29.32 17.32
N GLY B 377 -31.19 -30.36 16.48
CA GLY B 377 -30.01 -31.03 15.97
C GLY B 377 -29.13 -30.11 15.15
N LEU B 378 -29.75 -29.33 14.25
CA LEU B 378 -28.99 -28.38 13.46
C LEU B 378 -28.38 -27.29 14.34
N PHE B 379 -29.11 -26.87 15.38
CA PHE B 379 -28.60 -25.89 16.33
C PHE B 379 -27.32 -26.39 16.99
N ASN B 380 -27.35 -27.62 17.51
CA ASN B 380 -26.17 -28.19 18.13
C ASN B 380 -25.05 -28.37 17.11
N GLU B 381 -25.39 -28.79 15.89
CA GLU B 381 -24.37 -28.99 14.86
C GLU B 381 -23.64 -27.68 14.55
N LEU B 382 -24.39 -26.59 14.37
CA LEU B 382 -23.76 -25.31 14.09
C LEU B 382 -23.00 -24.78 15.29
N LEU B 383 -23.55 -24.94 16.50
CA LEU B 383 -22.88 -24.43 17.69
C LEU B 383 -21.56 -25.12 17.94
N GLU B 384 -21.49 -26.44 17.74
CA GLU B 384 -20.27 -27.18 17.99
C GLU B 384 -19.14 -26.79 17.04
N ASN B 385 -19.44 -26.07 15.96
CA ASN B 385 -18.43 -25.63 15.01
C ASN B 385 -18.21 -24.12 15.05
N GLY B 386 -18.44 -23.51 16.21
CA GLY B 386 -18.15 -22.10 16.40
C GLY B 386 -18.97 -21.17 15.53
N ILE B 387 -20.26 -21.44 15.39
CA ILE B 387 -21.16 -20.58 14.63
C ILE B 387 -22.33 -20.20 15.53
N SER B 388 -22.45 -18.92 15.84
CA SER B 388 -23.57 -18.45 16.65
C SER B 388 -24.86 -18.52 15.85
N VAL B 389 -25.95 -18.89 16.53
CA VAL B 389 -27.26 -19.05 15.92
C VAL B 389 -28.29 -18.32 16.76
N TRP B 390 -29.20 -17.60 16.11
CA TRP B 390 -30.31 -16.96 16.80
C TRP B 390 -31.48 -17.93 16.82
N PRO B 391 -31.91 -18.43 17.97
CA PRO B 391 -32.97 -19.43 17.99
C PRO B 391 -34.34 -18.85 17.67
N GLY B 392 -34.59 -18.57 16.39
CA GLY B 392 -35.86 -18.02 15.98
C GLY B 392 -36.99 -19.03 15.91
N TYR B 393 -36.68 -20.33 16.00
CA TYR B 393 -37.73 -21.34 15.96
C TYR B 393 -38.50 -21.45 17.26
N LEU B 394 -37.92 -20.99 18.38
CA LEU B 394 -38.59 -21.07 19.66
C LEU B 394 -39.77 -20.12 19.78
N GLU B 395 -39.90 -19.15 18.89
CA GLU B 395 -40.94 -18.15 19.00
C GLU B 395 -42.31 -18.78 18.83
N THR B 396 -43.12 -18.74 19.90
CA THR B 396 -44.47 -19.27 19.83
C THR B 396 -45.31 -18.49 18.84
N MET B 397 -45.20 -17.17 18.85
CA MET B 397 -45.89 -16.35 17.86
C MET B 397 -45.15 -16.39 16.53
N GLN B 398 -45.75 -15.79 15.52
CA GLN B 398 -45.15 -15.73 14.20
C GLN B 398 -45.45 -14.38 13.56
N SER B 399 -44.44 -13.81 12.90
CA SER B 399 -44.55 -12.55 12.19
C SER B 399 -44.46 -12.79 10.69
N SER B 400 -44.80 -11.76 9.92
CA SER B 400 -44.71 -11.84 8.48
C SER B 400 -43.25 -12.04 8.06
N LEU B 401 -43.06 -12.78 6.97
CA LEU B 401 -41.71 -13.16 6.56
C LEU B 401 -40.86 -11.94 6.21
N GLU B 402 -41.46 -10.94 5.56
CA GLU B 402 -40.72 -9.73 5.23
C GLU B 402 -40.29 -8.98 6.48
N GLN B 403 -41.19 -8.87 7.47
CA GLN B 403 -40.84 -8.20 8.72
C GLN B 403 -39.76 -8.98 9.47
N LEU B 404 -39.85 -10.31 9.47
CA LEU B 404 -38.81 -11.12 10.11
C LEU B 404 -37.46 -10.92 9.42
N TYR B 405 -37.47 -10.86 8.08
CA TYR B 405 -36.23 -10.64 7.34
C TYR B 405 -35.65 -9.27 7.63
N SER B 406 -36.49 -8.25 7.73
CA SER B 406 -36.02 -6.92 8.09
C SER B 406 -35.43 -6.91 9.50
N LYS B 407 -36.08 -7.60 10.43
CA LYS B 407 -35.56 -7.71 11.78
C LYS B 407 -34.19 -8.39 11.81
N TYR B 408 -34.03 -9.45 11.02
CA TYR B 408 -32.74 -10.13 10.96
C TYR B 408 -31.69 -9.26 10.29
N ASP B 409 -32.06 -8.52 9.25
CA ASP B 409 -31.12 -7.64 8.58
C ASP B 409 -30.62 -6.55 9.52
N GLU B 410 -31.52 -5.95 10.30
CA GLU B 410 -31.10 -4.92 11.25
C GLU B 410 -30.18 -5.48 12.33
N MET B 411 -30.21 -6.78 12.58
CA MET B 411 -29.38 -7.42 13.59
C MET B 411 -28.06 -7.94 13.05
N SER B 412 -27.78 -7.69 11.77
CA SER B 412 -26.57 -8.20 11.11
C SER B 412 -26.52 -9.72 11.15
N ILE B 413 -27.55 -10.34 10.57
CA ILE B 413 -27.67 -11.78 10.48
C ILE B 413 -27.23 -12.19 9.07
N LEU B 414 -26.15 -12.96 8.99
CA LEU B 414 -25.57 -13.31 7.70
C LEU B 414 -26.52 -14.19 6.88
N PHE B 415 -27.06 -15.25 7.50
CA PHE B 415 -27.90 -16.20 6.79
C PHE B 415 -29.18 -16.46 7.60
N THR B 416 -30.23 -16.84 6.90
CA THR B 416 -31.53 -17.11 7.51
C THR B 416 -32.02 -18.47 7.04
N VAL B 417 -31.79 -19.49 7.86
CA VAL B 417 -32.19 -20.86 7.54
C VAL B 417 -33.65 -21.05 7.92
N LEU B 418 -34.39 -21.77 7.08
CA LEU B 418 -35.80 -22.06 7.31
C LEU B 418 -36.03 -23.55 7.10
N VAL B 419 -36.23 -24.29 8.18
CA VAL B 419 -36.44 -25.74 8.12
C VAL B 419 -37.94 -25.97 8.06
N THR B 420 -38.44 -26.23 6.85
CA THR B 420 -39.86 -26.47 6.66
C THR B 420 -40.18 -27.96 6.82
N GLU B 421 -41.44 -28.31 6.56
CA GLU B 421 -41.85 -29.70 6.66
C GLU B 421 -41.14 -30.57 5.63
N THR B 422 -40.92 -30.04 4.43
CA THR B 422 -40.31 -30.81 3.35
C THR B 422 -38.91 -31.31 3.71
N THR B 423 -38.24 -30.68 4.67
CA THR B 423 -36.88 -31.08 5.04
C THR B 423 -36.83 -32.53 5.50
N LEU B 424 -37.95 -33.05 6.04
CA LEU B 424 -37.95 -34.40 6.57
C LEU B 424 -37.80 -35.46 5.48
N GLU B 425 -38.23 -35.15 4.26
CA GLU B 425 -38.24 -36.15 3.19
C GLU B 425 -37.10 -36.00 2.19
N ASN B 426 -36.54 -34.80 2.02
CA ASN B 426 -35.43 -34.61 1.09
C ASN B 426 -34.24 -33.87 1.68
N GLY B 427 -34.38 -33.21 2.83
CA GLY B 427 -33.27 -32.53 3.45
C GLY B 427 -32.92 -31.19 2.85
N LEU B 428 -33.87 -30.51 2.21
CA LEU B 428 -33.64 -29.21 1.61
C LEU B 428 -34.18 -28.12 2.53
N ILE B 429 -33.36 -27.11 2.80
CA ILE B 429 -33.71 -26.01 3.67
C ILE B 429 -33.43 -24.70 2.95
N HIS B 430 -34.39 -23.77 3.00
CA HIS B 430 -34.17 -22.45 2.42
C HIS B 430 -33.04 -21.74 3.15
N LEU B 431 -32.26 -20.98 2.40
CA LEU B 431 -31.08 -20.29 2.94
C LEU B 431 -31.01 -18.91 2.29
N ARG B 432 -31.60 -17.92 2.95
CA ARG B 432 -31.49 -16.55 2.51
C ARG B 432 -30.20 -15.92 3.04
N SER B 433 -29.53 -15.16 2.19
CA SER B 433 -28.26 -14.53 2.54
C SER B 433 -28.46 -13.02 2.68
N ARG B 434 -27.82 -12.45 3.70
CA ARG B 434 -27.98 -11.02 3.99
C ARG B 434 -27.49 -10.17 2.83
N ASP B 435 -26.36 -10.55 2.22
CA ASP B 435 -25.73 -9.73 1.20
C ASP B 435 -26.63 -9.56 -0.02
N THR B 436 -27.26 -10.63 -0.47
CA THR B 436 -27.99 -10.63 -1.73
C THR B 436 -29.49 -10.65 -1.58
N THR B 437 -30.01 -11.18 -0.46
CA THR B 437 -31.44 -11.36 -0.25
C THR B 437 -32.05 -12.25 -1.32
N MET B 438 -31.46 -13.42 -1.50
CA MET B 438 -31.94 -14.40 -2.46
C MET B 438 -31.94 -15.78 -1.81
N LYS B 439 -33.04 -16.50 -1.97
CA LYS B 439 -33.19 -17.81 -1.34
C LYS B 439 -32.53 -18.89 -2.20
N GLU B 440 -31.78 -19.77 -1.54
CA GLU B 440 -31.18 -20.92 -2.18
C GLU B 440 -31.47 -22.15 -1.34
N MET B 441 -31.99 -23.20 -1.97
CA MET B 441 -32.32 -24.44 -1.26
C MET B 441 -31.09 -25.31 -1.26
N MET B 442 -30.42 -25.40 -0.12
CA MET B 442 -29.22 -26.19 0.05
C MET B 442 -29.52 -27.38 0.94
N HIS B 443 -28.91 -28.52 0.62
CA HIS B 443 -29.11 -29.72 1.42
C HIS B 443 -28.62 -29.49 2.84
N ILE B 444 -29.34 -30.06 3.81
CA ILE B 444 -29.06 -29.79 5.21
C ILE B 444 -27.68 -30.30 5.62
N SER B 445 -27.24 -31.42 5.04
CA SER B 445 -25.92 -31.95 5.37
C SER B 445 -24.80 -31.04 4.89
N LYS B 446 -25.02 -30.26 3.84
CA LYS B 446 -24.00 -29.38 3.28
C LYS B 446 -24.03 -27.98 3.87
N LEU B 447 -24.93 -27.70 4.82
CA LEU B 447 -25.04 -26.35 5.36
C LEU B 447 -23.84 -26.00 6.23
N LYS B 448 -23.42 -26.93 7.10
CA LYS B 448 -22.32 -26.64 8.02
C LYS B 448 -21.03 -26.35 7.25
N ASP B 449 -20.73 -27.18 6.24
CA ASP B 449 -19.52 -26.99 5.46
C ASP B 449 -19.55 -25.67 4.71
N PHE B 450 -20.70 -25.34 4.12
CA PHE B 450 -20.82 -24.08 3.38
C PHE B 450 -20.66 -22.88 4.30
N LEU B 451 -21.26 -22.94 5.49
CA LEU B 451 -21.14 -21.82 6.44
C LEU B 451 -19.70 -21.66 6.91
N ILE B 452 -19.03 -22.78 7.21
CA ILE B 452 -17.64 -22.70 7.65
C ILE B 452 -16.77 -22.14 6.53
N LYS B 453 -17.03 -22.57 5.29
CA LYS B 453 -16.26 -22.07 4.16
C LYS B 453 -16.48 -20.57 3.95
N TYR B 454 -17.73 -20.11 4.09
CA TYR B 454 -18.02 -18.70 3.92
C TYR B 454 -17.38 -17.86 5.01
N ILE B 455 -17.43 -18.33 6.26
CA ILE B 455 -16.86 -17.55 7.36
C ILE B 455 -15.34 -17.53 7.28
N SER B 456 -14.74 -18.71 7.04
CA SER B 456 -13.28 -18.81 7.06
C SER B 456 -12.63 -18.16 5.83
N SER B 457 -13.36 -18.04 4.73
CA SER B 457 -12.80 -17.40 3.54
C SER B 457 -12.51 -15.93 3.76
N ALA B 458 -13.17 -15.30 4.72
CA ALA B 458 -12.88 -13.90 5.07
C ALA B 458 -11.85 -13.82 6.19
N LYS B 459 -10.74 -14.52 6.01
CA LYS B 459 -9.63 -14.54 6.96
C LYS B 459 -10.09 -14.89 8.37
N ASN B 460 -10.63 -16.09 8.51
CA ASN B 460 -11.03 -16.61 9.82
C ASN B 460 -10.42 -17.99 10.03
N SER C 42 2.84 -26.85 49.27
CA SER C 42 2.01 -25.66 49.38
C SER C 42 2.75 -24.43 48.86
N GLU C 43 3.83 -24.06 49.55
CA GLU C 43 4.62 -22.91 49.15
C GLU C 43 5.32 -23.13 47.81
N ALA C 44 5.77 -24.36 47.56
CA ALA C 44 6.51 -24.64 46.33
C ALA C 44 5.66 -24.35 45.09
N LEU C 45 4.39 -24.71 45.13
CA LEU C 45 3.51 -24.44 44.00
C LEU C 45 3.39 -22.94 43.72
N LEU C 46 3.26 -22.14 44.78
CA LEU C 46 3.18 -20.69 44.57
C LEU C 46 4.47 -20.15 44.01
N GLU C 47 5.62 -20.66 44.47
CA GLU C 47 6.90 -20.25 43.92
C GLU C 47 7.00 -20.60 42.44
N ILE C 48 6.56 -21.80 42.07
CA ILE C 48 6.60 -22.20 40.66
C ILE C 48 5.70 -21.30 39.82
N CYS C 49 4.50 -21.01 40.33
CA CYS C 49 3.60 -20.11 39.61
C CYS C 49 4.21 -18.73 39.45
N GLN C 50 4.94 -18.26 40.46
CA GLN C 50 5.57 -16.95 40.37
C GLN C 50 6.69 -16.95 39.35
N ARG C 51 7.56 -17.96 39.38
CA ARG C 51 8.68 -18.01 38.44
C ARG C 51 8.20 -18.17 37.00
N ARG C 52 7.23 -19.05 36.79
CA ARG C 52 6.72 -19.33 35.45
C ARG C 52 5.74 -18.30 34.95
N HIS C 53 5.66 -17.14 35.62
CA HIS C 53 4.86 -16.00 35.16
C HIS C 53 3.37 -16.34 35.13
N PHE C 54 2.91 -17.06 36.15
CA PHE C 54 1.48 -17.21 36.38
C PHE C 54 0.93 -16.04 37.20
N LEU C 55 1.62 -15.68 38.28
CA LEU C 55 1.22 -14.60 39.16
C LEU C 55 2.34 -13.56 39.19
N SER C 56 2.12 -12.41 38.56
CA SER C 56 3.13 -11.37 38.52
C SER C 56 3.29 -10.72 39.89
N GLY C 57 4.49 -10.20 40.13
CA GLY C 57 4.80 -9.50 41.37
C GLY C 57 6.00 -10.11 42.07
N SER C 58 6.41 -9.43 43.13
CA SER C 58 7.54 -9.89 43.93
C SER C 58 7.14 -11.13 44.73
N LYS C 59 8.16 -11.86 45.20
CA LYS C 59 7.91 -13.07 45.97
C LYS C 59 7.19 -12.76 47.27
N GLN C 60 7.63 -11.71 47.97
CA GLN C 60 6.94 -11.30 49.20
C GLN C 60 5.65 -10.56 48.90
N GLN C 61 5.56 -9.89 47.74
CA GLN C 61 4.38 -9.10 47.42
C GLN C 61 3.14 -9.97 47.34
N LEU C 62 3.24 -11.15 46.75
CA LEU C 62 2.12 -12.06 46.63
C LEU C 62 1.94 -12.85 47.93
N SER C 63 0.74 -12.80 48.49
CA SER C 63 0.41 -13.51 49.72
C SER C 63 -0.91 -14.26 49.52
N ARG C 64 -1.08 -15.30 50.32
CA ARG C 64 -2.27 -16.15 50.21
C ARG C 64 -3.55 -15.34 50.42
N ASP C 65 -3.56 -14.50 51.45
CA ASP C 65 -4.75 -13.68 51.72
C ASP C 65 -5.01 -12.71 50.59
N SER C 66 -3.96 -12.12 50.02
CA SER C 66 -4.14 -11.25 48.86
C SER C 66 -4.67 -12.01 47.66
N LEU C 67 -4.21 -13.26 47.49
CA LEU C 67 -4.73 -14.10 46.42
C LEU C 67 -6.22 -14.37 46.59
N LEU C 68 -6.64 -14.68 47.82
CA LEU C 68 -8.02 -15.03 48.09
C LEU C 68 -8.94 -13.82 48.22
N SER C 69 -8.40 -12.62 48.40
CA SER C 69 -9.20 -11.43 48.62
C SER C 69 -9.16 -10.46 47.44
N GLY C 70 -8.52 -10.83 46.34
CA GLY C 70 -8.45 -9.96 45.19
C GLY C 70 -7.51 -8.79 45.34
N CYS C 71 -6.54 -8.86 46.25
CA CYS C 71 -5.58 -7.79 46.48
C CYS C 71 -4.18 -8.21 46.08
N HIS C 72 -4.08 -9.02 45.03
CA HIS C 72 -2.77 -9.38 44.51
C HIS C 72 -2.30 -8.36 43.47
N PRO C 73 -0.99 -8.22 43.30
CA PRO C 73 -0.49 -7.24 42.31
C PRO C 73 -0.99 -7.48 40.90
N GLY C 74 -1.20 -8.72 40.51
CA GLY C 74 -1.74 -9.00 39.19
C GLY C 74 -1.45 -10.43 38.76
N PHE C 75 -1.86 -10.73 37.54
CA PHE C 75 -1.70 -12.04 36.94
C PHE C 75 -0.60 -12.00 35.90
N GLY C 76 0.28 -12.99 35.93
CA GLY C 76 1.29 -13.14 34.90
C GLY C 76 0.66 -13.53 33.57
N PRO C 77 1.44 -13.46 32.49
CA PRO C 77 0.86 -13.79 31.18
C PRO C 77 0.28 -15.18 31.11
N LEU C 78 0.95 -16.16 31.72
CA LEU C 78 0.38 -17.50 31.80
C LEU C 78 -0.89 -17.50 32.63
N GLY C 79 -0.89 -16.77 33.75
CA GLY C 79 -2.11 -16.63 34.53
C GLY C 79 -3.22 -15.95 33.76
N VAL C 80 -2.86 -14.93 32.98
CA VAL C 80 -3.87 -14.23 32.17
C VAL C 80 -4.49 -15.18 31.15
N GLU C 81 -3.65 -15.98 30.49
CA GLU C 81 -4.18 -16.91 29.50
C GLU C 81 -4.99 -18.03 30.14
N LEU C 82 -4.59 -18.49 31.33
CA LEU C 82 -5.37 -19.49 32.04
C LEU C 82 -6.73 -18.94 32.46
N ARG C 83 -6.76 -17.68 32.92
CA ARG C 83 -8.03 -17.04 33.25
C ARG C 83 -8.90 -16.89 32.01
N LYS C 84 -8.29 -16.54 30.88
CA LYS C 84 -9.05 -16.40 29.64
C LYS C 84 -9.61 -17.76 29.20
N ASN C 85 -8.82 -18.83 29.37
CA ASN C 85 -9.31 -20.16 29.05
C ASN C 85 -10.48 -20.56 29.96
N LEU C 86 -10.36 -20.28 31.25
CA LEU C 86 -11.46 -20.56 32.17
C LEU C 86 -12.71 -19.79 31.79
N ALA C 87 -12.54 -18.51 31.44
CA ALA C 87 -13.68 -17.70 31.03
C ALA C 87 -14.31 -18.25 29.76
N ALA C 88 -13.49 -18.68 28.80
CA ALA C 88 -14.02 -19.26 27.57
C ALA C 88 -14.78 -20.55 27.84
N GLU C 89 -14.25 -21.40 28.72
CA GLU C 89 -14.93 -22.66 29.03
C GLU C 89 -16.25 -22.39 29.75
N TRP C 90 -16.25 -21.48 30.72
CA TRP C 90 -17.50 -21.14 31.39
C TRP C 90 -18.51 -20.55 30.41
N TRP C 91 -18.05 -19.66 29.54
CA TRP C 91 -18.95 -19.06 28.56
C TRP C 91 -19.54 -20.12 27.65
N THR C 92 -18.71 -21.03 27.16
CA THR C 92 -19.22 -22.16 26.38
C THR C 92 -20.31 -22.89 27.14
N SER C 93 -19.94 -23.48 28.29
CA SER C 93 -20.81 -24.39 29.00
C SER C 93 -22.06 -23.74 29.56
N VAL C 94 -22.08 -22.41 29.70
CA VAL C 94 -23.21 -21.72 30.33
C VAL C 94 -24.06 -20.97 29.33
N VAL C 95 -23.45 -20.29 28.36
CA VAL C 95 -24.20 -19.41 27.48
C VAL C 95 -24.24 -19.96 26.06
N VAL C 96 -23.20 -20.69 25.65
CA VAL C 96 -23.12 -21.10 24.24
C VAL C 96 -24.18 -22.15 23.95
N PHE C 97 -24.15 -23.27 24.66
CA PHE C 97 -25.08 -24.38 24.42
C PHE C 97 -26.36 -24.18 25.23
N ARG C 98 -26.95 -23.00 25.07
CA ARG C 98 -28.20 -22.66 25.73
C ARG C 98 -28.87 -21.52 24.96
N GLU C 99 -30.18 -21.62 24.80
CA GLU C 99 -30.95 -20.65 24.01
C GLU C 99 -31.75 -19.69 24.88
N GLN C 100 -31.50 -19.68 26.19
CA GLN C 100 -32.19 -18.76 27.09
C GLN C 100 -31.25 -17.77 27.76
N VAL C 101 -29.94 -17.89 27.56
CA VAL C 101 -28.95 -17.07 28.24
C VAL C 101 -28.38 -16.05 27.25
N PHE C 102 -28.09 -14.86 27.75
CA PHE C 102 -27.58 -13.76 26.93
C PHE C 102 -26.50 -13.02 27.72
N PRO C 103 -25.59 -12.34 27.04
CA PRO C 103 -24.57 -11.56 27.73
C PRO C 103 -25.15 -10.33 28.41
N VAL C 104 -24.42 -9.84 29.40
CA VAL C 104 -24.83 -8.67 30.18
C VAL C 104 -23.70 -7.64 30.14
N ASP C 105 -24.07 -6.38 29.95
CA ASP C 105 -23.14 -5.25 30.01
C ASP C 105 -23.50 -4.42 31.24
N ALA C 106 -22.88 -4.74 32.37
CA ALA C 106 -23.07 -4.00 33.61
C ALA C 106 -21.80 -3.20 33.88
N LEU C 107 -21.95 -1.88 34.03
CA LEU C 107 -20.81 -1.01 34.24
C LEU C 107 -20.22 -1.24 35.62
N HIS C 108 -19.00 -0.73 35.82
CA HIS C 108 -18.32 -0.87 37.10
C HIS C 108 -18.87 0.14 38.11
N HIS C 109 -18.77 1.42 37.80
CA HIS C 109 -19.34 2.44 38.67
C HIS C 109 -20.86 2.46 38.57
N LYS C 110 -21.51 2.76 39.70
CA LYS C 110 -22.95 2.99 39.69
C LYS C 110 -23.21 4.45 40.05
N PRO C 111 -23.48 5.32 39.08
CA PRO C 111 -23.68 6.75 39.36
C PRO C 111 -25.04 7.02 40.01
N GLY C 112 -25.21 6.51 41.22
CA GLY C 112 -26.45 6.65 41.94
C GLY C 112 -26.32 7.53 43.16
N PRO C 113 -27.27 8.46 43.33
CA PRO C 113 -27.26 9.28 44.55
C PRO C 113 -27.44 8.47 45.82
N LEU C 114 -28.05 7.29 45.72
CA LEU C 114 -28.23 6.39 46.87
C LEU C 114 -28.99 7.06 48.00
N SER C 154 -20.92 11.13 44.08
CA SER C 154 -21.25 10.21 45.16
C SER C 154 -21.37 8.78 44.64
N GLY C 155 -20.79 8.54 43.47
CA GLY C 155 -20.85 7.21 42.88
C GLY C 155 -19.99 6.21 43.62
N LYS C 156 -20.27 4.93 43.38
CA LYS C 156 -19.56 3.84 44.02
C LYS C 156 -19.25 2.77 43.00
N LEU C 157 -18.17 2.04 43.25
CA LEU C 157 -17.86 0.86 42.45
C LEU C 157 -18.83 -0.27 42.76
N ARG C 158 -19.13 -1.08 41.75
CA ARG C 158 -20.05 -2.19 41.93
C ARG C 158 -19.42 -3.26 42.82
N GLU C 159 -20.24 -3.91 43.63
CA GLU C 159 -19.82 -5.05 44.41
C GLU C 159 -20.41 -6.37 43.92
N ASN C 160 -21.53 -6.33 43.21
CA ASN C 160 -22.14 -7.51 42.63
C ASN C 160 -22.42 -7.27 41.16
N LEU C 161 -22.45 -8.35 40.40
CA LEU C 161 -22.92 -8.30 39.02
C LEU C 161 -24.43 -8.49 38.94
N LEU C 162 -25.10 -8.69 40.07
CA LEU C 162 -26.53 -8.96 40.08
C LEU C 162 -27.35 -7.72 39.77
N HIS C 163 -26.97 -6.57 40.34
CA HIS C 163 -27.79 -5.37 40.18
C HIS C 163 -27.82 -4.89 38.74
N GLY C 164 -26.68 -4.91 38.05
CA GLY C 164 -26.67 -4.56 36.64
C GLY C 164 -27.54 -5.48 35.81
N ALA C 165 -27.52 -6.77 36.11
CA ALA C 165 -28.38 -7.72 35.41
C ALA C 165 -29.85 -7.41 35.67
N LEU C 166 -30.19 -7.08 36.92
CA LEU C 166 -31.59 -6.77 37.23
C LEU C 166 -32.03 -5.47 36.58
N GLU C 167 -31.10 -4.55 36.34
CA GLU C 167 -31.44 -3.32 35.62
C GLU C 167 -31.84 -3.61 34.17
N HIS C 168 -31.49 -4.78 33.64
CA HIS C 168 -31.79 -5.13 32.27
C HIS C 168 -33.02 -6.02 32.14
N TYR C 169 -33.74 -6.28 33.24
CA TYR C 169 -34.89 -7.17 33.17
C TYR C 169 -35.95 -6.67 32.21
N VAL C 170 -36.28 -5.38 32.29
CA VAL C 170 -37.25 -4.81 31.37
C VAL C 170 -36.72 -4.78 29.94
N ASN C 171 -35.41 -4.74 29.77
CA ASN C 171 -34.80 -4.71 28.44
C ASN C 171 -34.68 -6.09 27.82
N CYS C 172 -34.13 -7.05 28.57
CA CYS C 172 -33.94 -8.39 28.05
C CYS C 172 -35.20 -9.24 28.10
N LEU C 173 -36.29 -8.71 28.65
CA LEU C 173 -37.57 -9.41 28.56
C LEU C 173 -38.07 -9.42 27.12
N ASP C 174 -37.78 -8.36 26.36
CA ASP C 174 -38.23 -8.29 24.97
C ASP C 174 -37.45 -9.23 24.07
N LEU C 175 -36.19 -9.52 24.42
CA LEU C 175 -35.38 -10.41 23.58
C LEU C 175 -36.00 -11.79 23.49
N VAL C 176 -36.47 -12.32 24.61
CA VAL C 176 -37.09 -13.65 24.65
C VAL C 176 -38.58 -13.49 24.43
N ASN C 177 -39.01 -12.29 24.04
CA ASN C 177 -40.40 -11.96 23.81
C ASN C 177 -41.25 -12.25 25.06
N LYS C 178 -40.73 -11.80 26.22
CA LYS C 178 -41.45 -11.85 27.48
C LYS C 178 -41.77 -13.28 27.92
N ARG C 179 -41.02 -14.25 27.38
CA ARG C 179 -41.32 -15.67 27.58
C ARG C 179 -40.45 -16.22 28.69
N LEU C 180 -41.02 -16.38 29.88
CA LEU C 180 -40.31 -17.03 30.97
C LEU C 180 -40.13 -18.51 30.68
N PRO C 181 -39.03 -19.11 31.15
CA PRO C 181 -37.91 -18.49 31.86
C PRO C 181 -36.84 -17.95 30.90
N TYR C 182 -35.95 -17.11 31.39
CA TYR C 182 -34.81 -16.65 30.60
C TYR C 182 -33.74 -16.17 31.57
N GLY C 183 -32.51 -16.08 31.06
CA GLY C 183 -31.36 -15.81 31.89
C GLY C 183 -30.52 -14.67 31.35
N LEU C 184 -29.55 -14.28 32.18
CA LEU C 184 -28.60 -13.23 31.84
C LEU C 184 -27.29 -13.54 32.54
N ALA C 185 -26.21 -13.71 31.77
CA ALA C 185 -24.92 -14.09 32.32
C ALA C 185 -23.87 -13.07 31.95
N GLN C 186 -22.89 -12.89 32.83
CA GLN C 186 -21.84 -11.91 32.64
C GLN C 186 -20.56 -12.40 33.31
N ILE C 187 -19.43 -11.99 32.76
CA ILE C 187 -18.13 -12.19 33.38
C ILE C 187 -17.49 -10.82 33.56
N GLY C 188 -17.13 -10.49 34.79
CA GLY C 188 -16.56 -9.19 35.06
C GLY C 188 -16.01 -9.12 36.45
N VAL C 189 -15.50 -7.94 36.80
CA VAL C 189 -14.78 -7.75 38.06
C VAL C 189 -15.73 -7.11 39.07
N CYS C 190 -15.57 -7.49 40.33
CA CYS C 190 -16.34 -6.96 41.44
C CYS C 190 -15.39 -6.30 42.43
N PHE C 191 -15.72 -5.08 42.85
CA PHE C 191 -14.84 -4.29 43.70
C PHE C 191 -15.22 -4.47 45.16
N HIS C 192 -14.88 -5.64 45.69
CA HIS C 192 -15.19 -5.96 47.08
C HIS C 192 -14.16 -5.34 48.01
N PRO C 193 -14.55 -4.45 48.92
CA PRO C 193 -13.59 -3.87 49.86
C PRO C 193 -13.03 -4.92 50.81
N VAL C 194 -11.78 -4.71 51.21
CA VAL C 194 -11.12 -5.61 52.14
C VAL C 194 -10.65 -4.84 53.37
N SER C 206 -8.48 -1.48 51.94
CA SER C 206 -7.81 -1.87 50.71
C SER C 206 -8.82 -2.35 49.67
N ILE C 207 -8.69 -1.85 48.44
CA ILE C 207 -9.59 -2.25 47.37
C ILE C 207 -9.28 -3.68 46.96
N GLY C 208 -10.32 -4.51 46.86
CA GLY C 208 -10.16 -5.87 46.39
C GLY C 208 -11.02 -6.15 45.18
N GLU C 209 -10.42 -6.69 44.12
CA GLU C 209 -11.10 -6.94 42.87
C GLU C 209 -11.02 -8.41 42.50
N LYS C 210 -12.18 -9.01 42.25
CA LYS C 210 -12.28 -10.40 41.82
C LYS C 210 -13.10 -10.45 40.55
N THR C 211 -12.62 -11.21 39.57
CA THR C 211 -13.40 -11.43 38.35
C THR C 211 -14.37 -12.58 38.57
N GLU C 212 -15.65 -12.31 38.36
CA GLU C 212 -16.71 -13.26 38.69
C GLU C 212 -17.56 -13.55 37.47
N ALA C 213 -18.04 -14.79 37.39
CA ALA C 213 -18.97 -15.21 36.36
C ALA C 213 -20.31 -15.49 37.05
N SER C 214 -21.28 -14.62 36.81
CA SER C 214 -22.57 -14.68 37.49
C SER C 214 -23.68 -14.88 36.48
N LEU C 215 -24.63 -15.74 36.84
CA LEU C 215 -25.81 -16.00 36.01
C LEU C 215 -27.06 -15.75 36.84
N VAL C 216 -27.97 -14.94 36.30
CA VAL C 216 -29.26 -14.69 36.92
C VAL C 216 -30.33 -15.36 36.07
N TRP C 217 -31.19 -16.14 36.71
CA TRP C 217 -32.17 -16.98 36.03
C TRP C 217 -33.56 -16.57 36.48
N PHE C 218 -34.30 -15.91 35.59
CA PHE C 218 -35.65 -15.43 35.88
C PHE C 218 -36.63 -16.61 35.84
N THR C 219 -36.58 -17.41 36.89
CA THR C 219 -37.43 -18.58 36.98
C THR C 219 -38.87 -18.18 37.28
N PRO C 220 -39.85 -18.85 36.69
CA PRO C 220 -41.22 -18.72 37.20
C PRO C 220 -41.31 -19.25 38.62
N PRO C 221 -42.20 -18.71 39.45
CA PRO C 221 -42.21 -19.09 40.86
C PRO C 221 -42.46 -20.57 41.11
N ARG C 222 -43.14 -21.26 40.19
CA ARG C 222 -43.50 -22.66 40.42
C ARG C 222 -42.26 -23.54 40.49
N THR C 223 -41.29 -23.33 39.60
CA THR C 223 -40.16 -24.24 39.44
C THR C 223 -38.83 -23.60 39.86
N SER C 224 -38.87 -22.72 40.86
CA SER C 224 -37.63 -22.08 41.31
C SER C 224 -36.64 -23.10 41.85
N ASN C 225 -37.09 -23.97 42.77
CA ASN C 225 -36.20 -24.97 43.33
C ASN C 225 -35.73 -25.97 42.29
N GLN C 226 -36.59 -26.30 41.33
CA GLN C 226 -36.21 -27.27 40.30
C GLN C 226 -35.08 -26.73 39.43
N TRP C 227 -35.22 -25.50 38.94
CA TRP C 227 -34.14 -24.90 38.14
C TRP C 227 -32.91 -24.63 38.99
N LEU C 228 -33.08 -24.34 40.28
CA LEU C 228 -31.93 -24.19 41.15
C LEU C 228 -31.13 -25.48 41.25
N ASP C 229 -31.83 -26.60 41.44
CA ASP C 229 -31.16 -27.90 41.47
C ASP C 229 -30.52 -28.22 40.12
N PHE C 230 -31.20 -27.86 39.03
CA PHE C 230 -30.65 -28.07 37.69
C PHE C 230 -29.33 -27.33 37.52
N TRP C 231 -29.30 -26.05 37.86
CA TRP C 231 -28.07 -25.28 37.74
C TRP C 231 -27.01 -25.76 38.70
N LEU C 232 -27.40 -26.19 39.91
CA LEU C 232 -26.43 -26.73 40.85
C LEU C 232 -25.75 -27.97 40.29
N ARG C 233 -26.54 -28.89 39.75
CA ARG C 233 -25.98 -30.10 39.16
C ARG C 233 -25.06 -29.77 38.00
N HIS C 234 -25.50 -28.88 37.11
CA HIS C 234 -24.67 -28.52 35.97
C HIS C 234 -23.37 -27.84 36.38
N ARG C 235 -23.41 -26.90 37.33
CA ARG C 235 -22.19 -26.24 37.79
C ARG C 235 -21.25 -27.21 38.51
N LEU C 236 -21.80 -28.11 39.33
CA LEU C 236 -20.93 -29.08 39.99
C LEU C 236 -20.25 -29.99 38.98
N GLN C 237 -20.99 -30.45 37.98
CA GLN C 237 -20.37 -31.30 36.96
C GLN C 237 -19.35 -30.52 36.14
N TRP C 238 -19.60 -29.24 35.87
CA TRP C 238 -18.65 -28.44 35.10
C TRP C 238 -17.36 -28.21 35.89
N TRP C 239 -17.49 -27.88 37.18
CA TRP C 239 -16.31 -27.68 38.00
C TRP C 239 -15.55 -28.98 38.25
N ARG C 240 -16.23 -30.13 38.25
CA ARG C 240 -15.55 -31.40 38.40
C ARG C 240 -15.03 -31.95 37.07
N LYS C 241 -15.44 -31.39 35.94
CA LYS C 241 -15.05 -31.94 34.65
C LYS C 241 -13.55 -31.82 34.42
N PHE C 242 -12.99 -30.63 34.58
CA PHE C 242 -11.58 -30.40 34.33
C PHE C 242 -10.67 -30.87 35.45
N ALA C 243 -11.22 -31.24 36.59
CA ALA C 243 -10.40 -31.61 37.73
C ALA C 243 -9.76 -32.98 37.52
N MET C 244 -8.61 -33.18 38.16
CA MET C 244 -7.96 -34.48 38.20
C MET C 244 -8.49 -35.37 39.30
N SER C 245 -9.28 -34.82 40.22
CA SER C 245 -9.85 -35.58 41.32
C SER C 245 -11.09 -34.84 41.84
N PRO C 246 -12.27 -35.13 41.28
CA PRO C 246 -13.48 -34.41 41.69
C PRO C 246 -13.86 -34.64 43.14
N SER C 247 -13.13 -35.51 43.84
CA SER C 247 -13.37 -35.73 45.26
C SER C 247 -13.12 -34.44 46.06
N ASN C 248 -12.07 -33.70 45.70
CA ASN C 248 -11.80 -32.44 46.39
C ASN C 248 -12.93 -31.44 46.19
N PHE C 249 -13.45 -31.34 44.97
CA PHE C 249 -14.62 -30.50 44.73
C PHE C 249 -15.81 -31.02 45.52
N SER C 250 -16.52 -30.11 46.19
CA SER C 250 -17.62 -30.52 47.05
C SER C 250 -18.81 -29.59 46.92
N SER C 251 -19.82 -29.81 47.75
CA SER C 251 -21.02 -28.97 47.75
C SER C 251 -21.71 -29.11 49.10
N SER C 252 -22.55 -28.14 49.42
CA SER C 252 -23.28 -28.14 50.67
C SER C 252 -24.48 -27.22 50.55
N ASP C 253 -25.43 -27.39 51.46
CA ASP C 253 -26.60 -26.54 51.54
C ASP C 253 -26.41 -25.49 52.63
N CYS C 254 -27.27 -24.48 52.60
CA CYS C 254 -27.18 -23.38 53.55
C CYS C 254 -28.48 -22.59 53.52
N GLN C 255 -28.60 -21.65 54.46
CA GLN C 255 -29.75 -20.78 54.54
C GLN C 255 -29.27 -19.36 54.82
N ASP C 256 -30.07 -18.39 54.39
CA ASP C 256 -29.78 -16.97 54.62
C ASP C 256 -30.71 -16.43 55.70
N GLU C 257 -30.54 -15.14 56.02
CA GLU C 257 -31.36 -14.52 57.05
C GLU C 257 -32.82 -14.48 56.64
N GLU C 258 -33.10 -14.20 55.37
CA GLU C 258 -34.49 -14.13 54.91
C GLU C 258 -35.18 -15.49 55.04
N GLY C 259 -34.49 -16.56 54.70
CA GLY C 259 -35.09 -17.89 54.73
C GLY C 259 -35.21 -18.51 53.36
N ARG C 260 -34.29 -18.15 52.46
CA ARG C 260 -34.30 -18.61 51.08
C ARG C 260 -33.26 -19.71 50.92
N LYS C 261 -33.66 -20.81 50.30
CA LYS C 261 -32.77 -21.95 50.12
C LYS C 261 -31.62 -21.60 49.18
N GLY C 262 -30.47 -22.21 49.45
CA GLY C 262 -29.30 -22.00 48.62
C GLY C 262 -28.20 -23.00 48.86
N ASN C 263 -27.40 -23.27 47.83
CA ASN C 263 -26.28 -24.20 47.92
C ASN C 263 -24.97 -23.49 47.61
N LYS C 264 -23.90 -23.92 48.25
CA LYS C 264 -22.59 -23.30 48.09
C LYS C 264 -21.55 -24.38 47.79
N LEU C 265 -20.68 -24.08 46.84
CA LEU C 265 -19.60 -24.99 46.46
C LEU C 265 -18.34 -24.65 47.23
N TYR C 266 -17.54 -25.68 47.52
CA TYR C 266 -16.33 -25.53 48.33
C TYR C 266 -15.25 -26.43 47.77
N TYR C 267 -14.28 -25.86 47.08
CA TYR C 267 -13.09 -26.61 46.69
C TYR C 267 -12.27 -26.97 47.92
N ASN C 268 -11.66 -28.15 47.89
CA ASN C 268 -10.85 -28.63 49.02
C ASN C 268 -9.40 -28.22 48.78
N PHE C 269 -9.06 -27.01 49.19
CA PHE C 269 -7.67 -26.57 49.16
C PHE C 269 -6.86 -27.35 50.20
N PRO C 270 -5.54 -27.45 50.01
CA PRO C 270 -4.73 -28.23 50.96
C PRO C 270 -4.82 -27.71 52.39
N TRP C 271 -4.91 -26.40 52.58
CA TRP C 271 -5.01 -25.88 53.94
C TRP C 271 -6.41 -26.07 54.53
N GLY C 272 -7.44 -26.02 53.70
CA GLY C 272 -8.80 -26.17 54.20
C GLY C 272 -9.80 -26.11 53.07
N LYS C 273 -11.07 -26.18 53.46
CA LYS C 273 -12.19 -26.18 52.52
C LYS C 273 -12.60 -24.74 52.27
N GLU C 274 -12.27 -24.22 51.09
CA GLU C 274 -12.56 -22.83 50.75
C GLU C 274 -13.66 -22.75 49.69
N LEU C 275 -14.42 -21.66 49.76
CA LEU C 275 -15.56 -21.47 48.88
C LEU C 275 -15.14 -20.92 47.53
N ILE C 276 -15.77 -21.41 46.47
CA ILE C 276 -15.54 -20.89 45.13
C ILE C 276 -16.81 -20.51 44.40
N GLU C 277 -17.99 -20.99 44.80
CA GLU C 277 -19.23 -20.67 44.12
C GLU C 277 -20.37 -20.74 45.11
N THR C 278 -21.46 -20.04 44.78
CA THR C 278 -22.62 -19.95 45.66
C THR C 278 -23.87 -19.72 44.84
N LEU C 279 -24.92 -20.49 45.13
CA LEU C 279 -26.20 -20.38 44.43
C LEU C 279 -27.28 -19.98 45.42
N TRP C 280 -28.01 -18.92 45.10
CA TRP C 280 -29.08 -18.40 45.95
C TRP C 280 -30.40 -18.34 45.19
N ASN C 281 -31.48 -18.73 45.86
CA ASN C 281 -32.82 -18.65 45.31
C ASN C 281 -33.50 -17.40 45.87
N LEU C 282 -33.14 -16.26 45.30
CA LEU C 282 -33.73 -15.00 45.71
C LEU C 282 -35.20 -14.94 45.31
N GLY C 283 -35.95 -14.10 46.02
CA GLY C 283 -37.35 -13.89 45.74
C GLY C 283 -37.57 -12.82 44.69
N ASP C 284 -38.76 -12.22 44.73
CA ASP C 284 -39.09 -11.11 43.84
C ASP C 284 -38.84 -9.75 44.47
N HIS C 285 -38.40 -9.71 45.72
CA HIS C 285 -38.15 -8.43 46.38
C HIS C 285 -36.95 -7.70 45.78
N GLU C 286 -35.94 -8.45 45.29
CA GLU C 286 -34.84 -7.81 44.61
C GLU C 286 -35.31 -7.08 43.35
N LEU C 287 -36.36 -7.58 42.71
CA LEU C 287 -36.91 -6.93 41.54
C LEU C 287 -37.96 -5.88 41.89
N LEU C 288 -38.67 -6.06 43.01
CA LEU C 288 -39.69 -5.09 43.41
C LEU C 288 -39.07 -3.83 44.01
N HIS C 289 -37.95 -3.95 44.73
CA HIS C 289 -37.29 -2.78 45.28
C HIS C 289 -36.81 -1.85 44.18
N MET C 290 -36.23 -2.42 43.12
CA MET C 290 -35.77 -1.61 42.00
C MET C 290 -36.92 -1.05 41.17
N TYR C 291 -38.09 -1.67 41.22
CA TYR C 291 -39.26 -1.24 40.47
C TYR C 291 -40.44 -1.10 41.42
N PRO C 292 -40.49 0.00 42.18
CA PRO C 292 -41.58 0.18 43.15
C PRO C 292 -42.91 0.43 42.43
N GLY C 293 -43.85 -0.48 42.63
CA GLY C 293 -45.17 -0.35 42.03
C GLY C 293 -45.19 -0.63 40.54
N ASN C 294 -46.38 -0.61 39.95
CA ASN C 294 -46.58 -0.85 38.52
C ASN C 294 -45.90 -2.16 38.09
N VAL C 295 -46.41 -3.26 38.65
CA VAL C 295 -45.88 -4.59 38.40
C VAL C 295 -46.30 -5.08 37.01
N SER C 296 -47.03 -4.24 36.28
CA SER C 296 -47.47 -4.62 34.93
C SER C 296 -46.28 -4.86 34.01
N LYS C 297 -45.26 -4.01 34.08
CA LYS C 297 -44.09 -4.17 33.24
C LYS C 297 -43.21 -5.35 33.67
N LEU C 298 -43.42 -5.87 34.88
CA LEU C 298 -42.60 -6.95 35.42
C LEU C 298 -43.21 -8.33 35.20
N HIS C 299 -44.34 -8.43 34.50
CA HIS C 299 -45.00 -9.70 34.31
C HIS C 299 -44.22 -10.58 33.34
N GLY C 300 -44.45 -11.89 33.45
CA GLY C 300 -43.88 -12.85 32.54
C GLY C 300 -44.93 -13.52 31.67
N ARG C 301 -44.58 -14.63 31.02
CA ARG C 301 -45.52 -15.37 30.20
C ARG C 301 -45.37 -16.87 30.47
N ASP C 302 -45.32 -17.24 31.75
CA ASP C 302 -45.36 -18.65 32.12
C ASP C 302 -46.68 -19.26 31.67
N GLY C 303 -46.64 -20.10 30.65
CA GLY C 303 -47.89 -20.58 30.08
C GLY C 303 -48.65 -19.42 29.47
N ARG C 304 -49.91 -19.27 29.88
CA ARG C 304 -50.72 -18.13 29.48
C ARG C 304 -50.83 -17.07 30.57
N LYS C 305 -50.72 -17.47 31.84
CA LYS C 305 -50.77 -16.51 32.93
C LYS C 305 -49.46 -15.72 33.00
N ASN C 306 -49.55 -14.55 33.61
CA ASN C 306 -48.41 -13.65 33.77
C ASN C 306 -47.98 -13.65 35.24
N VAL C 307 -46.69 -13.85 35.48
CA VAL C 307 -46.15 -13.94 36.83
C VAL C 307 -44.93 -13.03 36.95
N VAL C 308 -44.45 -12.88 38.18
CA VAL C 308 -43.24 -12.13 38.47
C VAL C 308 -42.12 -13.13 38.71
N PRO C 309 -41.09 -13.17 37.87
CA PRO C 309 -40.08 -14.22 37.98
C PRO C 309 -39.31 -14.16 39.28
N CYS C 310 -38.94 -15.34 39.77
CA CYS C 310 -38.11 -15.47 40.96
C CYS C 310 -36.66 -15.62 40.52
N VAL C 311 -35.87 -14.57 40.70
CA VAL C 311 -34.50 -14.56 40.21
C VAL C 311 -33.65 -15.54 41.01
N LEU C 312 -32.63 -16.08 40.35
CA LEU C 312 -31.67 -16.98 40.99
C LEU C 312 -30.27 -16.41 40.79
N SER C 313 -29.48 -16.42 41.86
CA SER C 313 -28.12 -15.89 41.83
C SER C 313 -27.13 -17.04 41.89
N VAL C 314 -26.24 -17.11 40.90
CA VAL C 314 -25.21 -18.13 40.83
C VAL C 314 -23.90 -17.41 40.51
N ASN C 315 -23.07 -17.21 41.52
CA ASN C 315 -21.81 -16.49 41.38
C ASN C 315 -20.65 -17.43 41.63
N GLY C 316 -19.73 -17.51 40.65
CA GLY C 316 -18.52 -18.31 40.80
C GLY C 316 -17.29 -17.49 40.51
N ASP C 317 -16.36 -17.46 41.47
CA ASP C 317 -15.17 -16.62 41.36
C ASP C 317 -14.18 -17.26 40.38
N LEU C 318 -14.03 -16.65 39.20
CA LEU C 318 -13.15 -17.22 38.19
C LEU C 318 -11.70 -17.21 38.65
N ASP C 319 -11.26 -16.15 39.33
CA ASP C 319 -9.89 -16.11 39.85
C ASP C 319 -9.68 -17.18 40.91
N ARG C 320 -10.64 -17.35 41.82
CA ARG C 320 -10.54 -18.42 42.78
C ARG C 320 -10.61 -19.78 42.10
N GLY C 321 -11.34 -19.89 41.01
CA GLY C 321 -11.33 -21.12 40.22
C GLY C 321 -9.96 -21.40 39.63
N MET C 322 -9.29 -20.34 39.14
CA MET C 322 -7.92 -20.48 38.64
C MET C 322 -7.01 -20.99 39.73
N LEU C 323 -7.14 -20.41 40.92
CA LEU C 323 -6.32 -20.86 42.06
C LEU C 323 -6.59 -22.33 42.37
N ALA C 324 -7.87 -22.72 42.38
CA ALA C 324 -8.22 -24.10 42.69
C ALA C 324 -7.65 -25.07 41.65
N TYR C 325 -7.78 -24.72 40.36
CA TYR C 325 -7.29 -25.61 39.31
C TYR C 325 -5.76 -25.68 39.32
N LEU C 326 -5.10 -24.56 39.62
CA LEU C 326 -3.65 -24.59 39.74
C LEU C 326 -3.21 -25.47 40.91
N TYR C 327 -3.93 -25.40 42.03
CA TYR C 327 -3.61 -26.27 43.15
C TYR C 327 -3.95 -27.73 42.84
N ASP C 328 -4.90 -27.96 41.93
CA ASP C 328 -5.28 -29.33 41.59
C ASP C 328 -4.16 -30.06 40.87
N SER C 329 -3.51 -29.39 39.91
CA SER C 329 -2.46 -30.04 39.14
C SER C 329 -1.28 -30.44 40.01
N PHE C 330 -0.89 -29.56 40.93
CA PHE C 330 0.24 -29.85 41.81
C PHE C 330 -0.22 -30.58 43.06
N ARG C 345 9.43 -34.92 40.67
CA ARG C 345 9.12 -34.18 39.45
C ARG C 345 8.08 -33.10 39.69
N LYS C 346 8.44 -31.85 39.39
CA LYS C 346 7.54 -30.72 39.56
C LYS C 346 6.83 -30.48 38.24
N VAL C 347 5.64 -31.06 38.10
CA VAL C 347 4.85 -30.95 36.87
C VAL C 347 3.43 -30.53 37.24
N LEU C 348 2.92 -29.53 36.53
CA LEU C 348 1.55 -29.03 36.73
C LEU C 348 0.68 -29.61 35.61
N LYS C 349 0.03 -30.73 35.90
CA LYS C 349 -0.77 -31.44 34.91
C LYS C 349 -2.14 -30.79 34.79
N LEU C 350 -2.18 -29.66 34.10
CA LEU C 350 -3.44 -28.99 33.82
C LEU C 350 -4.21 -29.71 32.72
N HIS C 351 -5.52 -29.54 32.74
CA HIS C 351 -6.36 -30.12 31.70
C HIS C 351 -6.04 -29.47 30.36
N PRO C 352 -6.04 -30.24 29.26
CA PRO C 352 -5.68 -29.66 27.95
C PRO C 352 -6.56 -28.49 27.53
N CYS C 353 -7.84 -28.50 27.89
CA CYS C 353 -8.73 -27.42 27.48
C CYS C 353 -8.46 -26.11 28.21
N LEU C 354 -7.66 -26.13 29.27
CA LEU C 354 -7.39 -24.94 30.06
C LEU C 354 -5.95 -24.47 30.01
N ALA C 355 -5.00 -25.37 29.74
CA ALA C 355 -3.59 -25.02 29.83
C ALA C 355 -3.27 -23.87 28.90
N PRO C 356 -2.46 -22.89 29.33
CA PRO C 356 -2.20 -21.73 28.47
C PRO C 356 -1.27 -22.04 27.31
N ILE C 357 -0.21 -22.81 27.53
CA ILE C 357 0.76 -23.15 26.49
C ILE C 357 0.74 -24.65 26.30
N LYS C 358 0.54 -25.09 25.06
CA LYS C 358 0.37 -26.50 24.74
C LYS C 358 1.55 -27.12 24.00
N VAL C 359 2.24 -26.36 23.16
CA VAL C 359 3.30 -26.88 22.31
C VAL C 359 4.58 -26.11 22.59
N ALA C 360 5.70 -26.83 22.69
CA ALA C 360 7.01 -26.24 22.93
C ALA C 360 7.91 -26.57 21.73
N LEU C 361 7.99 -25.63 20.79
CA LEU C 361 8.78 -25.83 19.58
C LEU C 361 10.23 -25.43 19.85
N ASP C 362 11.16 -26.28 19.42
CA ASP C 362 12.57 -26.09 19.73
C ASP C 362 13.43 -26.50 18.53
N VAL C 363 14.75 -26.44 18.73
CA VAL C 363 15.72 -26.87 17.74
C VAL C 363 16.72 -27.79 18.41
N GLY C 364 17.35 -28.65 17.59
CA GLY C 364 18.35 -29.57 18.08
C GLY C 364 19.74 -29.28 17.56
N ARG C 365 20.17 -30.04 16.56
CA ARG C 365 21.48 -29.84 15.95
C ARG C 365 21.43 -28.68 14.96
N GLY C 366 22.62 -28.23 14.54
CA GLY C 366 22.73 -27.18 13.56
C GLY C 366 22.53 -27.70 12.15
N PRO C 367 22.58 -26.79 11.18
CA PRO C 367 22.76 -25.34 11.30
C PRO C 367 21.50 -24.63 11.79
N THR C 368 21.67 -23.54 12.53
CA THR C 368 20.55 -22.77 13.04
C THR C 368 19.70 -22.20 11.90
N LEU C 369 20.35 -21.66 10.87
CA LEU C 369 19.65 -21.03 9.76
C LEU C 369 18.75 -22.01 9.01
N GLU C 370 19.24 -23.23 8.79
CA GLU C 370 18.46 -24.20 8.04
C GLU C 370 17.21 -24.63 8.80
N LEU C 371 17.34 -24.85 10.11
CA LEU C 371 16.20 -25.30 10.91
C LEU C 371 15.27 -24.17 11.31
N ARG C 372 15.73 -22.92 11.24
CA ARG C 372 14.89 -21.79 11.63
C ARG C 372 13.67 -21.68 10.73
N GLN C 373 13.85 -21.86 9.42
CA GLN C 373 12.73 -21.78 8.49
C GLN C 373 11.71 -22.88 8.77
N VAL C 374 12.18 -24.11 9.01
CA VAL C 374 11.27 -25.22 9.29
C VAL C 374 10.49 -24.95 10.56
N CYS C 375 11.19 -24.50 11.61
CA CYS C 375 10.52 -24.21 12.87
C CYS C 375 9.50 -23.10 12.72
N GLN C 376 9.84 -22.05 11.97
CA GLN C 376 8.90 -20.95 11.80
C GLN C 376 7.67 -21.39 11.00
N GLY C 377 7.88 -22.23 9.98
CA GLY C 377 6.75 -22.75 9.22
C GLY C 377 5.83 -23.60 10.08
N LEU C 378 6.40 -24.50 10.88
CA LEU C 378 5.59 -25.32 11.78
C LEU C 378 4.88 -24.46 12.81
N PHE C 379 5.55 -23.41 13.29
CA PHE C 379 4.96 -22.50 14.26
C PHE C 379 3.74 -21.80 13.68
N ASN C 380 3.87 -21.28 12.45
CA ASN C 380 2.72 -20.63 11.80
C ASN C 380 1.60 -21.63 11.53
N GLU C 381 1.95 -22.84 11.10
CA GLU C 381 0.95 -23.86 10.85
C GLU C 381 0.14 -24.15 12.11
N LEU C 382 0.84 -24.37 13.23
CA LEU C 382 0.15 -24.66 14.49
C LEU C 382 -0.68 -23.46 14.96
N LEU C 383 -0.15 -22.25 14.83
CA LEU C 383 -0.88 -21.07 15.29
C LEU C 383 -2.16 -20.86 14.49
N GLU C 384 -2.11 -21.08 13.17
CA GLU C 384 -3.31 -20.89 12.37
C GLU C 384 -4.45 -21.82 12.77
N ASN C 385 -4.15 -22.90 13.47
CA ASN C 385 -5.16 -23.85 13.93
C ASN C 385 -5.62 -23.57 15.36
N GLY C 386 -5.15 -22.49 15.97
CA GLY C 386 -5.57 -22.16 17.31
C GLY C 386 -4.91 -22.97 18.41
N ILE C 387 -3.68 -23.41 18.21
CA ILE C 387 -2.93 -24.16 19.21
C ILE C 387 -1.76 -23.29 19.66
N SER C 388 -1.70 -23.02 20.96
CA SER C 388 -0.64 -22.17 21.50
C SER C 388 0.71 -22.89 21.43
N VAL C 389 1.74 -22.15 21.04
CA VAL C 389 3.09 -22.68 20.89
C VAL C 389 4.06 -21.76 21.60
N TRP C 390 5.00 -22.35 22.33
CA TRP C 390 6.05 -21.59 23.00
C TRP C 390 7.25 -21.49 22.07
N PRO C 391 7.61 -20.30 21.57
CA PRO C 391 8.72 -20.20 20.62
C PRO C 391 10.07 -20.41 21.28
N GLY C 392 10.41 -21.66 21.58
CA GLY C 392 11.68 -21.97 22.19
C GLY C 392 12.85 -22.10 21.26
N TYR C 393 12.62 -22.02 19.94
CA TYR C 393 13.73 -22.13 18.99
C TYR C 393 14.53 -20.84 18.95
N LEU C 394 13.90 -19.71 19.25
CA LEU C 394 14.60 -18.42 19.22
C LEU C 394 15.66 -18.30 20.30
N GLU C 395 15.67 -19.19 21.29
CA GLU C 395 16.65 -19.14 22.38
C GLU C 395 18.04 -19.43 21.83
N THR C 396 18.90 -18.41 21.81
CA THR C 396 20.26 -18.59 21.31
C THR C 396 21.05 -19.56 22.20
N MET C 397 21.03 -19.32 23.52
CA MET C 397 21.72 -20.18 24.46
C MET C 397 20.85 -21.39 24.75
N GLN C 398 20.96 -22.39 23.88
CA GLN C 398 20.17 -23.61 23.99
C GLN C 398 20.59 -24.37 25.25
N SER C 399 19.66 -24.50 26.19
CA SER C 399 19.93 -25.23 27.43
C SER C 399 19.88 -26.73 27.18
N SER C 400 20.22 -27.49 28.21
CA SER C 400 20.15 -28.94 28.11
C SER C 400 18.71 -29.39 27.88
N LEU C 401 18.57 -30.47 27.10
CA LEU C 401 17.24 -30.94 26.74
C LEU C 401 16.43 -31.33 27.97
N GLU C 402 17.09 -31.96 28.96
CA GLU C 402 16.40 -32.30 30.20
C GLU C 402 15.97 -31.06 30.96
N GLN C 403 16.83 -30.03 31.00
CA GLN C 403 16.46 -28.78 31.66
C GLN C 403 15.32 -28.08 30.94
N LEU C 404 15.35 -28.09 29.61
CA LEU C 404 14.25 -27.51 28.83
C LEU C 404 12.94 -28.27 29.09
N TYR C 405 13.02 -29.59 29.17
CA TYR C 405 11.83 -30.39 29.47
C TYR C 405 11.30 -30.10 30.86
N SER C 406 12.21 -29.92 31.83
CA SER C 406 11.77 -29.55 33.18
C SER C 406 11.08 -28.20 33.17
N LYS C 407 11.64 -27.23 32.45
CA LYS C 407 11.02 -25.92 32.34
C LYS C 407 9.64 -26.01 31.72
N TYR C 408 9.47 -26.85 30.69
CA TYR C 408 8.17 -26.99 30.05
C TYR C 408 7.19 -27.76 30.93
N ASP C 409 7.68 -28.71 31.72
CA ASP C 409 6.82 -29.41 32.68
C ASP C 409 6.28 -28.44 33.72
N GLU C 410 7.15 -27.56 34.24
CA GLU C 410 6.69 -26.55 35.18
C GLU C 410 5.80 -25.52 34.51
N MET C 411 5.80 -25.45 33.18
CA MET C 411 5.02 -24.48 32.44
C MET C 411 3.70 -25.06 31.93
N SER C 412 3.38 -26.30 32.28
CA SER C 412 2.14 -26.96 31.86
C SER C 412 2.01 -26.99 30.33
N ILE C 413 3.03 -27.55 29.68
CA ILE C 413 3.05 -27.68 28.23
C ILE C 413 2.69 -29.12 27.87
N LEU C 414 1.66 -29.28 27.04
CA LEU C 414 1.16 -30.62 26.73
C LEU C 414 2.22 -31.45 26.01
N PHE C 415 2.80 -30.91 24.94
CA PHE C 415 3.78 -31.63 24.15
C PHE C 415 4.93 -30.70 23.78
N THR C 416 6.15 -31.24 23.80
CA THR C 416 7.34 -30.51 23.41
C THR C 416 7.86 -31.06 22.09
N VAL C 417 8.12 -30.17 21.14
CA VAL C 417 8.54 -30.55 19.80
C VAL C 417 10.00 -30.16 19.62
N LEU C 418 10.80 -31.11 19.15
CA LEU C 418 12.22 -30.90 18.90
C LEU C 418 12.52 -31.14 17.43
N VAL C 419 13.20 -30.18 16.80
CA VAL C 419 13.57 -30.26 15.39
C VAL C 419 15.08 -30.38 15.30
N THR C 420 15.55 -31.41 14.59
CA THR C 420 16.96 -31.72 14.49
C THR C 420 17.37 -31.83 13.02
N GLU C 421 18.58 -32.35 12.80
CA GLU C 421 19.10 -32.50 11.43
C GLU C 421 18.23 -33.45 10.61
N THR C 422 17.73 -34.52 11.21
CA THR C 422 16.96 -35.51 10.45
C THR C 422 15.71 -34.89 9.84
N THR C 423 15.10 -33.94 10.55
CA THR C 423 13.85 -33.34 10.08
C THR C 423 13.99 -32.75 8.68
N LEU C 424 15.18 -32.26 8.33
CA LEU C 424 15.40 -31.72 7.01
C LEU C 424 15.35 -32.76 5.91
N GLU C 425 15.51 -34.05 6.25
CA GLU C 425 15.59 -35.12 5.27
C GLU C 425 14.41 -36.07 5.34
N ASN C 426 14.15 -36.68 6.50
CA ASN C 426 13.05 -37.62 6.65
C ASN C 426 11.91 -37.08 7.50
N GLY C 427 12.04 -35.85 8.02
CA GLY C 427 10.93 -35.21 8.72
C GLY C 427 10.51 -35.90 10.00
N LEU C 428 11.46 -36.36 10.80
CA LEU C 428 11.16 -36.97 12.09
C LEU C 428 11.46 -35.98 13.21
N ILE C 429 10.47 -35.72 14.05
CA ILE C 429 10.57 -34.75 15.12
C ILE C 429 10.25 -35.44 16.45
N HIS C 430 11.06 -35.16 17.46
CA HIS C 430 10.79 -35.68 18.79
C HIS C 430 9.55 -35.01 19.38
N LEU C 431 8.69 -35.81 20.00
CA LEU C 431 7.43 -35.31 20.57
C LEU C 431 7.28 -35.92 21.96
N ARG C 432 7.75 -35.19 22.97
CA ARG C 432 7.65 -35.64 24.35
C ARG C 432 6.25 -35.38 24.90
N SER C 433 5.74 -36.33 25.66
CA SER C 433 4.45 -36.21 26.31
C SER C 433 4.65 -35.82 27.77
N ARG C 434 4.01 -34.72 28.19
CA ARG C 434 4.17 -34.25 29.57
C ARG C 434 3.62 -35.26 30.57
N ASP C 435 2.47 -35.86 30.27
CA ASP C 435 1.80 -36.71 31.25
C ASP C 435 2.61 -37.98 31.54
N THR C 436 3.03 -38.68 30.49
CA THR C 436 3.68 -39.99 30.63
C THR C 436 5.17 -39.97 30.37
N THR C 437 5.76 -38.79 30.17
CA THR C 437 7.19 -38.58 29.87
C THR C 437 7.75 -39.69 28.98
N MET C 438 7.12 -39.84 27.81
CA MET C 438 7.52 -40.83 26.82
C MET C 438 7.82 -40.12 25.50
N LYS C 439 9.08 -40.20 25.07
CA LYS C 439 9.48 -39.64 23.79
C LYS C 439 8.97 -40.50 22.64
N GLU C 440 8.64 -39.84 21.53
CA GLU C 440 8.23 -40.56 20.33
C GLU C 440 8.50 -39.66 19.12
N MET C 441 8.56 -40.29 17.96
CA MET C 441 8.85 -39.60 16.71
C MET C 441 7.71 -39.82 15.72
N MET C 442 7.46 -38.79 14.91
CA MET C 442 6.44 -38.87 13.89
C MET C 442 6.71 -37.82 12.82
N HIS C 443 6.07 -38.00 11.67
CA HIS C 443 6.28 -37.08 10.56
C HIS C 443 5.81 -35.68 10.93
N ILE C 444 6.55 -34.67 10.46
CA ILE C 444 6.25 -33.29 10.85
C ILE C 444 4.93 -32.81 10.29
N SER C 445 4.37 -33.49 9.29
CA SER C 445 3.06 -33.16 8.77
C SER C 445 1.93 -33.83 9.55
N LYS C 446 2.24 -34.76 10.44
CA LYS C 446 1.25 -35.42 11.27
C LYS C 446 1.11 -34.77 12.64
N LEU C 447 1.86 -33.70 12.91
CA LEU C 447 1.86 -33.11 14.24
C LEU C 447 0.56 -32.36 14.53
N LYS C 448 0.08 -31.58 13.56
CA LYS C 448 -1.11 -30.76 13.78
C LYS C 448 -2.32 -31.63 14.09
N ASP C 449 -2.52 -32.69 13.30
CA ASP C 449 -3.67 -33.56 13.51
C ASP C 449 -3.59 -34.27 14.85
N PHE C 450 -2.39 -34.73 15.23
CA PHE C 450 -2.24 -35.39 16.52
C PHE C 450 -2.52 -34.44 17.67
N LEU C 451 -2.05 -33.20 17.58
CA LEU C 451 -2.31 -32.22 18.63
C LEU C 451 -3.80 -31.91 18.73
N ILE C 452 -4.46 -31.73 17.59
CA ILE C 452 -5.90 -31.47 17.60
C ILE C 452 -6.64 -32.64 18.22
N LYS C 453 -6.24 -33.87 17.87
CA LYS C 453 -6.87 -35.06 18.44
C LYS C 453 -6.69 -35.10 19.96
N TYR C 454 -5.48 -34.80 20.43
CA TYR C 454 -5.21 -34.86 21.86
C TYR C 454 -6.01 -33.78 22.60
N ILE C 455 -6.13 -32.59 22.02
CA ILE C 455 -6.88 -31.52 22.67
C ILE C 455 -8.37 -31.85 22.71
N SER C 456 -8.92 -32.33 21.59
CA SER C 456 -10.36 -32.58 21.51
C SER C 456 -10.76 -33.81 22.33
N SER C 457 -9.90 -34.82 22.38
CA SER C 457 -10.24 -36.06 23.08
C SER C 457 -10.45 -35.79 24.57
N ALA C 458 -9.58 -35.01 25.18
CA ALA C 458 -9.68 -34.70 26.60
C ALA C 458 -10.66 -33.55 26.84
CA CA F . 12.40 24.44 -15.78
N1 DCP G . 7.85 20.97 -22.35
C2 DCP G . 7.02 20.64 -23.44
N3 DCP G . 5.68 20.84 -23.35
C4 DCP G . 5.14 21.35 -22.23
C5 DCP G . 5.95 21.68 -21.15
C6 DCP G . 7.32 21.48 -21.23
O2 DCP G . 7.52 20.16 -24.48
N4 DCP G . 3.81 21.56 -22.16
C1' DCP G . 9.30 20.75 -22.43
C2' DCP G . 10.00 22.03 -22.86
C3' DCP G . 10.80 22.47 -21.65
C4' DCP G . 10.84 21.27 -20.73
O4' DCP G . 9.81 20.38 -21.15
O3' DCP G . 12.12 22.86 -22.03
C5' DCP G . 10.63 21.68 -19.28
O5' DCP G . 9.38 22.36 -19.18
PA DCP G . 8.49 22.21 -17.85
O1A DCP G . 9.11 21.13 -17.00
O2A DCP G . 7.03 22.12 -18.23
O3A DCP G . 8.73 23.63 -17.12
PB DCP G . 8.37 24.99 -17.89
O1B DCP G . 9.58 25.43 -18.68
O2B DCP G . 7.04 24.81 -18.59
O3B DCP G . 8.16 26.02 -16.68
PG DCP G . 6.75 26.06 -15.89
O1G DCP G . 6.39 24.59 -15.78
O2G DCP G . 7.07 26.72 -14.58
O3G DCP G . 5.84 26.85 -16.79
CA CA H . 24.89 -4.15 -27.21
#